data_6M6X
#
_entry.id   6M6X
#
_cell.length_a   106.140
_cell.length_b   106.140
_cell.length_c   303.290
_cell.angle_alpha   90.000
_cell.angle_beta   90.000
_cell.angle_gamma   90.000
#
_symmetry.space_group_name_H-M   'P 43 21 2'
#
loop_
_entity.id
_entity.type
_entity.pdbx_description
1 polymer 'GTP-binding nuclear protein Ran'
2 polymer 'Ran-specific GTPase-activating protein 1'
3 polymer Exportin-1
4 non-polymer 'MAGNESIUM ION'
5 non-polymer 1,2-ETHANEDIOL
6 non-polymer "GUANOSINE-5'-TRIPHOSPHATE"
7 non-polymer 'CHLORIDE ION'
8 non-polymer (1beta,6beta,7beta,8alpha,9beta,10alpha,13alpha,14R,16beta)-1,6,7,14-tetrahydroxy-7,20-epoxykauran-15-one
9 water water
#
loop_
_entity_poly.entity_id
_entity_poly.type
_entity_poly.pdbx_seq_one_letter_code
_entity_poly.pdbx_strand_id
1 'polypeptide(L)'
;MAAQGEPQVQFKLVLVGDGGTGKTTFVKRHLTGEFEKKYVATLGVEVHPLVFHTNRGPIKFNVWDTAGLEKFGGLRDGYY
IQAQCAIIMFDVTSRVTYKNVPNWHRDLVRVCENIPIVLCGNKVDIKDRKVKAKSIVFHRKKNLQYYDISAKSNYNFEKP
FLWLARKLIGDPNLEFVAMPAAAPPEVVMDPALAAQYEHDLEVAQTTALPDEDDDL
;
A
2 'polypeptide(L)'
;DIHFEPVVHLEKVDVKTMEEDEEVLYKVRAKLFRFDADAKEWKERGTGDCKFLKNKKTNKVRILMRRDKTLKICANHIIA
PEYTLKPNVGSDRSWVYACTADIAEGEAEAFTFAIRFGSKENADKFKEEFEKAQEINKKA
;
B
3 'polypeptide(L)'
;GGSMEGILDFSNDLDIALLDQVVSTFYQGEGVQQKQAQEILTKFQDNPDAWEKADQILQFSTNPQSKFIALSILDKLITR
KWKLLPNDHRIGIRNFVVGMIISMCQDDEVFKTQKNLINKSDLTLVQILKQEWPQNWPEFIPELIGSSSSSVNVCENNMI
VLKLLSEEVFDFSAEQMTQAKALHLKNSMSKEFEQIFKLCFQVLEQGSSSSLIVATLESLLRYLHWIPYRYIYETNILEL
LSTKFMTSPDTRAITLKCLTEVSNLKIPQDNDLIKRQTVLFFQNTLQQIATSVMPVTADLKATYANANGNDQSFLQDLAM
FLTTYLARNRALLESDESLRELLLNAHQYLIQLSKIEERELFKTTLDYWHNLVADLFYEPLKKHIYEEICSQLRLVIIEN
MVRPEEIQLYKSEREVLVYLTHLNVIDTEEIMISKLARQIDGSEWSWHNINTLSWAIGSISGTMSEKTEKRFVVTVIKDL
LGLCEQKRGKDNKAVVARDIMYVVGEYPRFLKAHWNFLRTVILKLFEFMHETHEGVQDMACDTFIKIVQKCKYHFVIQQP
RESEPFIQTIIRDIQKTTADLQPQQVHTFYKACGIIISEERSVAERNRLLSDLMQLPNMAWDTIVEQSTANPTLLLDSET
VKIIANIIKTNVAVCTSMGADFYPQLGHIYYNMLQLYRAVSSMISTQVAAEGLIATKTPKVRGLRTIKKEILKLVETYIS
KARNLDDVVKVLVEPLLNAVLEDYMNNVPDARDAEVLNCMTTVVEKVGHMIPQGVILILQSVFECTLDMINKDFTEYPEH
RVEFYKLLKVINEKSFAAFLELPPAAFKLFVDAICWAFKHNNRDVEVNGLQIALDLVKNIERMGNVPFANEFHKNYFFIF
VSETFFVLTDSDHKSGFSKQALLLMKLISLVYDNKISVPLYQEAEVPQGTSNQVYLSQYLANMLSNAFPHLTSEQIASFL
SALTKQCKDLVVFKGTLRDFLVQIKEVGGDPTDYLFAEDKENA
;
C
#
# COMPACT_ATOMS: atom_id res chain seq x y z
N GLN A 8 24.71 23.58 10.40
CA GLN A 8 23.67 23.46 9.34
C GLN A 8 22.32 23.13 9.98
N VAL A 9 21.22 23.44 9.28
CA VAL A 9 19.82 23.19 9.72
C VAL A 9 19.49 21.71 9.50
N GLN A 10 19.61 20.88 10.57
CA GLN A 10 19.40 19.40 10.53
C GLN A 10 18.35 18.97 11.57
N PHE A 11 17.54 17.95 11.21
CA PHE A 11 16.39 17.44 11.99
C PHE A 11 16.45 15.91 12.10
N LYS A 12 16.12 15.37 13.27
CA LYS A 12 16.04 13.91 13.50
C LYS A 12 14.67 13.41 13.03
N LEU A 13 14.65 12.50 12.05
CA LEU A 13 13.43 11.85 11.50
C LEU A 13 13.48 10.35 11.83
N VAL A 14 12.50 9.83 12.55
CA VAL A 14 12.39 8.37 12.83
C VAL A 14 11.42 7.76 11.81
N LEU A 15 11.82 6.61 11.25
CA LEU A 15 11.08 5.85 10.22
C LEU A 15 10.69 4.51 10.84
N VAL A 16 9.39 4.28 11.06
CA VAL A 16 8.83 3.10 11.78
C VAL A 16 7.73 2.46 10.95
N GLY A 17 7.40 1.19 11.24
CA GLY A 17 6.42 0.38 10.50
C GLY A 17 6.84 -1.07 10.44
N ASP A 18 5.90 -1.97 10.13
CA ASP A 18 6.11 -3.45 10.13
C ASP A 18 7.27 -3.82 9.21
N GLY A 19 7.89 -4.99 9.44
CA GLY A 19 8.88 -5.58 8.52
C GLY A 19 8.28 -5.75 7.13
N GLY A 20 9.06 -5.43 6.09
CA GLY A 20 8.70 -5.69 4.68
C GLY A 20 8.01 -4.51 4.01
N THR A 21 7.66 -3.47 4.75
CA THR A 21 6.78 -2.37 4.27
C THR A 21 7.49 -1.49 3.25
N GLY A 22 8.82 -1.35 3.34
CA GLY A 22 9.64 -0.68 2.31
C GLY A 22 10.41 0.52 2.82
N LYS A 23 10.73 0.54 4.13
CA LYS A 23 11.33 1.70 4.84
C LYS A 23 12.77 1.92 4.34
N THR A 24 13.59 0.87 4.34
CA THR A 24 15.01 0.91 3.89
C THR A 24 15.05 1.19 2.38
N THR A 25 14.18 0.55 1.60
CA THR A 25 14.08 0.71 0.12
C THR A 25 13.83 2.18 -0.20
N PHE A 26 12.86 2.77 0.49
CA PHE A 26 12.44 4.19 0.36
C PHE A 26 13.64 5.11 0.63
N VAL A 27 14.37 4.89 1.73
CA VAL A 27 15.52 5.75 2.14
C VAL A 27 16.66 5.57 1.13
N LYS A 28 17.04 4.34 0.81
CA LYS A 28 18.11 4.03 -0.17
C LYS A 28 17.82 4.77 -1.48
N ARG A 29 16.58 4.70 -1.95
CA ARG A 29 16.14 5.34 -3.22
C ARG A 29 16.47 6.84 -3.16
N HIS A 30 16.23 7.49 -2.01
CA HIS A 30 16.48 8.94 -1.77
C HIS A 30 17.98 9.22 -1.68
N LEU A 31 18.75 8.34 -1.05
CA LEU A 31 20.22 8.50 -0.82
C LEU A 31 21.00 8.33 -2.13
N THR A 32 20.76 7.25 -2.88
CA THR A 32 21.62 6.77 -4.00
C THR A 32 20.87 6.70 -5.34
N GLY A 33 19.54 6.62 -5.34
CA GLY A 33 18.72 6.51 -6.56
C GLY A 33 18.40 5.08 -6.93
N GLU A 34 18.99 4.11 -6.20
CA GLU A 34 18.86 2.66 -6.50
C GLU A 34 17.54 2.15 -5.93
N PHE A 35 16.94 1.16 -6.60
CA PHE A 35 15.79 0.37 -6.10
C PHE A 35 16.25 -1.06 -5.81
N GLU A 36 16.45 -1.37 -4.51
CA GLU A 36 16.86 -2.70 -4.01
C GLU A 36 15.62 -3.61 -3.99
N LYS A 37 15.66 -4.72 -4.74
CA LYS A 37 14.54 -5.69 -4.89
C LYS A 37 14.60 -6.73 -3.76
N LYS A 38 15.78 -6.99 -3.20
CA LYS A 38 15.98 -7.99 -2.10
C LYS A 38 15.53 -7.38 -0.77
N TYR A 39 14.96 -8.20 0.12
CA TYR A 39 14.58 -7.83 1.51
C TYR A 39 15.65 -8.33 2.47
N VAL A 40 16.54 -7.44 2.92
CA VAL A 40 17.45 -7.70 4.07
C VAL A 40 16.94 -6.88 5.25
N ALA A 41 16.30 -7.55 6.22
CA ALA A 41 15.77 -6.95 7.47
C ALA A 41 16.86 -6.12 8.15
N THR A 42 16.54 -4.88 8.52
CA THR A 42 17.42 -3.97 9.29
C THR A 42 17.58 -4.51 10.71
N LEU A 43 18.79 -4.47 11.26
CA LEU A 43 19.08 -4.87 12.67
C LEU A 43 19.11 -3.61 13.56
N GLY A 44 18.07 -3.42 14.37
CA GLY A 44 17.94 -2.31 15.33
C GLY A 44 17.60 -1.00 14.65
N VAL A 45 18.60 -0.31 14.11
CA VAL A 45 18.41 1.00 13.40
C VAL A 45 19.62 1.29 12.52
N GLU A 46 19.37 1.99 11.41
CA GLU A 46 20.38 2.48 10.45
C GLU A 46 20.18 3.99 10.32
N VAL A 47 21.21 4.79 10.66
CA VAL A 47 21.19 6.28 10.65
C VAL A 47 21.87 6.78 9.37
N HIS A 48 21.14 7.53 8.55
CA HIS A 48 21.63 8.11 7.27
C HIS A 48 21.31 9.60 7.20
N PRO A 49 22.34 10.47 7.01
CA PRO A 49 22.12 11.86 6.59
C PRO A 49 21.49 11.94 5.19
N LEU A 50 20.41 12.71 5.07
CA LEU A 50 19.69 12.94 3.79
C LEU A 50 19.44 14.45 3.64
N VAL A 51 20.08 15.07 2.65
CA VAL A 51 20.01 16.55 2.38
C VAL A 51 19.13 16.79 1.16
N PHE A 52 18.27 17.81 1.23
CA PHE A 52 17.49 18.36 0.08
C PHE A 52 17.81 19.85 -0.05
N HIS A 53 17.84 20.35 -1.28
CA HIS A 53 17.98 21.78 -1.61
C HIS A 53 16.59 22.38 -1.76
N THR A 54 16.33 23.49 -1.03
CA THR A 54 15.04 24.22 -1.04
C THR A 54 15.31 25.69 -1.38
N ASN A 55 14.24 26.44 -1.69
CA ASN A 55 14.29 27.90 -1.97
C ASN A 55 14.64 28.68 -0.69
N ARG A 56 14.70 28.01 0.46
CA ARG A 56 15.07 28.60 1.77
C ARG A 56 16.42 28.05 2.24
N GLY A 57 17.24 27.53 1.32
CA GLY A 57 18.53 26.90 1.60
C GLY A 57 18.42 25.38 1.79
N PRO A 58 19.53 24.69 2.08
CA PRO A 58 19.49 23.24 2.28
C PRO A 58 18.91 22.82 3.64
N ILE A 59 18.15 21.73 3.66
CA ILE A 59 17.61 21.07 4.89
C ILE A 59 18.17 19.64 4.96
N LYS A 60 18.61 19.23 6.15
CA LYS A 60 19.27 17.92 6.43
C LYS A 60 18.38 17.12 7.39
N PHE A 61 17.99 15.91 6.99
CA PHE A 61 17.30 14.93 7.86
C PHE A 61 18.31 13.87 8.30
N ASN A 62 18.51 13.68 9.60
CA ASN A 62 19.18 12.47 10.15
C ASN A 62 18.11 11.37 10.22
N VAL A 63 18.03 10.52 9.19
CA VAL A 63 16.98 9.48 9.06
C VAL A 63 17.36 8.27 9.91
N TRP A 64 16.58 8.03 10.98
CA TRP A 64 16.65 6.85 11.87
C TRP A 64 15.69 5.78 11.32
N ASP A 65 16.22 4.92 10.43
CA ASP A 65 15.51 3.80 9.77
C ASP A 65 15.47 2.61 10.73
N THR A 66 14.35 2.40 11.43
CA THR A 66 14.22 1.38 12.52
C THR A 66 13.77 0.02 11.96
N ALA A 67 14.07 -1.04 12.71
CA ALA A 67 13.69 -2.42 12.38
C ALA A 67 12.23 -2.64 12.77
N GLY A 68 11.44 -3.21 11.86
CA GLY A 68 10.01 -3.53 12.05
C GLY A 68 9.80 -4.89 12.71
N LEU A 69 10.66 -5.87 12.41
CA LEU A 69 10.57 -7.25 12.97
C LEU A 69 10.88 -7.20 14.46
N GLU A 70 10.06 -7.86 15.29
CA GLU A 70 10.18 -7.88 16.76
C GLU A 70 11.60 -8.34 17.16
N LYS A 71 12.08 -9.39 16.50
CA LYS A 71 13.33 -10.11 16.87
C LYS A 71 14.55 -9.23 16.58
N PHE A 72 14.44 -8.28 15.65
CA PHE A 72 15.51 -7.31 15.30
C PHE A 72 15.15 -5.92 15.82
N GLY A 73 14.22 -5.82 16.78
CA GLY A 73 13.65 -4.56 17.29
C GLY A 73 14.68 -3.67 17.99
N GLY A 74 15.77 -4.26 18.49
CA GLY A 74 16.82 -3.54 19.24
C GLY A 74 16.24 -2.75 20.40
N LEU A 75 16.55 -1.44 20.44
CA LEU A 75 16.17 -0.53 21.55
C LEU A 75 14.70 -0.14 21.43
N ARG A 76 14.06 -0.45 20.30
CA ARG A 76 12.62 -0.16 20.01
C ARG A 76 12.36 1.34 20.22
N ASP A 77 11.60 1.71 21.25
CA ASP A 77 11.13 3.11 21.46
C ASP A 77 12.29 3.97 21.97
N GLY A 78 13.42 3.35 22.33
CA GLY A 78 14.69 4.04 22.61
C GLY A 78 15.11 4.94 21.46
N TYR A 79 14.82 4.54 20.21
CA TYR A 79 15.21 5.25 18.98
C TYR A 79 14.40 6.55 18.80
N TYR A 80 13.26 6.69 19.48
CA TYR A 80 12.28 7.79 19.25
C TYR A 80 12.67 9.04 20.05
N ILE A 81 13.64 8.94 20.97
CA ILE A 81 14.02 10.05 21.91
C ILE A 81 14.56 11.24 21.09
N GLN A 82 14.02 12.44 21.37
CA GLN A 82 14.43 13.76 20.81
C GLN A 82 14.27 13.76 19.28
N ALA A 83 13.41 12.89 18.73
CA ALA A 83 13.00 12.94 17.31
C ALA A 83 12.18 14.22 17.10
N GLN A 84 12.42 14.91 15.98
CA GLN A 84 11.76 16.20 15.64
C GLN A 84 10.61 15.96 14.62
N CYS A 85 10.61 14.82 13.92
CA CYS A 85 9.53 14.40 12.99
C CYS A 85 9.60 12.89 12.72
N ALA A 86 8.61 12.32 12.03
CA ALA A 86 8.48 10.85 11.85
C ALA A 86 7.67 10.51 10.58
N ILE A 87 7.93 9.31 10.06
CA ILE A 87 7.15 8.63 8.99
C ILE A 87 6.72 7.27 9.54
N ILE A 88 5.42 6.96 9.52
CA ILE A 88 4.89 5.57 9.76
C ILE A 88 4.59 4.96 8.40
N MET A 89 5.22 3.82 8.11
CA MET A 89 5.12 3.08 6.82
C MET A 89 4.18 1.88 7.01
N PHE A 90 3.27 1.66 6.08
CA PHE A 90 2.56 0.36 5.92
C PHE A 90 2.56 -0.03 4.45
N ASP A 91 2.15 -1.26 4.16
CA ASP A 91 2.16 -1.87 2.81
C ASP A 91 0.70 -2.04 2.37
N VAL A 92 0.30 -1.42 1.26
CA VAL A 92 -1.11 -1.42 0.79
C VAL A 92 -1.48 -2.82 0.29
N THR A 93 -0.51 -3.72 0.14
CA THR A 93 -0.74 -5.14 -0.29
C THR A 93 -0.77 -6.07 0.93
N SER A 94 -0.66 -5.54 2.16
CA SER A 94 -0.63 -6.32 3.42
C SER A 94 -1.54 -5.66 4.47
N ARG A 95 -2.71 -6.25 4.73
CA ARG A 95 -3.76 -5.73 5.64
C ARG A 95 -3.22 -5.71 7.08
N VAL A 96 -2.36 -6.66 7.46
CA VAL A 96 -1.81 -6.75 8.85
C VAL A 96 -0.91 -5.53 9.12
N THR A 97 -0.25 -4.97 8.10
CA THR A 97 0.67 -3.81 8.29
C THR A 97 -0.14 -2.54 8.57
N TYR A 98 -1.35 -2.40 8.01
CA TYR A 98 -2.26 -1.27 8.30
C TYR A 98 -2.84 -1.44 9.71
N LYS A 99 -3.14 -2.67 10.12
CA LYS A 99 -3.75 -3.01 11.44
C LYS A 99 -2.75 -2.69 12.55
N ASN A 100 -1.44 -2.70 12.24
CA ASN A 100 -0.36 -2.44 13.23
C ASN A 100 0.00 -0.95 13.26
N VAL A 101 -0.62 -0.11 12.43
CA VAL A 101 -0.31 1.35 12.40
C VAL A 101 -0.64 1.97 13.77
N PRO A 102 -1.80 1.65 14.39
CA PRO A 102 -2.13 2.24 15.70
C PRO A 102 -1.12 1.88 16.80
N ASN A 103 -0.45 0.73 16.68
CA ASN A 103 0.56 0.25 17.67
C ASN A 103 1.86 1.05 17.50
N TRP A 104 2.35 1.21 16.26
CA TRP A 104 3.53 2.04 15.92
C TRP A 104 3.30 3.49 16.36
N HIS A 105 2.11 4.03 16.14
CA HIS A 105 1.73 5.41 16.51
C HIS A 105 1.75 5.56 18.03
N ARG A 106 1.14 4.62 18.75
CA ARG A 106 1.05 4.63 20.24
C ARG A 106 2.46 4.75 20.83
N ASP A 107 3.36 3.86 20.40
CA ASP A 107 4.76 3.78 20.88
C ASP A 107 5.47 5.10 20.61
N LEU A 108 5.24 5.68 19.43
CA LEU A 108 5.93 6.90 18.93
C LEU A 108 5.50 8.13 19.76
N VAL A 109 4.20 8.39 19.89
CA VAL A 109 3.66 9.63 20.55
C VAL A 109 3.85 9.55 22.07
N ARG A 110 4.06 8.36 22.65
CA ARG A 110 4.36 8.20 24.09
C ARG A 110 5.73 8.78 24.39
N VAL A 111 6.62 8.82 23.39
CA VAL A 111 7.99 9.42 23.49
C VAL A 111 7.96 10.84 22.91
N CYS A 112 7.37 11.04 21.73
CA CYS A 112 7.35 12.33 20.98
C CYS A 112 5.92 12.87 20.92
N GLU A 113 5.54 13.72 21.88
CA GLU A 113 4.13 14.10 22.15
C GLU A 113 3.59 15.01 21.04
N ASN A 114 4.45 15.84 20.44
CA ASN A 114 4.07 17.01 19.59
C ASN A 114 5.09 17.15 18.45
N ILE A 115 5.10 16.21 17.50
CA ILE A 115 5.97 16.27 16.29
C ILE A 115 5.12 16.05 15.05
N PRO A 116 5.52 16.59 13.88
CA PRO A 116 4.86 16.27 12.61
C PRO A 116 5.16 14.83 12.15
N ILE A 117 4.10 14.08 11.81
CA ILE A 117 4.15 12.64 11.42
C ILE A 117 3.45 12.44 10.07
N VAL A 118 4.12 11.79 9.11
CA VAL A 118 3.52 11.31 7.83
C VAL A 118 3.17 9.83 7.96
N LEU A 119 1.93 9.46 7.60
CA LEU A 119 1.51 8.05 7.39
C LEU A 119 1.63 7.76 5.89
N CYS A 120 2.40 6.74 5.53
CA CYS A 120 2.74 6.39 4.12
C CYS A 120 2.24 4.99 3.78
N GLY A 121 1.30 4.87 2.84
CA GLY A 121 0.91 3.60 2.20
C GLY A 121 1.82 3.30 1.02
N ASN A 122 2.76 2.36 1.19
CA ASN A 122 3.77 2.00 0.16
C ASN A 122 3.21 0.89 -0.75
N LYS A 123 3.86 0.70 -1.91
CA LYS A 123 3.63 -0.41 -2.87
C LYS A 123 2.28 -0.21 -3.59
N VAL A 124 1.94 1.03 -3.96
CA VAL A 124 0.68 1.36 -4.68
C VAL A 124 0.81 0.95 -6.16
N ASP A 125 2.04 0.72 -6.61
CA ASP A 125 2.37 0.27 -8.00
C ASP A 125 1.76 -1.09 -8.28
N ILE A 126 1.68 -1.97 -7.27
CA ILE A 126 1.06 -3.32 -7.39
C ILE A 126 -0.44 -3.13 -7.71
N LYS A 127 -0.95 -3.84 -8.72
CA LYS A 127 -2.36 -3.74 -9.17
C LYS A 127 -3.28 -4.28 -8.07
N ASP A 128 -2.95 -5.44 -7.48
CA ASP A 128 -3.81 -6.13 -6.49
C ASP A 128 -3.58 -5.51 -5.10
N ARG A 129 -4.19 -4.34 -4.87
CA ARG A 129 -4.13 -3.55 -3.61
C ARG A 129 -5.14 -4.12 -2.61
N LYS A 130 -4.69 -4.45 -1.40
CA LYS A 130 -5.50 -5.14 -0.36
C LYS A 130 -6.06 -4.13 0.64
N VAL A 131 -5.33 -3.05 0.93
CA VAL A 131 -5.80 -1.92 1.79
C VAL A 131 -6.31 -0.79 0.88
N LYS A 132 -7.62 -0.76 0.65
CA LYS A 132 -8.29 0.21 -0.26
C LYS A 132 -8.35 1.59 0.41
N ALA A 133 -8.28 2.65 -0.40
CA ALA A 133 -8.33 4.08 0.00
C ALA A 133 -9.43 4.30 1.05
N LYS A 134 -10.62 3.73 0.83
CA LYS A 134 -11.80 3.85 1.71
C LYS A 134 -11.45 3.47 3.16
N SER A 135 -10.65 2.42 3.37
CA SER A 135 -10.34 1.84 4.70
C SER A 135 -9.31 2.69 5.47
N ILE A 136 -8.58 3.58 4.80
CA ILE A 136 -7.43 4.32 5.39
C ILE A 136 -7.93 5.64 5.97
N VAL A 137 -8.24 5.66 7.28
CA VAL A 137 -8.83 6.82 8.01
C VAL A 137 -8.13 7.08 9.36
N PHE A 138 -7.11 6.31 9.73
CA PHE A 138 -6.48 6.40 11.08
C PHE A 138 -5.81 7.77 11.28
N HIS A 139 -5.37 8.38 10.18
CA HIS A 139 -4.59 9.65 10.20
C HIS A 139 -5.48 10.84 10.60
N ARG A 140 -6.80 10.73 10.44
CA ARG A 140 -7.71 11.89 10.60
C ARG A 140 -7.71 12.39 12.05
N LYS A 141 -7.94 11.50 13.03
CA LYS A 141 -8.07 11.86 14.47
C LYS A 141 -6.68 12.12 15.09
N LYS A 142 -5.62 11.52 14.55
CA LYS A 142 -4.25 11.64 15.10
C LYS A 142 -3.49 12.75 14.36
N ASN A 143 -4.16 13.50 13.48
CA ASN A 143 -3.59 14.69 12.78
C ASN A 143 -2.31 14.32 12.02
N LEU A 144 -2.26 13.13 11.40
CA LEU A 144 -1.14 12.71 10.52
C LEU A 144 -1.45 13.15 9.09
N GLN A 145 -0.43 13.56 8.33
CA GLN A 145 -0.54 13.76 6.87
C GLN A 145 -0.43 12.36 6.25
N TYR A 146 -1.24 12.03 5.25
CA TYR A 146 -1.21 10.71 4.57
C TYR A 146 -0.81 10.89 3.09
N TYR A 147 0.00 9.98 2.57
CA TYR A 147 0.30 9.84 1.12
C TYR A 147 0.34 8.36 0.71
N ASP A 148 -0.40 8.01 -0.36
CA ASP A 148 -0.11 6.85 -1.23
C ASP A 148 1.30 7.06 -1.82
N ILE A 149 2.23 6.14 -1.61
CA ILE A 149 3.57 6.21 -2.26
C ILE A 149 3.94 4.86 -2.90
N SER A 150 4.97 4.89 -3.75
CA SER A 150 5.66 3.69 -4.29
C SER A 150 7.15 4.00 -4.44
N ALA A 151 7.99 3.33 -3.66
CA ALA A 151 9.46 3.44 -3.77
C ALA A 151 9.90 2.93 -5.15
N LYS A 152 9.09 2.07 -5.79
CA LYS A 152 9.42 1.43 -7.10
C LYS A 152 9.12 2.40 -8.25
N SER A 153 7.89 2.91 -8.36
CA SER A 153 7.45 3.79 -9.48
C SER A 153 7.83 5.24 -9.18
N ASN A 154 8.24 5.52 -7.95
CA ASN A 154 8.62 6.86 -7.43
C ASN A 154 7.37 7.74 -7.31
N TYR A 155 6.18 7.16 -7.27
CA TYR A 155 4.89 7.90 -7.11
C TYR A 155 4.91 8.62 -5.75
N ASN A 156 4.76 9.95 -5.76
CA ASN A 156 4.64 10.81 -4.55
C ASN A 156 5.86 10.66 -3.63
N PHE A 157 7.00 10.22 -4.14
CA PHE A 157 8.11 9.75 -3.27
C PHE A 157 8.82 10.95 -2.62
N GLU A 158 8.66 12.16 -3.15
CA GLU A 158 9.25 13.41 -2.58
C GLU A 158 8.33 13.99 -1.49
N LYS A 159 7.06 13.58 -1.45
CA LYS A 159 5.96 14.30 -0.76
C LYS A 159 6.15 14.28 0.76
N PRO A 160 6.46 13.12 1.39
CA PRO A 160 6.61 13.07 2.84
C PRO A 160 7.67 14.04 3.35
N PHE A 161 8.79 14.16 2.64
CA PHE A 161 9.95 15.00 3.02
C PHE A 161 9.61 16.49 2.78
N LEU A 162 8.86 16.78 1.72
CA LEU A 162 8.45 18.17 1.37
C LEU A 162 7.53 18.71 2.47
N TRP A 163 6.59 17.88 2.94
CA TRP A 163 5.59 18.27 3.95
C TRP A 163 6.28 18.47 5.29
N LEU A 164 7.19 17.58 5.66
CA LEU A 164 7.95 17.66 6.93
C LEU A 164 8.83 18.91 6.89
N ALA A 165 9.50 19.17 5.77
CA ALA A 165 10.33 20.37 5.57
C ALA A 165 9.48 21.62 5.85
N ARG A 166 8.24 21.64 5.37
CA ARG A 166 7.32 22.81 5.48
C ARG A 166 6.95 23.04 6.94
N LYS A 167 6.68 21.96 7.68
CA LYS A 167 6.30 22.02 9.11
C LYS A 167 7.52 22.42 9.95
N LEU A 168 8.70 21.86 9.67
CA LEU A 168 9.91 22.05 10.52
C LEU A 168 10.45 23.48 10.39
N ILE A 169 10.57 24.00 9.17
CA ILE A 169 11.03 25.40 8.89
C ILE A 169 9.90 26.38 9.22
N GLY A 170 8.65 25.92 9.15
CA GLY A 170 7.45 26.71 9.44
C GLY A 170 7.06 27.61 8.29
N ASP A 171 7.39 27.20 7.05
CA ASP A 171 7.11 27.93 5.80
C ASP A 171 6.34 27.01 4.86
N PRO A 172 5.04 27.26 4.61
CA PRO A 172 4.25 26.39 3.73
C PRO A 172 4.54 26.60 2.24
N ASN A 173 5.28 27.65 1.87
CA ASN A 173 5.64 28.02 0.48
C ASN A 173 7.00 27.41 0.09
N LEU A 174 7.62 26.65 0.99
CA LEU A 174 8.91 25.96 0.79
C LEU A 174 8.79 25.00 -0.40
N GLU A 175 9.72 25.06 -1.34
CA GLU A 175 9.81 24.17 -2.54
C GLU A 175 11.19 23.52 -2.56
N PHE A 176 11.29 22.27 -3.05
CA PHE A 176 12.58 21.70 -3.51
C PHE A 176 12.97 22.43 -4.78
N VAL A 177 14.28 22.64 -4.99
CA VAL A 177 14.83 23.37 -6.17
C VAL A 177 16.00 22.57 -6.74
N ALA A 178 16.35 22.82 -8.01
CA ALA A 178 17.49 22.21 -8.72
C ALA A 178 18.79 22.65 -8.03
N MET A 179 19.49 21.70 -7.40
CA MET A 179 20.84 21.92 -6.79
C MET A 179 21.79 22.47 -7.86
N PRO A 180 22.72 23.39 -7.51
CA PRO A 180 23.70 23.92 -8.48
C PRO A 180 24.55 22.81 -9.14
N ALA A 181 24.86 22.97 -10.42
CA ALA A 181 25.59 21.99 -11.26
C ALA A 181 26.91 22.60 -11.74
N ALA A 182 27.99 22.44 -10.97
CA ALA A 182 29.36 22.94 -11.27
C ALA A 182 29.82 22.41 -12.63
N ALA A 183 30.76 23.12 -13.27
CA ALA A 183 31.46 22.67 -14.50
C ALA A 183 32.22 21.37 -14.19
N PRO A 184 32.02 20.30 -14.98
CA PRO A 184 32.80 19.06 -14.83
C PRO A 184 34.21 19.12 -15.43
N PRO A 185 35.21 18.44 -14.81
CA PRO A 185 36.62 18.55 -15.24
C PRO A 185 37.02 17.77 -16.50
N GLU A 186 38.12 18.17 -17.14
CA GLU A 186 38.73 17.48 -18.31
C GLU A 186 39.28 16.12 -17.87
N VAL A 187 39.11 15.11 -18.74
CA VAL A 187 39.34 13.65 -18.46
C VAL A 187 40.84 13.39 -18.15
N VAL A 188 41.76 13.82 -19.02
CA VAL A 188 43.22 13.52 -18.98
C VAL A 188 43.41 12.03 -18.65
N MET A 189 42.94 11.15 -19.54
CA MET A 189 43.00 9.66 -19.41
C MET A 189 44.47 9.19 -19.44
N ASP A 190 44.85 8.28 -18.53
CA ASP A 190 46.21 7.69 -18.43
C ASP A 190 46.18 6.26 -18.96
N PRO A 191 47.14 5.87 -19.84
CA PRO A 191 47.11 4.55 -20.46
C PRO A 191 47.27 3.38 -19.49
N ALA A 192 47.93 3.58 -18.33
CA ALA A 192 48.18 2.55 -17.31
C ALA A 192 46.85 1.95 -16.82
N LEU A 193 45.85 2.78 -16.51
CA LEU A 193 44.53 2.31 -16.02
C LEU A 193 43.57 2.03 -17.18
N ALA A 194 43.95 2.33 -18.43
CA ALA A 194 43.13 2.11 -19.65
C ALA A 194 42.77 0.61 -19.75
N ALA A 195 43.76 -0.27 -19.57
CA ALA A 195 43.61 -1.75 -19.56
C ALA A 195 42.56 -2.18 -18.53
N GLN A 196 42.63 -1.64 -17.31
CA GLN A 196 41.72 -2.02 -16.18
C GLN A 196 40.29 -1.59 -16.51
N TYR A 197 40.08 -0.32 -16.88
CA TYR A 197 38.73 0.22 -17.18
C TYR A 197 38.06 -0.65 -18.24
N GLU A 198 38.82 -1.04 -19.28
CA GLU A 198 38.36 -1.94 -20.37
C GLU A 198 37.79 -3.23 -19.78
N HIS A 199 38.51 -3.88 -18.85
CA HIS A 199 38.06 -5.14 -18.19
C HIS A 199 36.68 -4.94 -17.53
N ASP A 200 36.55 -3.86 -16.76
CA ASP A 200 35.31 -3.49 -16.04
C ASP A 200 34.19 -3.30 -17.08
N LEU A 201 34.48 -2.61 -18.19
CA LEU A 201 33.51 -2.32 -19.29
C LEU A 201 33.02 -3.64 -19.90
N GLU A 202 33.95 -4.57 -20.17
CA GLU A 202 33.66 -5.90 -20.77
C GLU A 202 32.62 -6.61 -19.89
N VAL A 203 32.83 -6.60 -18.57
CA VAL A 203 31.97 -7.31 -17.57
C VAL A 203 30.58 -6.65 -17.55
N ALA A 204 30.52 -5.32 -17.55
CA ALA A 204 29.28 -4.53 -17.47
C ALA A 204 28.39 -4.83 -18.68
N GLN A 205 28.97 -4.88 -19.89
CA GLN A 205 28.23 -5.22 -21.14
C GLN A 205 27.54 -6.59 -21.00
N THR A 206 28.24 -7.59 -20.44
CA THR A 206 27.76 -9.00 -20.38
C THR A 206 26.67 -9.15 -19.31
N THR A 207 26.61 -8.28 -18.30
CA THR A 207 25.51 -8.28 -17.29
C THR A 207 24.30 -7.52 -17.85
N ALA A 208 23.11 -8.12 -17.79
CA ALA A 208 21.87 -7.52 -18.31
C ALA A 208 21.38 -6.43 -17.36
N LEU A 209 20.85 -5.33 -17.92
CA LEU A 209 20.18 -4.25 -17.14
C LEU A 209 18.89 -4.84 -16.56
N PRO A 210 18.58 -4.58 -15.26
CA PRO A 210 17.36 -5.10 -14.64
C PRO A 210 16.08 -4.46 -15.20
N ASP A 211 14.95 -5.16 -15.10
CA ASP A 211 13.59 -4.64 -15.43
C ASP A 211 13.57 -4.15 -16.89
N GLU A 212 13.96 -5.01 -17.84
CA GLU A 212 14.07 -4.63 -19.27
C GLU A 212 12.67 -4.38 -19.85
N ASP A 213 11.63 -4.98 -19.27
CA ASP A 213 10.22 -4.83 -19.73
C ASP A 213 9.60 -3.55 -19.16
N ASP A 214 10.28 -2.82 -18.26
CA ASP A 214 9.80 -1.54 -17.69
C ASP A 214 9.76 -0.47 -18.80
N ASP A 215 8.87 0.53 -18.63
CA ASP A 215 8.63 1.67 -19.56
C ASP A 215 9.95 2.41 -19.83
N LEU A 216 10.73 2.66 -18.77
CA LEU A 216 12.03 3.39 -18.85
C LEU A 216 13.11 2.54 -18.19
N THR B 17 21.16 27.54 -10.24
CA THR B 17 21.18 26.20 -10.92
C THR B 17 22.52 25.98 -11.63
N MET B 18 23.21 27.05 -12.05
CA MET B 18 24.51 27.04 -12.78
C MET B 18 24.33 26.43 -14.18
N GLU B 19 23.20 26.73 -14.86
CA GLU B 19 22.86 26.25 -16.22
C GLU B 19 22.56 27.42 -17.18
N GLU B 20 22.62 28.67 -16.72
CA GLU B 20 22.21 29.89 -17.48
C GLU B 20 23.28 30.23 -18.54
N ASP B 21 24.53 29.80 -18.31
CA ASP B 21 25.71 30.03 -19.20
C ASP B 21 25.69 29.07 -20.39
N GLU B 22 24.71 28.16 -20.45
CA GLU B 22 24.72 26.98 -21.36
C GLU B 22 23.49 26.99 -22.28
N GLU B 23 23.68 26.48 -23.50
CA GLU B 23 22.62 26.29 -24.53
C GLU B 23 22.27 24.79 -24.55
N VAL B 24 20.99 24.47 -24.60
CA VAL B 24 20.47 23.06 -24.63
C VAL B 24 20.52 22.57 -26.08
N LEU B 25 21.50 21.71 -26.42
CA LEU B 25 21.63 21.06 -27.76
C LEU B 25 20.55 19.98 -27.92
N TYR B 26 20.40 19.10 -26.93
CA TYR B 26 19.57 17.87 -26.97
C TYR B 26 18.98 17.61 -25.58
N LYS B 27 17.71 17.20 -25.53
CA LYS B 27 17.01 16.77 -24.28
C LYS B 27 16.21 15.49 -24.55
N VAL B 28 16.36 14.47 -23.70
CA VAL B 28 15.70 13.14 -23.83
C VAL B 28 15.47 12.54 -22.44
N ARG B 29 14.33 11.87 -22.27
CA ARG B 29 13.93 11.16 -21.03
C ARG B 29 14.71 9.83 -20.99
N ALA B 30 15.32 9.50 -19.86
CA ALA B 30 16.20 8.32 -19.70
C ALA B 30 16.25 7.83 -18.24
N LYS B 31 16.71 6.58 -18.07
CA LYS B 31 17.08 5.98 -16.76
C LYS B 31 18.58 5.67 -16.78
N LEU B 32 19.31 6.08 -15.75
CA LEU B 32 20.77 5.90 -15.64
C LEU B 32 21.08 4.83 -14.58
N PHE B 33 21.98 3.90 -14.92
CA PHE B 33 22.54 2.87 -14.01
C PHE B 33 24.04 3.10 -13.87
N ARG B 34 24.61 2.73 -12.73
CA ARG B 34 26.07 2.55 -12.52
C ARG B 34 26.32 1.08 -12.17
N PHE B 35 27.38 0.49 -12.71
CA PHE B 35 27.77 -0.91 -12.42
C PHE B 35 28.55 -0.96 -11.10
N ASP B 36 28.04 -1.71 -10.11
CA ASP B 36 28.77 -2.06 -8.86
C ASP B 36 29.64 -3.28 -9.19
N ALA B 37 30.91 -3.26 -8.77
CA ALA B 37 31.93 -4.32 -9.03
C ALA B 37 31.84 -5.41 -7.97
N ASP B 38 31.72 -5.02 -6.69
CA ASP B 38 31.72 -5.93 -5.50
C ASP B 38 30.67 -7.02 -5.72
N ALA B 39 29.40 -6.62 -5.84
CA ALA B 39 28.31 -7.42 -6.46
C ALA B 39 28.36 -7.13 -7.97
N LYS B 40 28.27 -8.16 -8.82
CA LYS B 40 28.24 -8.01 -10.30
C LYS B 40 26.80 -7.68 -10.71
N GLU B 41 26.36 -6.45 -10.44
CA GLU B 41 24.96 -6.01 -10.75
C GLU B 41 24.92 -4.50 -10.98
N TRP B 42 23.99 -4.08 -11.84
CA TRP B 42 23.63 -2.67 -12.13
C TRP B 42 22.75 -2.13 -11.00
N LYS B 43 22.93 -0.84 -10.67
CA LYS B 43 22.14 -0.10 -9.66
C LYS B 43 21.66 1.20 -10.29
N GLU B 44 20.35 1.47 -10.23
CA GLU B 44 19.75 2.76 -10.69
C GLU B 44 20.47 3.89 -9.98
N ARG B 45 20.74 4.98 -10.69
CA ARG B 45 21.31 6.21 -10.10
C ARG B 45 20.29 7.35 -10.22
N GLY B 46 19.40 7.28 -11.21
CA GLY B 46 18.31 8.26 -11.37
C GLY B 46 17.49 8.04 -12.61
N THR B 47 16.33 8.69 -12.65
CA THR B 47 15.35 8.71 -13.77
C THR B 47 14.91 10.16 -13.96
N GLY B 48 14.93 10.65 -15.20
CA GLY B 48 14.49 12.01 -15.54
C GLY B 48 15.04 12.47 -16.88
N ASP B 49 15.10 13.78 -17.06
CA ASP B 49 15.51 14.44 -18.33
C ASP B 49 17.05 14.48 -18.39
N CYS B 50 17.61 13.82 -19.40
CA CYS B 50 19.05 13.87 -19.77
C CYS B 50 19.26 15.02 -20.76
N LYS B 51 20.18 15.95 -20.46
CA LYS B 51 20.39 17.19 -21.25
C LYS B 51 21.85 17.27 -21.70
N PHE B 52 22.07 17.66 -22.96
CA PHE B 52 23.38 18.02 -23.53
C PHE B 52 23.48 19.55 -23.50
N LEU B 53 24.38 20.09 -22.66
CA LEU B 53 24.53 21.55 -22.41
C LEU B 53 25.87 22.06 -22.96
N LYS B 54 25.81 22.97 -23.96
CA LYS B 54 27.00 23.64 -24.55
C LYS B 54 27.25 24.97 -23.83
N ASN B 55 28.35 25.03 -23.05
CA ASN B 55 28.85 26.24 -22.35
C ASN B 55 29.15 27.31 -23.41
N LYS B 56 28.52 28.48 -23.30
CA LYS B 56 28.63 29.58 -24.30
C LYS B 56 30.01 30.23 -24.20
N LYS B 57 30.70 30.10 -23.06
CA LYS B 57 32.06 30.65 -22.84
C LYS B 57 33.11 29.78 -23.53
N THR B 58 33.07 28.45 -23.32
CA THR B 58 34.16 27.51 -23.71
C THR B 58 33.76 26.66 -24.93
N ASN B 59 32.46 26.60 -25.28
CA ASN B 59 31.87 25.73 -26.34
C ASN B 59 31.98 24.25 -25.96
N LYS B 60 32.29 23.93 -24.70
CA LYS B 60 32.40 22.54 -24.16
C LYS B 60 30.98 22.00 -23.87
N VAL B 61 30.69 20.77 -24.30
CA VAL B 61 29.36 20.11 -24.11
C VAL B 61 29.49 19.05 -23.01
N ARG B 62 28.56 19.07 -22.05
CA ARG B 62 28.49 18.14 -20.90
C ARG B 62 27.14 17.42 -20.92
N ILE B 63 27.06 16.25 -20.29
CA ILE B 63 25.79 15.57 -19.91
C ILE B 63 25.41 16.05 -18.51
N LEU B 64 24.19 16.58 -18.36
CA LEU B 64 23.59 16.90 -17.05
C LEU B 64 22.22 16.21 -16.98
N MET B 65 22.03 15.35 -15.98
CA MET B 65 20.78 14.59 -15.75
C MET B 65 20.32 14.80 -14.30
N ARG B 66 19.04 15.16 -14.13
CA ARG B 66 18.39 15.43 -12.82
C ARG B 66 17.26 14.42 -12.59
N ARG B 67 17.17 13.87 -11.38
CA ARG B 67 16.09 12.94 -10.95
C ARG B 67 14.74 13.67 -10.96
N ASP B 68 13.68 12.95 -11.33
CA ASP B 68 12.27 13.43 -11.24
C ASP B 68 11.94 13.79 -9.80
N LYS B 69 11.32 14.96 -9.60
CA LYS B 69 10.72 15.46 -8.33
C LYS B 69 11.79 16.04 -7.40
N THR B 70 12.80 15.26 -6.99
CA THR B 70 13.88 15.75 -6.08
C THR B 70 14.76 16.78 -6.80
N LEU B 71 14.98 16.58 -8.10
CA LEU B 71 15.75 17.47 -9.03
C LEU B 71 17.25 17.38 -8.73
N LYS B 72 17.69 16.36 -7.97
CA LYS B 72 19.11 16.12 -7.63
C LYS B 72 19.84 15.60 -8.89
N ILE B 73 21.12 15.96 -9.03
CA ILE B 73 21.93 15.61 -10.24
C ILE B 73 22.45 14.18 -10.06
N CYS B 74 22.09 13.27 -10.97
CA CYS B 74 22.58 11.86 -10.97
C CYS B 74 23.71 11.68 -11.98
N ALA B 75 23.85 12.56 -12.98
CA ALA B 75 24.97 12.56 -13.95
C ALA B 75 25.43 14.00 -14.22
N ASN B 76 26.74 14.25 -14.08
CA ASN B 76 27.38 15.55 -14.44
C ASN B 76 28.83 15.32 -14.89
N HIS B 77 29.07 15.30 -16.21
CA HIS B 77 30.41 15.02 -16.81
C HIS B 77 30.50 15.57 -18.25
N ILE B 78 31.72 15.87 -18.69
CA ILE B 78 32.05 16.30 -20.09
C ILE B 78 31.86 15.08 -21.01
N ILE B 79 31.28 15.30 -22.19
CA ILE B 79 31.17 14.28 -23.26
C ILE B 79 32.54 14.16 -23.94
N ALA B 80 33.47 13.43 -23.32
CA ALA B 80 34.88 13.31 -23.77
C ALA B 80 34.92 12.59 -25.11
N PRO B 81 35.78 13.02 -26.05
CA PRO B 81 35.89 12.35 -27.36
C PRO B 81 36.34 10.88 -27.25
N GLU B 82 37.13 10.55 -26.23
CA GLU B 82 37.69 9.19 -25.99
C GLU B 82 36.56 8.19 -25.70
N TYR B 83 35.49 8.64 -25.03
CA TYR B 83 34.33 7.81 -24.62
C TYR B 83 33.69 7.15 -25.85
N THR B 84 33.33 5.86 -25.72
CA THR B 84 32.74 5.00 -26.78
C THR B 84 31.46 4.37 -26.23
N LEU B 85 30.33 4.49 -26.95
CA LEU B 85 29.01 3.89 -26.56
C LEU B 85 28.95 2.43 -27.00
N LYS B 86 28.72 1.52 -26.05
CA LYS B 86 28.75 0.05 -26.27
C LYS B 86 27.39 -0.53 -25.88
N PRO B 87 26.77 -1.40 -26.73
CA PRO B 87 25.41 -1.89 -26.48
C PRO B 87 25.38 -2.90 -25.32
N ASN B 88 24.33 -2.87 -24.51
CA ASN B 88 24.10 -3.89 -23.46
C ASN B 88 23.61 -5.17 -24.14
N VAL B 89 24.00 -6.33 -23.63
CA VAL B 89 23.58 -7.66 -24.18
C VAL B 89 22.04 -7.75 -24.13
N GLY B 90 21.42 -7.25 -23.06
CA GLY B 90 19.99 -7.46 -22.76
C GLY B 90 19.08 -6.30 -23.19
N SER B 91 19.61 -5.28 -23.88
CA SER B 91 18.85 -4.07 -24.30
C SER B 91 19.33 -3.54 -25.65
N ASP B 92 18.40 -3.36 -26.60
CA ASP B 92 18.64 -2.68 -27.91
C ASP B 92 18.35 -1.17 -27.81
N ARG B 93 17.86 -0.71 -26.65
CA ARG B 93 17.49 0.71 -26.40
C ARG B 93 18.38 1.31 -25.30
N SER B 94 19.52 0.70 -24.99
CA SER B 94 20.49 1.22 -23.98
C SER B 94 21.90 1.27 -24.55
N TRP B 95 22.75 2.13 -23.96
CA TRP B 95 24.20 2.27 -24.23
C TRP B 95 24.97 2.17 -22.91
N VAL B 96 26.08 1.44 -22.90
CA VAL B 96 27.01 1.34 -21.73
C VAL B 96 28.33 1.99 -22.16
N TYR B 97 28.88 2.87 -21.31
CA TYR B 97 30.19 3.54 -21.54
C TYR B 97 30.84 3.83 -20.19
N ALA B 98 32.16 4.03 -20.20
CA ALA B 98 32.98 4.33 -19.01
C ALA B 98 33.23 5.84 -18.95
N CYS B 99 32.93 6.46 -17.81
CA CYS B 99 33.16 7.91 -17.53
C CYS B 99 34.32 8.05 -16.53
N THR B 100 35.39 8.75 -16.90
CA THR B 100 36.63 8.87 -16.09
C THR B 100 36.38 9.76 -14.86
N ALA B 101 35.65 10.88 -15.01
CA ALA B 101 35.40 11.88 -13.93
C ALA B 101 33.97 12.43 -13.98
N ASP B 102 33.12 12.00 -13.02
CA ASP B 102 31.73 12.48 -12.82
C ASP B 102 31.63 13.16 -11.45
N ILE B 103 31.05 14.36 -11.39
CA ILE B 103 31.01 15.23 -10.18
C ILE B 103 29.58 15.33 -9.64
N ALA B 104 28.65 14.49 -10.09
CA ALA B 104 27.24 14.48 -9.61
C ALA B 104 27.22 14.30 -8.09
N GLU B 105 27.91 13.29 -7.57
CA GLU B 105 27.99 12.99 -6.11
C GLU B 105 28.75 14.09 -5.37
N GLY B 106 29.88 14.59 -5.91
CA GLY B 106 30.65 15.67 -5.30
C GLY B 106 32.07 15.78 -5.85
N GLU B 107 32.93 14.81 -5.52
CA GLU B 107 34.32 14.69 -6.03
C GLU B 107 34.31 13.86 -7.32
N ALA B 108 35.14 14.22 -8.30
CA ALA B 108 35.30 13.50 -9.59
C ALA B 108 35.61 12.04 -9.30
N GLU B 109 34.82 11.12 -9.87
CA GLU B 109 34.96 9.65 -9.71
C GLU B 109 34.80 8.98 -11.07
N ALA B 110 35.40 7.80 -11.23
CA ALA B 110 35.29 6.95 -12.44
C ALA B 110 34.09 6.01 -12.28
N PHE B 111 33.21 5.96 -13.28
CA PHE B 111 32.00 5.10 -13.31
C PHE B 111 31.92 4.33 -14.63
N THR B 112 31.37 3.11 -14.54
CA THR B 112 30.82 2.35 -15.69
C THR B 112 29.32 2.60 -15.70
N PHE B 113 28.85 3.53 -16.54
CA PHE B 113 27.42 3.90 -16.66
C PHE B 113 26.74 3.03 -17.72
N ALA B 114 25.44 2.83 -17.56
CA ALA B 114 24.49 2.42 -18.62
C ALA B 114 23.29 3.37 -18.56
N ILE B 115 22.81 3.80 -19.71
CA ILE B 115 21.68 4.76 -19.85
C ILE B 115 20.66 4.12 -20.81
N ARG B 116 19.40 3.97 -20.36
CA ARG B 116 18.31 3.32 -21.14
C ARG B 116 17.22 4.35 -21.46
N PHE B 117 16.64 4.26 -22.65
CA PHE B 117 15.68 5.23 -23.21
C PHE B 117 14.34 4.53 -23.47
N GLY B 118 13.31 5.31 -23.82
CA GLY B 118 11.93 4.84 -24.04
C GLY B 118 11.81 3.94 -25.26
N SER B 119 12.68 4.12 -26.26
CA SER B 119 12.61 3.44 -27.58
C SER B 119 14.01 3.30 -28.21
N LYS B 120 14.14 2.39 -29.17
CA LYS B 120 15.37 2.19 -29.98
C LYS B 120 15.69 3.48 -30.74
N GLU B 121 14.67 4.21 -31.20
CA GLU B 121 14.79 5.50 -31.93
C GLU B 121 15.56 6.49 -31.07
N ASN B 122 15.12 6.69 -29.82
CA ASN B 122 15.73 7.63 -28.84
C ASN B 122 17.19 7.26 -28.60
N ALA B 123 17.48 5.97 -28.39
CA ALA B 123 18.85 5.45 -28.15
C ALA B 123 19.74 5.73 -29.37
N ASP B 124 19.22 5.50 -30.58
CA ASP B 124 19.94 5.75 -31.86
C ASP B 124 20.17 7.27 -32.02
N LYS B 125 19.18 8.09 -31.68
CA LYS B 125 19.26 9.58 -31.75
C LYS B 125 20.29 10.06 -30.72
N PHE B 126 20.26 9.53 -29.49
CA PHE B 126 21.22 9.85 -28.41
C PHE B 126 22.65 9.59 -28.90
N LYS B 127 22.87 8.45 -29.57
CA LYS B 127 24.22 8.02 -30.07
C LYS B 127 24.76 9.04 -31.07
N GLU B 128 23.90 9.57 -31.95
CA GLU B 128 24.28 10.58 -32.98
C GLU B 128 24.61 11.92 -32.31
N GLU B 129 23.80 12.34 -31.34
CA GLU B 129 23.98 13.63 -30.62
C GLU B 129 25.26 13.56 -29.76
N PHE B 130 25.51 12.42 -29.13
CA PHE B 130 26.70 12.14 -28.29
C PHE B 130 27.96 12.31 -29.15
N GLU B 131 27.96 11.72 -30.36
CA GLU B 131 29.09 11.80 -31.32
C GLU B 131 29.25 13.25 -31.83
N LYS B 132 28.15 13.98 -32.06
CA LYS B 132 28.17 15.41 -32.48
C LYS B 132 28.84 16.26 -31.40
N ALA B 133 28.49 16.01 -30.14
CA ALA B 133 29.03 16.70 -28.95
C ALA B 133 30.53 16.42 -28.82
N GLN B 134 30.95 15.17 -29.10
CA GLN B 134 32.38 14.73 -29.03
C GLN B 134 33.23 15.52 -30.02
N GLU B 135 32.73 15.75 -31.24
CA GLU B 135 33.44 16.49 -32.32
C GLU B 135 33.64 17.94 -31.88
N ILE B 136 32.61 18.54 -31.29
CA ILE B 136 32.64 19.91 -30.71
C ILE B 136 33.72 19.98 -29.61
N ASN B 137 33.80 18.97 -28.73
CA ASN B 137 34.70 18.95 -27.54
C ASN B 137 36.17 18.74 -27.93
N LYS B 138 36.44 18.24 -29.15
CA LYS B 138 37.83 18.06 -29.68
C LYS B 138 38.48 19.43 -29.90
N LYS B 139 37.72 20.40 -30.46
CA LYS B 139 38.21 21.75 -30.83
C LYS B 139 38.60 22.54 -29.57
N GLY C 2 36.16 -2.22 21.93
CA GLY C 2 36.81 -0.94 22.35
C GLY C 2 36.54 -0.60 23.81
N SER C 3 36.87 0.62 24.22
CA SER C 3 36.65 1.15 25.59
C SER C 3 35.17 1.11 25.98
N MET C 4 34.27 1.35 24.99
CA MET C 4 32.79 1.37 25.15
C MET C 4 32.26 -0.06 25.44
N GLU C 5 33.02 -1.11 25.12
CA GLU C 5 32.61 -2.53 25.26
C GLU C 5 32.72 -3.00 26.72
N GLY C 6 33.36 -2.21 27.60
CA GLY C 6 33.50 -2.48 29.05
C GLY C 6 32.18 -2.84 29.70
N ILE C 7 31.12 -2.09 29.41
CA ILE C 7 29.76 -2.26 30.03
C ILE C 7 29.20 -3.65 29.69
N LEU C 8 29.62 -4.26 28.58
CA LEU C 8 29.17 -5.63 28.18
C LEU C 8 29.77 -6.69 29.11
N ASP C 9 30.86 -6.38 29.84
CA ASP C 9 31.54 -7.30 30.78
C ASP C 9 30.85 -7.21 32.15
N PHE C 10 29.99 -8.19 32.46
CA PHE C 10 29.11 -8.21 33.66
C PHE C 10 29.84 -8.85 34.86
N SER C 11 31.01 -9.44 34.65
CA SER C 11 31.89 -9.98 35.72
C SER C 11 32.36 -8.82 36.62
N ASN C 12 32.55 -7.64 36.02
CA ASN C 12 32.86 -6.36 36.72
C ASN C 12 31.54 -5.61 37.00
N ASP C 13 31.49 -4.84 38.09
CA ASP C 13 30.37 -3.89 38.40
C ASP C 13 30.30 -2.86 37.28
N LEU C 14 29.10 -2.39 36.97
CA LEU C 14 28.82 -1.49 35.82
C LEU C 14 29.41 -0.11 36.09
N ASP C 15 30.32 0.35 35.23
CA ASP C 15 30.80 1.76 35.21
C ASP C 15 29.65 2.62 34.65
N ILE C 16 28.90 3.28 35.55
CA ILE C 16 27.69 4.09 35.25
C ILE C 16 28.09 5.30 34.39
N ALA C 17 29.25 5.91 34.69
CA ALA C 17 29.82 7.06 33.95
C ALA C 17 30.16 6.65 32.51
N LEU C 18 30.67 5.42 32.32
CA LEU C 18 31.00 4.87 30.96
C LEU C 18 29.70 4.63 30.18
N LEU C 19 28.66 4.07 30.83
CA LEU C 19 27.34 3.82 30.18
C LEU C 19 26.85 5.14 29.57
N ASP C 20 26.87 6.21 30.38
CA ASP C 20 26.37 7.57 30.02
C ASP C 20 27.12 8.10 28.80
N GLN C 21 28.40 7.77 28.63
CA GLN C 21 29.21 8.19 27.47
C GLN C 21 28.76 7.41 26.23
N VAL C 22 28.64 6.09 26.33
CA VAL C 22 28.21 5.20 25.21
C VAL C 22 26.83 5.65 24.73
N VAL C 23 25.93 5.95 25.67
CA VAL C 23 24.55 6.44 25.41
C VAL C 23 24.62 7.79 24.66
N SER C 24 25.44 8.73 25.12
CA SER C 24 25.64 10.06 24.48
C SER C 24 26.27 9.90 23.09
N THR C 25 27.23 8.98 22.92
CA THR C 25 27.90 8.70 21.61
C THR C 25 26.83 8.25 20.62
N PHE C 26 25.83 7.51 21.08
CA PHE C 26 24.73 6.96 20.24
C PHE C 26 23.77 8.07 19.82
N TYR C 27 23.26 8.85 20.78
CA TYR C 27 22.20 9.87 20.57
C TYR C 27 22.78 11.14 19.94
N GLN C 28 23.98 11.57 20.36
CA GLN C 28 24.59 12.87 19.95
C GLN C 28 25.73 12.68 18.93
N GLY C 29 26.20 11.45 18.69
CA GLY C 29 27.38 11.16 17.84
C GLY C 29 27.02 10.94 16.38
N GLU C 30 27.97 10.39 15.60
CA GLU C 30 27.91 10.25 14.11
C GLU C 30 28.82 9.12 13.62
N GLY C 31 28.58 8.65 12.40
CA GLY C 31 29.48 7.75 11.65
C GLY C 31 29.64 6.40 12.33
N VAL C 32 30.87 5.88 12.38
CA VAL C 32 31.22 4.51 12.86
C VAL C 32 31.06 4.49 14.39
N GLN C 33 31.41 5.60 15.06
CA GLN C 33 31.32 5.77 16.54
C GLN C 33 29.87 5.56 16.99
N GLN C 34 28.92 6.24 16.35
CA GLN C 34 27.46 6.12 16.62
C GLN C 34 27.00 4.68 16.38
N LYS C 35 27.44 4.06 15.28
CA LYS C 35 27.00 2.70 14.85
C LYS C 35 27.53 1.66 15.85
N GLN C 36 28.78 1.82 16.31
CA GLN C 36 29.43 0.92 17.29
C GLN C 36 28.72 1.04 18.65
N ALA C 37 28.42 2.26 19.10
CA ALA C 37 27.66 2.54 20.34
C ALA C 37 26.31 1.83 20.30
N GLN C 38 25.67 1.80 19.12
CA GLN C 38 24.32 1.22 18.89
C GLN C 38 24.36 -0.30 19.12
N GLU C 39 25.35 -1.00 18.56
CA GLU C 39 25.50 -2.48 18.70
C GLU C 39 25.81 -2.84 20.16
N ILE C 40 26.55 -1.98 20.87
CA ILE C 40 26.94 -2.18 22.29
C ILE C 40 25.71 -2.00 23.19
N LEU C 41 24.92 -0.93 22.98
CA LEU C 41 23.71 -0.65 23.78
C LEU C 41 22.68 -1.77 23.57
N THR C 42 22.53 -2.25 22.33
CA THR C 42 21.62 -3.38 21.97
C THR C 42 22.02 -4.62 22.78
N LYS C 43 23.31 -5.00 22.77
CA LYS C 43 23.83 -6.24 23.40
C LYS C 43 23.73 -6.14 24.93
N PHE C 44 23.96 -4.96 25.49
CA PHE C 44 23.77 -4.65 26.93
C PHE C 44 22.29 -4.86 27.31
N GLN C 45 21.37 -4.23 26.57
CA GLN C 45 19.90 -4.31 26.77
C GLN C 45 19.44 -5.76 26.69
N ASP C 46 19.95 -6.51 25.71
CA ASP C 46 19.54 -7.91 25.36
C ASP C 46 20.18 -8.92 26.31
N ASN C 47 21.12 -8.50 27.17
CA ASN C 47 21.71 -9.37 28.24
C ASN C 47 20.60 -9.76 29.22
N PRO C 48 20.31 -11.06 29.42
CA PRO C 48 19.21 -11.47 30.30
C PRO C 48 19.38 -11.10 31.79
N ASP C 49 20.56 -10.63 32.21
CA ASP C 49 20.85 -10.22 33.61
C ASP C 49 20.88 -8.69 33.74
N ALA C 50 20.69 -7.96 32.63
CA ALA C 50 20.81 -6.49 32.54
C ALA C 50 19.86 -5.81 33.54
N TRP C 51 18.71 -6.44 33.81
CA TRP C 51 17.65 -5.92 34.72
C TRP C 51 18.20 -5.70 36.14
N GLU C 52 19.21 -6.48 36.56
CA GLU C 52 19.82 -6.38 37.92
C GLU C 52 20.51 -5.03 38.07
N LYS C 53 20.90 -4.40 36.96
CA LYS C 53 21.65 -3.11 36.93
C LYS C 53 20.70 -1.91 36.98
N ALA C 54 19.39 -2.11 36.75
CA ALA C 54 18.40 -1.02 36.56
C ALA C 54 18.34 -0.12 37.79
N ASP C 55 18.31 -0.71 39.00
CA ASP C 55 18.27 0.03 40.30
C ASP C 55 19.49 0.97 40.36
N GLN C 56 20.67 0.40 40.12
CA GLN C 56 22.00 1.07 40.08
C GLN C 56 21.93 2.32 39.17
N ILE C 57 21.52 2.12 37.92
CA ILE C 57 21.50 3.15 36.84
C ILE C 57 20.54 4.29 37.22
N LEU C 58 19.34 3.97 37.71
CA LEU C 58 18.29 4.99 38.02
C LEU C 58 18.73 5.87 39.19
N GLN C 59 19.52 5.31 40.12
CA GLN C 59 20.02 6.03 41.32
C GLN C 59 21.15 7.00 40.95
N PHE C 60 22.09 6.59 40.09
CA PHE C 60 23.44 7.19 39.96
C PHE C 60 23.66 7.90 38.61
N SER C 61 23.01 7.46 37.51
CA SER C 61 23.22 8.01 36.15
C SER C 61 22.82 9.49 36.09
N THR C 62 23.59 10.29 35.36
CA THR C 62 23.35 11.74 35.12
C THR C 62 22.72 11.95 33.73
N ASN C 63 22.55 10.88 32.95
CA ASN C 63 22.06 10.90 31.55
C ASN C 63 20.62 10.35 31.51
N PRO C 64 19.60 11.18 31.22
CA PRO C 64 18.21 10.73 31.20
C PRO C 64 17.94 9.59 30.21
N GLN C 65 18.73 9.52 29.12
CA GLN C 65 18.59 8.47 28.06
C GLN C 65 19.08 7.12 28.61
N SER C 66 20.09 7.13 29.48
CA SER C 66 20.59 5.91 30.17
C SER C 66 19.47 5.34 31.04
N LYS C 67 18.78 6.22 31.78
CA LYS C 67 17.65 5.88 32.68
C LYS C 67 16.46 5.39 31.85
N PHE C 68 16.18 6.02 30.71
CA PHE C 68 15.15 5.57 29.75
C PHE C 68 15.39 4.11 29.37
N ILE C 69 16.61 3.77 28.94
CA ILE C 69 16.95 2.41 28.44
C ILE C 69 16.93 1.41 29.62
N ALA C 70 17.28 1.86 30.84
CA ALA C 70 17.19 1.02 32.06
C ALA C 70 15.73 0.57 32.24
N LEU C 71 14.78 1.49 32.08
CA LEU C 71 13.33 1.21 32.24
C LEU C 71 12.84 0.30 31.10
N SER C 72 13.42 0.41 29.90
CA SER C 72 13.14 -0.51 28.76
C SER C 72 13.51 -1.93 29.17
N ILE C 73 14.63 -2.09 29.88
CA ILE C 73 15.14 -3.42 30.35
C ILE C 73 14.22 -3.94 31.46
N LEU C 74 13.76 -3.08 32.37
CA LEU C 74 12.75 -3.43 33.40
C LEU C 74 11.46 -3.85 32.70
N ASP C 75 11.00 -3.03 31.75
CA ASP C 75 9.76 -3.27 30.97
C ASP C 75 9.81 -4.68 30.38
N LYS C 76 10.98 -5.08 29.85
CA LYS C 76 11.25 -6.42 29.25
C LYS C 76 11.08 -7.52 30.32
N LEU C 77 11.63 -7.31 31.52
CA LEU C 77 11.54 -8.26 32.65
C LEU C 77 10.09 -8.37 33.14
N ILE C 78 9.41 -7.24 33.30
CA ILE C 78 8.04 -7.15 33.92
C ILE C 78 7.03 -7.90 33.03
N THR C 79 7.11 -7.74 31.71
CA THR C 79 6.09 -8.27 30.78
C THR C 79 6.30 -9.78 30.54
N ARG C 80 7.51 -10.31 30.77
CA ARG C 80 7.90 -11.66 30.27
C ARG C 80 8.28 -12.62 31.41
N LYS C 81 8.93 -12.15 32.48
CA LYS C 81 9.53 -13.05 33.51
C LYS C 81 9.19 -12.55 34.93
N TRP C 82 8.21 -11.66 35.08
CA TRP C 82 7.87 -11.02 36.38
C TRP C 82 7.52 -12.09 37.42
N LYS C 83 6.71 -13.08 37.04
CA LYS C 83 6.14 -14.10 37.97
C LYS C 83 7.23 -15.10 38.41
N LEU C 84 8.40 -15.08 37.76
CA LEU C 84 9.55 -15.97 38.06
C LEU C 84 10.36 -15.39 39.22
N LEU C 85 10.30 -14.06 39.42
CA LEU C 85 10.99 -13.35 40.53
C LEU C 85 10.41 -13.79 41.88
N PRO C 86 11.23 -13.87 42.95
CA PRO C 86 10.70 -14.02 44.30
C PRO C 86 9.92 -12.75 44.69
N ASN C 87 8.91 -12.89 45.55
CA ASN C 87 7.97 -11.81 45.94
C ASN C 87 8.73 -10.60 46.52
N ASP C 88 9.86 -10.85 47.21
CA ASP C 88 10.73 -9.81 47.82
C ASP C 88 11.22 -8.85 46.74
N HIS C 89 11.74 -9.39 45.63
CA HIS C 89 12.26 -8.62 44.46
C HIS C 89 11.15 -7.79 43.82
N ARG C 90 9.95 -8.35 43.68
CA ARG C 90 8.78 -7.72 43.02
C ARG C 90 8.38 -6.44 43.77
N ILE C 91 8.17 -6.55 45.09
CA ILE C 91 7.84 -5.42 45.99
C ILE C 91 9.00 -4.40 45.97
N GLY C 92 10.24 -4.89 45.97
CA GLY C 92 11.47 -4.08 45.86
C GLY C 92 11.44 -3.19 44.62
N ILE C 93 11.24 -3.79 43.44
CA ILE C 93 11.22 -3.11 42.11
C ILE C 93 10.05 -2.11 42.07
N ARG C 94 8.86 -2.51 42.53
CA ARG C 94 7.68 -1.60 42.66
C ARG C 94 8.07 -0.35 43.46
N ASN C 95 8.85 -0.50 44.53
CA ASN C 95 9.16 0.59 45.49
C ASN C 95 10.09 1.62 44.84
N PHE C 96 11.14 1.20 44.11
CA PHE C 96 12.14 2.14 43.54
C PHE C 96 11.61 2.78 42.25
N VAL C 97 10.63 2.16 41.59
CA VAL C 97 9.87 2.78 40.47
C VAL C 97 8.94 3.87 41.03
N VAL C 98 8.12 3.54 42.04
CA VAL C 98 7.21 4.51 42.71
C VAL C 98 8.05 5.63 43.34
N GLY C 99 9.14 5.28 44.02
CA GLY C 99 10.07 6.23 44.69
C GLY C 99 10.69 7.20 43.71
N MET C 100 11.13 6.70 42.55
CA MET C 100 11.78 7.50 41.48
C MET C 100 10.76 8.46 40.86
N ILE C 101 9.51 8.02 40.62
CA ILE C 101 8.43 8.87 40.05
C ILE C 101 8.19 10.05 40.99
N ILE C 102 7.98 9.79 42.29
CA ILE C 102 7.71 10.84 43.32
C ILE C 102 8.91 11.80 43.37
N SER C 103 10.14 11.27 43.37
CA SER C 103 11.41 12.03 43.41
C SER C 103 11.44 13.07 42.28
N MET C 104 11.14 12.64 41.05
CA MET C 104 11.20 13.48 39.82
C MET C 104 10.10 14.55 39.83
N CYS C 105 8.94 14.25 40.44
CA CYS C 105 7.77 15.17 40.55
C CYS C 105 8.08 16.30 41.54
N GLN C 106 8.85 16.00 42.60
CA GLN C 106 9.17 16.95 43.70
C GLN C 106 10.19 17.99 43.21
N ASP C 107 11.08 17.61 42.28
CA ASP C 107 12.11 18.50 41.67
C ASP C 107 11.50 19.21 40.47
N ASP C 108 11.19 20.52 40.60
CA ASP C 108 10.48 21.32 39.58
C ASP C 108 11.29 21.34 38.28
N GLU C 109 12.63 21.43 38.37
CA GLU C 109 13.54 21.47 37.19
C GLU C 109 13.44 20.15 36.42
N VAL C 110 13.53 19.01 37.12
CA VAL C 110 13.47 17.64 36.52
C VAL C 110 12.08 17.42 35.91
N PHE C 111 11.01 17.77 36.64
CA PHE C 111 9.60 17.58 36.21
C PHE C 111 9.33 18.34 34.91
N LYS C 112 9.96 19.49 34.71
CA LYS C 112 9.78 20.37 33.51
C LYS C 112 10.59 19.80 32.34
N THR C 113 11.86 19.42 32.56
CA THR C 113 12.88 19.19 31.50
C THR C 113 13.00 17.69 31.12
N GLN C 114 12.53 16.76 31.95
CA GLN C 114 12.74 15.29 31.76
C GLN C 114 11.40 14.59 31.52
N LYS C 115 10.60 15.07 30.57
CA LYS C 115 9.22 14.58 30.32
C LYS C 115 9.27 13.15 29.77
N ASN C 116 10.19 12.87 28.84
CA ASN C 116 10.42 11.52 28.27
C ASN C 116 10.58 10.50 29.40
N LEU C 117 11.46 10.80 30.37
CA LEU C 117 11.86 9.85 31.45
C LEU C 117 10.68 9.61 32.39
N ILE C 118 9.92 10.66 32.72
CA ILE C 118 8.74 10.59 33.63
C ILE C 118 7.63 9.77 32.95
N ASN C 119 7.38 10.00 31.66
CA ASN C 119 6.35 9.29 30.87
C ASN C 119 6.73 7.80 30.77
N LYS C 120 8.01 7.50 30.60
CA LYS C 120 8.54 6.10 30.52
C LYS C 120 8.36 5.42 31.87
N SER C 121 8.70 6.10 32.97
CA SER C 121 8.53 5.62 34.37
C SER C 121 7.05 5.29 34.62
N ASP C 122 6.15 6.20 34.24
CA ASP C 122 4.69 6.04 34.40
C ASP C 122 4.22 4.79 33.64
N LEU C 123 4.72 4.58 32.42
CA LEU C 123 4.33 3.40 31.59
C LEU C 123 4.84 2.12 32.26
N THR C 124 6.09 2.13 32.75
CA THR C 124 6.75 1.01 33.46
C THR C 124 5.97 0.66 34.74
N LEU C 125 5.47 1.67 35.46
CA LEU C 125 4.59 1.46 36.64
C LEU C 125 3.31 0.73 36.19
N VAL C 126 2.74 1.12 35.05
CA VAL C 126 1.47 0.55 34.52
C VAL C 126 1.69 -0.92 34.15
N GLN C 127 2.89 -1.28 33.69
CA GLN C 127 3.24 -2.68 33.34
C GLN C 127 3.24 -3.54 34.62
N ILE C 128 3.74 -2.98 35.73
CA ILE C 128 3.68 -3.60 37.08
C ILE C 128 2.22 -3.73 37.52
N LEU C 129 1.38 -2.69 37.34
CA LEU C 129 -0.07 -2.73 37.69
C LEU C 129 -0.75 -3.90 36.95
N LYS C 130 -0.39 -4.13 35.68
CA LYS C 130 -0.97 -5.24 34.86
C LYS C 130 -0.70 -6.56 35.59
N GLN C 131 0.51 -6.74 36.12
CA GLN C 131 0.97 -7.95 36.83
C GLN C 131 0.36 -8.04 38.24
N GLU C 132 0.41 -6.97 39.05
CA GLU C 132 0.07 -7.04 40.49
C GLU C 132 -1.34 -6.51 40.76
N TRP C 133 -1.66 -5.31 40.29
CA TRP C 133 -2.94 -4.63 40.64
C TRP C 133 -4.12 -5.43 40.07
N PRO C 134 -5.25 -5.55 40.81
CA PRO C 134 -5.36 -5.15 42.21
C PRO C 134 -5.20 -6.25 43.28
N GLN C 135 -5.01 -7.51 42.84
CA GLN C 135 -4.92 -8.69 43.75
C GLN C 135 -3.80 -8.49 44.77
N ASN C 136 -2.60 -8.03 44.37
CA ASN C 136 -1.43 -7.85 45.28
C ASN C 136 -1.20 -6.36 45.58
N TRP C 137 -2.09 -5.44 45.17
CA TRP C 137 -1.94 -3.98 45.40
C TRP C 137 -3.31 -3.32 45.56
N PRO C 138 -4.13 -3.76 46.55
CA PRO C 138 -5.54 -3.38 46.62
C PRO C 138 -5.81 -1.88 46.81
N GLU C 139 -4.96 -1.17 47.56
CA GLU C 139 -5.21 0.24 47.94
C GLU C 139 -4.45 1.21 47.01
N PHE C 140 -4.04 0.76 45.82
CA PHE C 140 -3.26 1.60 44.87
C PHE C 140 -4.09 2.84 44.50
N ILE C 141 -5.34 2.65 44.06
CA ILE C 141 -6.21 3.77 43.58
C ILE C 141 -6.45 4.75 44.71
N PRO C 142 -6.90 4.35 45.93
CA PRO C 142 -7.07 5.28 47.04
C PRO C 142 -5.76 5.99 47.45
N GLU C 143 -4.64 5.26 47.47
CA GLU C 143 -3.28 5.84 47.72
C GLU C 143 -3.00 6.92 46.67
N LEU C 144 -3.19 6.58 45.39
CA LEU C 144 -2.87 7.47 44.25
C LEU C 144 -3.70 8.76 44.34
N ILE C 145 -5.00 8.63 44.63
CA ILE C 145 -5.94 9.80 44.84
C ILE C 145 -5.41 10.66 45.99
N GLY C 146 -4.95 10.04 47.08
CA GLY C 146 -4.40 10.73 48.26
C GLY C 146 -3.17 11.54 47.92
N SER C 147 -2.16 10.89 47.31
CA SER C 147 -0.87 11.52 46.91
C SER C 147 -1.12 12.73 46.00
N SER C 148 -2.26 12.78 45.29
CA SER C 148 -2.60 13.83 44.30
C SER C 148 -2.75 15.19 45.00
N SER C 149 -3.36 15.24 46.19
CA SER C 149 -3.70 16.48 46.94
C SER C 149 -2.44 17.20 47.44
N SER C 150 -1.33 16.47 47.64
CA SER C 150 -0.08 16.97 48.29
C SER C 150 0.73 17.91 47.37
N SER C 151 0.57 17.79 46.06
CA SER C 151 1.45 18.44 45.05
C SER C 151 0.77 18.50 43.68
N VAL C 152 0.89 19.64 42.98
CA VAL C 152 0.32 19.87 41.62
C VAL C 152 1.05 18.98 40.61
N ASN C 153 2.38 18.91 40.68
CA ASN C 153 3.23 18.08 39.79
C ASN C 153 2.83 16.61 39.92
N VAL C 154 2.60 16.13 41.15
CA VAL C 154 2.24 14.71 41.45
C VAL C 154 0.83 14.46 40.92
N CYS C 155 -0.09 15.38 41.18
CA CYS C 155 -1.51 15.33 40.69
C CYS C 155 -1.53 15.19 39.17
N GLU C 156 -0.82 16.07 38.45
CA GLU C 156 -0.70 16.05 36.97
C GLU C 156 -0.14 14.70 36.52
N ASN C 157 0.95 14.25 37.14
CA ASN C 157 1.66 13.00 36.76
C ASN C 157 0.76 11.78 36.99
N ASN C 158 -0.13 11.84 37.99
CA ASN C 158 -1.10 10.76 38.29
C ASN C 158 -2.14 10.69 37.16
N MET C 159 -2.45 11.81 36.51
CA MET C 159 -3.39 11.87 35.36
C MET C 159 -2.77 11.18 34.15
N ILE C 160 -1.44 11.20 34.04
CA ILE C 160 -0.68 10.50 32.95
C ILE C 160 -0.66 8.99 33.26
N VAL C 161 -0.49 8.61 34.53
CA VAL C 161 -0.53 7.19 34.99
C VAL C 161 -1.90 6.58 34.66
N LEU C 162 -2.97 7.28 35.05
CA LEU C 162 -4.38 6.82 34.83
C LEU C 162 -4.68 6.76 33.33
N LYS C 163 -4.16 7.71 32.54
CA LYS C 163 -4.36 7.76 31.07
C LYS C 163 -3.76 6.49 30.47
N LEU C 164 -2.48 6.23 30.76
CA LEU C 164 -1.75 5.04 30.27
C LEU C 164 -2.43 3.76 30.75
N LEU C 165 -2.89 3.72 32.00
CA LEU C 165 -3.55 2.52 32.59
C LEU C 165 -4.81 2.21 31.78
N SER C 166 -5.63 3.22 31.46
CA SER C 166 -6.86 3.09 30.64
C SER C 166 -6.48 2.60 29.23
N GLU C 167 -5.42 3.15 28.63
CA GLU C 167 -4.94 2.75 27.28
C GLU C 167 -4.61 1.24 27.30
N GLU C 168 -3.83 0.81 28.28
CA GLU C 168 -3.31 -0.59 28.35
C GLU C 168 -4.46 -1.56 28.58
N VAL C 169 -5.48 -1.17 29.35
CA VAL C 169 -6.56 -2.08 29.81
C VAL C 169 -7.68 -2.15 28.76
N PHE C 170 -8.03 -1.03 28.13
CA PHE C 170 -9.24 -0.91 27.27
C PHE C 170 -8.88 -0.75 25.79
N ASP C 171 -7.81 -0.03 25.44
CA ASP C 171 -7.52 0.39 24.04
C ASP C 171 -6.62 -0.64 23.33
N PHE C 172 -5.66 -1.23 24.04
CA PHE C 172 -4.60 -2.09 23.44
C PHE C 172 -4.48 -3.42 24.19
N SER C 173 -5.47 -3.79 24.99
CA SER C 173 -5.47 -5.05 25.77
C SER C 173 -5.69 -6.25 24.83
N ALA C 174 -6.64 -6.13 23.89
CA ALA C 174 -7.15 -7.22 23.03
C ALA C 174 -6.00 -8.11 22.53
N GLU C 175 -4.94 -7.51 22.00
CA GLU C 175 -3.80 -8.23 21.36
C GLU C 175 -2.88 -8.82 22.44
N GLN C 176 -2.59 -8.06 23.50
CA GLN C 176 -1.39 -8.22 24.36
C GLN C 176 -1.66 -9.03 25.63
N MET C 177 -2.93 -9.26 26.00
CA MET C 177 -3.31 -10.03 27.22
C MET C 177 -4.23 -11.19 26.83
N THR C 178 -4.36 -12.20 27.70
CA THR C 178 -5.39 -13.26 27.61
C THR C 178 -6.77 -12.63 27.83
N GLN C 179 -7.81 -13.15 27.19
CA GLN C 179 -9.21 -12.69 27.36
C GLN C 179 -9.52 -12.54 28.85
N ALA C 180 -9.11 -13.52 29.67
CA ALA C 180 -9.38 -13.63 31.12
C ALA C 180 -8.72 -12.45 31.86
N LYS C 181 -7.49 -12.08 31.49
CA LYS C 181 -6.73 -11.00 32.19
C LYS C 181 -7.26 -9.63 31.76
N ALA C 182 -7.60 -9.49 30.48
CA ALA C 182 -8.32 -8.31 29.92
C ALA C 182 -9.59 -8.04 30.74
N LEU C 183 -10.43 -9.05 30.96
CA LEU C 183 -11.71 -8.93 31.72
C LEU C 183 -11.44 -8.52 33.16
N HIS C 184 -10.46 -9.16 33.82
CA HIS C 184 -10.09 -8.91 35.24
C HIS C 184 -9.72 -7.43 35.45
N LEU C 185 -8.88 -6.87 34.55
CA LEU C 185 -8.37 -5.49 34.65
C LEU C 185 -9.49 -4.49 34.32
N LYS C 186 -10.28 -4.76 33.27
CA LYS C 186 -11.47 -3.93 32.90
C LYS C 186 -12.41 -3.82 34.10
N ASN C 187 -12.79 -4.95 34.70
CA ASN C 187 -13.68 -5.05 35.89
C ASN C 187 -13.09 -4.25 37.06
N SER C 188 -11.79 -4.36 37.28
CA SER C 188 -11.06 -3.72 38.42
C SER C 188 -11.17 -2.19 38.30
N MET C 189 -10.89 -1.65 37.11
CA MET C 189 -10.96 -0.19 36.82
C MET C 189 -12.41 0.27 36.90
N SER C 190 -13.35 -0.53 36.41
CA SER C 190 -14.81 -0.24 36.41
C SER C 190 -15.32 -0.05 37.84
N LYS C 191 -14.94 -0.94 38.76
CA LYS C 191 -15.37 -0.91 40.19
C LYS C 191 -14.89 0.35 40.88
N GLU C 192 -13.68 0.82 40.54
CA GLU C 192 -13.00 1.95 41.23
C GLU C 192 -13.08 3.25 40.42
N PHE C 193 -13.84 3.30 39.32
CA PHE C 193 -13.89 4.51 38.44
C PHE C 193 -14.65 5.65 39.11
N GLU C 194 -15.66 5.33 39.91
CA GLU C 194 -16.43 6.30 40.74
C GLU C 194 -15.43 7.25 41.43
N GLN C 195 -14.38 6.70 42.05
CA GLN C 195 -13.37 7.46 42.84
C GLN C 195 -12.41 8.20 41.90
N ILE C 196 -12.09 7.63 40.72
CA ILE C 196 -11.17 8.24 39.72
C ILE C 196 -11.83 9.49 39.12
N PHE C 197 -13.11 9.38 38.77
CA PHE C 197 -13.92 10.47 38.16
C PHE C 197 -14.06 11.63 39.16
N LYS C 198 -14.23 11.29 40.44
CA LYS C 198 -14.37 12.26 41.55
C LYS C 198 -13.16 13.22 41.51
N LEU C 199 -11.95 12.67 41.46
CA LEU C 199 -10.66 13.43 41.38
C LEU C 199 -10.64 14.25 40.08
N CYS C 200 -10.90 13.61 38.93
CA CYS C 200 -10.81 14.26 37.59
C CYS C 200 -11.76 15.45 37.52
N PHE C 201 -13.01 15.29 37.97
CA PHE C 201 -14.03 16.37 38.00
C PHE C 201 -13.57 17.50 38.94
N GLN C 202 -13.09 17.16 40.15
CA GLN C 202 -12.56 18.16 41.13
C GLN C 202 -11.51 19.03 40.43
N VAL C 203 -10.48 18.41 39.87
CA VAL C 203 -9.32 19.10 39.22
C VAL C 203 -9.84 20.07 38.16
N LEU C 204 -10.63 19.56 37.20
CA LEU C 204 -11.20 20.37 36.09
C LEU C 204 -12.01 21.53 36.67
N GLU C 205 -12.97 21.23 37.54
CA GLU C 205 -13.83 22.26 38.17
C GLU C 205 -12.96 23.25 38.95
N GLN C 206 -12.05 22.75 39.80
CA GLN C 206 -11.22 23.60 40.70
C GLN C 206 -10.21 24.40 39.86
N GLY C 207 -9.57 23.76 38.87
CA GLY C 207 -8.76 24.44 37.84
C GLY C 207 -7.41 24.91 38.36
N SER C 208 -6.75 25.75 37.56
CA SER C 208 -5.51 26.55 37.81
C SER C 208 -4.46 26.21 36.74
N SER C 209 -3.48 25.36 37.05
CA SER C 209 -2.38 24.99 36.11
C SER C 209 -2.98 24.42 34.82
N SER C 210 -2.65 25.01 33.68
CA SER C 210 -3.15 24.60 32.34
C SER C 210 -2.64 23.18 32.02
N SER C 211 -1.35 22.91 32.26
CA SER C 211 -0.72 21.58 32.03
C SER C 211 -1.50 20.50 32.78
N LEU C 212 -1.85 20.75 34.05
CA LEU C 212 -2.67 19.82 34.88
C LEU C 212 -4.01 19.58 34.18
N ILE C 213 -4.67 20.66 33.75
CA ILE C 213 -6.00 20.60 33.06
C ILE C 213 -5.82 19.79 31.77
N VAL C 214 -4.75 20.04 31.01
CA VAL C 214 -4.48 19.31 29.73
C VAL C 214 -4.33 17.82 30.05
N ALA C 215 -3.44 17.47 30.98
CA ALA C 215 -3.16 16.07 31.39
C ALA C 215 -4.45 15.40 31.87
N THR C 216 -5.29 16.10 32.64
CA THR C 216 -6.60 15.62 33.16
C THR C 216 -7.56 15.36 31.99
N LEU C 217 -7.62 16.30 31.03
CA LEU C 217 -8.49 16.21 29.83
C LEU C 217 -7.99 15.12 28.88
N GLU C 218 -6.67 14.92 28.79
CA GLU C 218 -6.03 13.81 28.03
C GLU C 218 -6.56 12.48 28.57
N SER C 219 -6.64 12.33 29.89
CA SER C 219 -7.09 11.08 30.56
C SER C 219 -8.59 10.88 30.31
N LEU C 220 -9.39 11.96 30.33
CA LEU C 220 -10.87 11.90 30.10
C LEU C 220 -11.14 11.37 28.69
N LEU C 221 -10.34 11.76 27.69
CA LEU C 221 -10.47 11.30 26.28
C LEU C 221 -10.44 9.77 26.26
N ARG C 222 -9.52 9.16 27.01
CA ARG C 222 -9.35 7.68 27.10
C ARG C 222 -10.57 7.07 27.82
N TYR C 223 -11.01 7.66 28.93
CA TYR C 223 -12.16 7.14 29.72
C TYR C 223 -13.41 7.09 28.84
N LEU C 224 -13.57 8.07 27.95
CA LEU C 224 -14.81 8.24 27.15
C LEU C 224 -15.01 7.07 26.19
N HIS C 225 -13.94 6.29 25.91
CA HIS C 225 -13.98 5.07 25.08
C HIS C 225 -14.82 3.97 25.77
N TRP C 226 -14.93 3.97 27.11
CA TRP C 226 -15.48 2.78 27.85
C TRP C 226 -16.45 3.13 28.98
N ILE C 227 -16.38 4.32 29.60
CA ILE C 227 -17.17 4.64 30.83
C ILE C 227 -18.66 4.73 30.47
N PRO C 228 -19.57 4.48 31.43
CA PRO C 228 -21.00 4.66 31.21
C PRO C 228 -21.35 6.14 30.95
N TYR C 229 -22.44 6.38 30.20
CA TYR C 229 -22.86 7.72 29.69
C TYR C 229 -23.16 8.67 30.86
N ARG C 230 -23.67 8.13 31.98
CA ARG C 230 -24.20 8.91 33.14
C ARG C 230 -23.11 9.82 33.73
N TYR C 231 -21.83 9.46 33.61
CA TYR C 231 -20.69 10.29 34.09
C TYR C 231 -20.57 11.58 33.27
N ILE C 232 -21.07 11.57 32.03
CA ILE C 232 -21.05 12.74 31.10
C ILE C 232 -22.35 13.53 31.24
N TYR C 233 -23.49 12.85 31.38
CA TYR C 233 -24.84 13.45 31.23
C TYR C 233 -25.45 13.82 32.59
N GLU C 234 -25.11 13.12 33.68
CA GLU C 234 -25.69 13.37 35.04
C GLU C 234 -24.66 14.08 35.93
N THR C 235 -23.73 14.84 35.33
CA THR C 235 -22.80 15.76 36.03
C THR C 235 -22.80 17.11 35.30
N ASN C 236 -21.96 18.05 35.73
CA ASN C 236 -21.85 19.41 35.13
C ASN C 236 -20.76 19.40 34.04
N ILE C 237 -20.19 18.25 33.70
CA ILE C 237 -18.91 18.14 32.91
C ILE C 237 -19.11 18.63 31.47
N LEU C 238 -20.30 18.43 30.88
CA LEU C 238 -20.60 18.91 29.50
C LEU C 238 -20.52 20.43 29.44
N GLU C 239 -21.10 21.14 30.42
CA GLU C 239 -21.06 22.63 30.50
C GLU C 239 -19.58 23.06 30.52
N LEU C 240 -18.74 22.37 31.29
CA LEU C 240 -17.31 22.73 31.49
C LEU C 240 -16.52 22.52 30.18
N LEU C 241 -16.70 21.38 29.52
CA LEU C 241 -15.99 21.05 28.25
C LEU C 241 -16.43 22.04 27.16
N SER C 242 -17.74 22.26 27.02
CA SER C 242 -18.34 23.02 25.89
C SER C 242 -18.21 24.54 26.09
N THR C 243 -17.90 25.03 27.30
CA THR C 243 -17.76 26.49 27.60
C THR C 243 -16.33 26.81 28.08
N LYS C 244 -16.02 26.48 29.33
CA LYS C 244 -14.75 26.87 30.00
C LYS C 244 -13.54 26.48 29.12
N PHE C 245 -13.43 25.20 28.73
CA PHE C 245 -12.18 24.61 28.19
C PHE C 245 -12.02 24.94 26.69
N MET C 246 -13.04 25.52 26.07
CA MET C 246 -12.99 25.95 24.65
C MET C 246 -12.37 27.34 24.54
N THR C 247 -12.51 28.18 25.59
CA THR C 247 -11.99 29.58 25.61
C THR C 247 -10.45 29.60 25.64
N SER C 248 -9.82 28.81 26.52
CA SER C 248 -8.34 28.73 26.67
C SER C 248 -7.75 27.82 25.59
N PRO C 249 -6.76 28.30 24.79
CA PRO C 249 -6.25 27.54 23.64
C PRO C 249 -5.42 26.28 23.90
N ASP C 250 -4.80 26.14 25.07
CA ASP C 250 -3.96 24.97 25.44
C ASP C 250 -4.86 23.75 25.71
N THR C 251 -6.11 23.97 26.14
CA THR C 251 -7.14 22.94 26.46
C THR C 251 -8.13 22.77 25.30
N ARG C 252 -8.12 23.68 24.32
CA ARG C 252 -9.09 23.75 23.19
C ARG C 252 -8.97 22.48 22.33
N ALA C 253 -7.75 22.10 21.95
CA ALA C 253 -7.45 20.93 21.08
C ALA C 253 -8.03 19.66 21.70
N ILE C 254 -7.69 19.40 22.97
CA ILE C 254 -8.04 18.14 23.68
C ILE C 254 -9.54 18.12 24.00
N THR C 255 -10.12 19.25 24.43
CA THR C 255 -11.57 19.37 24.76
C THR C 255 -12.40 19.01 23.52
N LEU C 256 -11.95 19.48 22.35
CA LEU C 256 -12.67 19.29 21.07
C LEU C 256 -12.62 17.81 20.70
N LYS C 257 -11.47 17.14 20.93
CA LYS C 257 -11.31 15.68 20.74
C LYS C 257 -12.24 14.94 21.71
N CYS C 258 -12.39 15.43 22.94
CA CYS C 258 -13.27 14.83 23.98
C CYS C 258 -14.72 14.91 23.51
N LEU C 259 -15.14 16.10 23.07
CA LEU C 259 -16.54 16.37 22.63
C LEU C 259 -16.87 15.51 21.40
N THR C 260 -15.90 15.30 20.49
CA THR C 260 -16.03 14.38 19.33
C THR C 260 -16.35 12.96 19.82
N GLU C 261 -15.61 12.48 20.82
CA GLU C 261 -15.81 11.13 21.42
C GLU C 261 -17.14 11.09 22.19
N VAL C 262 -17.55 12.20 22.83
CA VAL C 262 -18.83 12.28 23.60
C VAL C 262 -20.00 12.02 22.66
N SER C 263 -19.93 12.50 21.42
CA SER C 263 -20.98 12.36 20.38
C SER C 263 -21.17 10.87 20.06
N ASN C 264 -20.11 10.07 20.17
CA ASN C 264 -20.12 8.61 19.87
C ASN C 264 -20.53 7.78 21.10
N LEU C 265 -20.78 8.39 22.26
CA LEU C 265 -21.23 7.65 23.49
C LEU C 265 -22.60 7.02 23.23
N LYS C 266 -22.82 5.78 23.70
CA LYS C 266 -24.13 5.09 23.60
C LYS C 266 -25.10 5.77 24.57
N ILE C 267 -26.28 6.16 24.07
CA ILE C 267 -27.27 7.08 24.74
C ILE C 267 -28.69 6.59 24.43
N PRO C 268 -29.63 6.63 25.40
CA PRO C 268 -31.03 6.27 25.11
C PRO C 268 -31.63 7.27 24.12
N GLN C 269 -32.39 6.79 23.13
CA GLN C 269 -32.99 7.64 22.07
C GLN C 269 -34.36 8.18 22.51
N ASP C 270 -34.86 7.75 23.68
CA ASP C 270 -36.24 8.01 24.15
C ASP C 270 -36.25 9.06 25.29
N ASN C 271 -35.10 9.67 25.60
CA ASN C 271 -34.95 10.64 26.72
C ASN C 271 -34.90 12.06 26.17
N ASP C 272 -35.86 12.91 26.54
CA ASP C 272 -36.00 14.29 26.03
C ASP C 272 -34.94 15.19 26.69
N LEU C 273 -34.55 14.93 27.94
CA LEU C 273 -33.54 15.76 28.66
C LEU C 273 -32.16 15.55 28.00
N ILE C 274 -31.71 14.30 27.93
CA ILE C 274 -30.42 13.88 27.27
C ILE C 274 -30.34 14.50 25.86
N LYS C 275 -31.47 14.63 25.16
CA LYS C 275 -31.57 15.29 23.83
C LYS C 275 -31.24 16.78 23.95
N ARG C 276 -31.87 17.49 24.89
CA ARG C 276 -31.61 18.93 25.14
C ARG C 276 -30.12 19.12 25.47
N GLN C 277 -29.54 18.19 26.25
CA GLN C 277 -28.14 18.24 26.69
C GLN C 277 -27.20 18.03 25.48
N THR C 278 -27.60 17.18 24.54
CA THR C 278 -26.83 16.92 23.28
C THR C 278 -26.88 18.18 22.41
N VAL C 279 -28.03 18.85 22.37
CA VAL C 279 -28.21 20.16 21.66
C VAL C 279 -27.40 21.25 22.37
N LEU C 280 -27.43 21.29 23.70
CA LEU C 280 -26.83 22.39 24.51
C LEU C 280 -25.30 22.43 24.32
N PHE C 281 -24.61 21.29 24.40
CA PHE C 281 -23.12 21.25 24.38
C PHE C 281 -22.65 21.65 22.98
N PHE C 282 -23.44 21.36 21.94
CA PHE C 282 -23.15 21.74 20.54
C PHE C 282 -23.29 23.27 20.42
N GLN C 283 -24.42 23.81 20.88
CA GLN C 283 -24.70 25.26 20.93
C GLN C 283 -23.55 25.98 21.63
N ASN C 284 -23.12 25.45 22.78
CA ASN C 284 -22.05 26.04 23.63
C ASN C 284 -20.74 26.07 22.84
N THR C 285 -20.34 24.94 22.27
CA THR C 285 -19.04 24.76 21.54
C THR C 285 -18.96 25.72 20.35
N LEU C 286 -19.99 25.75 19.50
CA LEU C 286 -20.10 26.64 18.31
C LEU C 286 -20.06 28.12 18.73
N GLN C 287 -20.76 28.48 19.82
CA GLN C 287 -20.77 29.84 20.43
C GLN C 287 -19.33 30.23 20.79
N GLN C 288 -18.57 29.35 21.44
CA GLN C 288 -17.16 29.61 21.85
C GLN C 288 -16.27 29.77 20.61
N ILE C 289 -16.47 28.99 19.54
CA ILE C 289 -15.68 29.08 18.28
C ILE C 289 -15.92 30.46 17.67
N ALA C 290 -17.19 30.84 17.52
CA ALA C 290 -17.67 32.08 16.88
C ALA C 290 -17.10 33.32 17.58
N THR C 291 -16.92 33.28 18.92
CA THR C 291 -16.50 34.45 19.72
C THR C 291 -15.00 34.40 20.07
N SER C 292 -14.38 33.22 20.22
CA SER C 292 -13.01 33.06 20.79
C SER C 292 -11.96 32.65 19.73
N VAL C 293 -12.37 32.09 18.57
CA VAL C 293 -11.41 31.59 17.54
C VAL C 293 -11.61 32.35 16.21
N MET C 294 -12.73 32.14 15.52
CA MET C 294 -13.05 32.89 14.27
C MET C 294 -14.55 32.82 13.99
N PRO C 295 -15.14 33.87 13.36
CA PRO C 295 -16.54 33.84 12.97
C PRO C 295 -16.82 32.89 11.79
N VAL C 296 -18.10 32.68 11.49
CA VAL C 296 -18.60 31.79 10.40
C VAL C 296 -18.04 32.28 9.06
N THR C 297 -17.87 33.59 8.88
CA THR C 297 -17.51 34.21 7.58
C THR C 297 -16.00 34.14 7.31
N ALA C 298 -15.19 33.67 8.26
CA ALA C 298 -13.71 33.66 8.17
C ALA C 298 -13.26 32.78 7.00
N ASP C 299 -12.19 33.20 6.32
CA ASP C 299 -11.54 32.48 5.19
C ASP C 299 -10.59 31.42 5.77
N LEU C 300 -11.10 30.22 6.05
CA LEU C 300 -10.33 29.13 6.70
C LEU C 300 -9.28 28.59 5.73
N LYS C 301 -9.50 28.74 4.41
CA LYS C 301 -8.54 28.39 3.32
C LYS C 301 -7.23 29.17 3.54
N ALA C 302 -7.33 30.50 3.64
CA ALA C 302 -6.19 31.41 3.91
C ALA C 302 -5.53 31.05 5.25
N THR C 303 -6.31 30.83 6.31
CA THR C 303 -5.80 30.53 7.67
C THR C 303 -4.97 29.24 7.64
N TYR C 304 -5.49 28.18 7.02
CA TYR C 304 -4.84 26.85 6.95
C TYR C 304 -3.53 26.98 6.18
N ALA C 305 -3.57 27.59 5.00
CA ALA C 305 -2.42 27.79 4.08
C ALA C 305 -1.29 28.51 4.82
N ASN C 306 -1.61 29.48 5.69
CA ASN C 306 -0.62 30.29 6.46
C ASN C 306 0.02 29.44 7.54
N ALA C 307 -0.75 28.54 8.17
CA ALA C 307 -0.26 27.38 8.96
C ALA C 307 0.41 27.85 10.27
N ASN C 308 -0.11 28.89 10.91
CA ASN C 308 0.46 29.44 12.17
C ASN C 308 0.08 28.54 13.35
N GLY C 309 0.99 28.39 14.32
CA GLY C 309 0.82 27.54 15.51
C GLY C 309 0.17 26.21 15.16
N ASN C 310 -0.93 25.88 15.84
CA ASN C 310 -1.67 24.59 15.70
C ASN C 310 -3.03 24.85 15.05
N ASP C 311 -3.13 25.91 14.25
CA ASP C 311 -4.34 26.24 13.44
C ASP C 311 -4.74 25.01 12.63
N GLN C 312 -3.79 24.34 11.96
CA GLN C 312 -4.05 23.19 11.05
C GLN C 312 -4.69 22.04 11.84
N SER C 313 -4.07 21.59 12.94
CA SER C 313 -4.57 20.47 13.79
C SER C 313 -5.94 20.83 14.38
N PHE C 314 -6.14 22.09 14.74
CA PHE C 314 -7.41 22.59 15.34
C PHE C 314 -8.53 22.55 14.29
N LEU C 315 -8.28 23.09 13.10
CA LEU C 315 -9.28 23.09 11.98
C LEU C 315 -9.61 21.65 11.58
N GLN C 316 -8.62 20.76 11.53
CA GLN C 316 -8.83 19.29 11.32
C GLN C 316 -9.77 18.76 12.40
N ASP C 317 -9.53 19.12 13.67
CA ASP C 317 -10.29 18.61 14.85
C ASP C 317 -11.71 19.18 14.83
N LEU C 318 -11.89 20.41 14.35
CA LEU C 318 -13.23 21.05 14.17
C LEU C 318 -14.03 20.27 13.12
N ALA C 319 -13.43 19.98 11.96
CA ALA C 319 -14.05 19.19 10.87
C ALA C 319 -14.50 17.84 11.42
N MET C 320 -13.65 17.14 12.16
CA MET C 320 -13.95 15.83 12.77
C MET C 320 -15.14 15.97 13.73
N PHE C 321 -15.18 17.03 14.55
CA PHE C 321 -16.24 17.29 15.56
C PHE C 321 -17.59 17.55 14.87
N LEU C 322 -17.63 18.51 13.95
CA LEU C 322 -18.88 18.92 13.25
C LEU C 322 -19.46 17.71 12.51
N THR C 323 -18.65 16.98 11.73
CA THR C 323 -19.09 15.83 10.89
C THR C 323 -19.54 14.67 11.78
N THR C 324 -18.77 14.31 12.81
CA THR C 324 -19.14 13.26 13.80
C THR C 324 -20.49 13.60 14.41
N TYR C 325 -20.64 14.81 14.98
CA TYR C 325 -21.86 15.25 15.70
C TYR C 325 -23.04 15.31 14.73
N LEU C 326 -22.89 16.00 13.59
CA LEU C 326 -24.00 16.26 12.64
C LEU C 326 -24.46 14.96 11.96
N ALA C 327 -23.53 14.02 11.70
CA ALA C 327 -23.83 12.70 11.10
C ALA C 327 -24.75 11.90 12.04
N ARG C 328 -24.63 12.07 13.35
CA ARG C 328 -25.43 11.31 14.34
C ARG C 328 -26.68 12.09 14.78
N ASN C 329 -26.59 13.42 14.91
CA ASN C 329 -27.54 14.22 15.75
C ASN C 329 -28.23 15.35 14.98
N ARG C 330 -27.93 15.58 13.70
CA ARG C 330 -28.46 16.78 12.98
C ARG C 330 -29.99 16.74 12.96
N ALA C 331 -30.60 15.55 13.06
CA ALA C 331 -32.06 15.34 13.13
C ALA C 331 -32.66 16.11 14.32
N LEU C 332 -31.93 16.20 15.44
CA LEU C 332 -32.34 16.97 16.65
C LEU C 332 -32.53 18.45 16.31
N LEU C 333 -31.78 18.98 15.34
CA LEU C 333 -31.68 20.44 15.05
C LEU C 333 -32.64 20.83 13.92
N GLU C 334 -33.32 19.86 13.29
CA GLU C 334 -34.07 20.07 12.02
C GLU C 334 -35.54 20.42 12.29
N SER C 335 -36.08 20.08 13.46
CA SER C 335 -37.52 20.23 13.83
C SER C 335 -37.76 21.60 14.47
N ASP C 336 -37.08 21.88 15.59
CA ASP C 336 -37.20 23.14 16.37
C ASP C 336 -36.60 24.29 15.54
N GLU C 337 -37.40 25.32 15.24
CA GLU C 337 -37.01 26.45 14.36
C GLU C 337 -36.10 27.45 15.13
N SER C 338 -36.03 27.34 16.45
CA SER C 338 -35.05 28.09 17.29
C SER C 338 -33.63 27.54 17.06
N LEU C 339 -33.52 26.27 16.64
CA LEU C 339 -32.23 25.56 16.42
C LEU C 339 -31.79 25.66 14.95
N ARG C 340 -32.63 26.24 14.07
CA ARG C 340 -32.35 26.37 12.62
C ARG C 340 -31.02 27.11 12.42
N GLU C 341 -30.81 28.25 13.09
CA GLU C 341 -29.59 29.07 12.92
C GLU C 341 -28.34 28.26 13.34
N LEU C 342 -28.43 27.46 14.41
CA LEU C 342 -27.29 26.64 14.92
C LEU C 342 -26.94 25.54 13.91
N LEU C 343 -27.95 24.95 13.27
CA LEU C 343 -27.78 23.88 12.26
C LEU C 343 -27.06 24.46 11.04
N LEU C 344 -27.53 25.58 10.50
CA LEU C 344 -26.98 26.21 9.26
C LEU C 344 -25.60 26.82 9.54
N ASN C 345 -25.35 27.36 10.74
CA ASN C 345 -24.02 27.91 11.15
C ASN C 345 -22.99 26.78 11.13
N ALA C 346 -23.31 25.64 11.73
CA ALA C 346 -22.46 24.43 11.79
C ALA C 346 -22.14 23.96 10.36
N HIS C 347 -23.13 23.94 9.48
CA HIS C 347 -22.98 23.53 8.07
C HIS C 347 -22.16 24.59 7.33
N GLN C 348 -22.31 25.87 7.67
CA GLN C 348 -21.56 26.98 7.03
C GLN C 348 -20.08 26.91 7.46
N TYR C 349 -19.79 26.41 8.66
CA TYR C 349 -18.39 26.17 9.12
C TYR C 349 -17.77 25.07 8.24
N LEU C 350 -18.54 24.03 7.93
CA LEU C 350 -18.09 22.88 7.11
C LEU C 350 -17.85 23.35 5.67
N ILE C 351 -18.69 24.24 5.16
CA ILE C 351 -18.53 24.84 3.81
C ILE C 351 -17.14 25.50 3.74
N GLN C 352 -16.82 26.34 4.73
CA GLN C 352 -15.54 27.08 4.80
C GLN C 352 -14.41 26.07 4.96
N LEU C 353 -14.59 25.05 5.79
CA LEU C 353 -13.59 23.95 5.98
C LEU C 353 -13.37 23.21 4.65
N SER C 354 -14.43 22.99 3.87
CA SER C 354 -14.37 22.24 2.58
C SER C 354 -13.51 22.98 1.55
N LYS C 355 -13.39 24.31 1.66
CA LYS C 355 -12.62 25.12 0.70
C LYS C 355 -11.11 25.04 1.01
N ILE C 356 -10.73 24.50 2.17
CA ILE C 356 -9.29 24.37 2.56
C ILE C 356 -8.58 23.46 1.55
N GLU C 357 -7.37 23.86 1.15
CA GLU C 357 -6.52 23.15 0.15
C GLU C 357 -5.70 22.09 0.87
N GLU C 358 -6.37 21.00 1.26
CA GLU C 358 -5.81 19.81 1.97
C GLU C 358 -6.63 18.59 1.56
N ARG C 359 -6.03 17.69 0.78
CA ARG C 359 -6.73 16.52 0.17
C ARG C 359 -7.38 15.68 1.28
N GLU C 360 -6.63 15.32 2.32
CA GLU C 360 -7.14 14.41 3.39
C GLU C 360 -8.27 15.12 4.16
N LEU C 361 -8.13 16.41 4.47
CA LEU C 361 -9.20 17.18 5.16
C LEU C 361 -10.44 17.24 4.27
N PHE C 362 -10.28 17.50 2.97
CA PHE C 362 -11.39 17.60 1.98
C PHE C 362 -12.12 16.26 1.92
N LYS C 363 -11.39 15.14 1.89
CA LYS C 363 -11.96 13.77 1.89
C LYS C 363 -12.87 13.61 3.11
N THR C 364 -12.44 14.08 4.29
CA THR C 364 -13.21 13.95 5.56
C THR C 364 -14.54 14.69 5.43
N THR C 365 -14.51 15.92 4.91
CA THR C 365 -15.73 16.76 4.74
C THR C 365 -16.62 16.12 3.68
N LEU C 366 -16.04 15.64 2.58
CA LEU C 366 -16.78 15.06 1.43
C LEU C 366 -17.55 13.83 1.92
N ASP C 367 -16.96 13.03 2.82
CA ASP C 367 -17.64 11.85 3.42
C ASP C 367 -18.92 12.35 4.11
N TYR C 368 -18.84 13.46 4.86
CA TYR C 368 -20.02 14.02 5.55
C TYR C 368 -21.04 14.51 4.51
N TRP C 369 -20.59 15.30 3.53
CA TRP C 369 -21.48 15.87 2.49
C TRP C 369 -22.25 14.76 1.77
N HIS C 370 -21.59 13.63 1.45
CA HIS C 370 -22.23 12.42 0.87
C HIS C 370 -23.34 11.95 1.79
N ASN C 371 -23.03 11.80 3.08
CA ASN C 371 -24.00 11.35 4.11
C ASN C 371 -25.23 12.28 4.08
N LEU C 372 -25.03 13.59 3.98
CA LEU C 372 -26.12 14.60 4.02
C LEU C 372 -26.95 14.50 2.73
N VAL C 373 -26.34 14.72 1.56
CA VAL C 373 -27.09 14.86 0.28
C VAL C 373 -27.84 13.56 -0.02
N ALA C 374 -27.30 12.41 0.34
CA ALA C 374 -27.98 11.09 0.24
C ALA C 374 -29.22 11.11 1.13
N ASP C 375 -29.10 11.70 2.32
CA ASP C 375 -30.21 11.82 3.29
C ASP C 375 -31.30 12.72 2.68
N LEU C 376 -30.93 13.85 2.07
CA LEU C 376 -31.87 14.83 1.45
C LEU C 376 -32.53 14.20 0.21
N PHE C 377 -31.86 13.25 -0.44
CA PHE C 377 -32.37 12.51 -1.62
C PHE C 377 -33.48 11.56 -1.21
N TYR C 378 -33.27 10.80 -0.13
CA TYR C 378 -34.27 9.79 0.31
C TYR C 378 -35.17 10.29 1.44
N GLU C 379 -34.65 11.13 2.35
CA GLU C 379 -35.46 11.59 3.51
C GLU C 379 -36.52 12.62 3.10
N PRO C 380 -37.80 12.42 3.46
CA PRO C 380 -38.88 13.36 3.14
C PRO C 380 -38.88 14.64 3.99
N LEU C 381 -39.29 15.76 3.38
CA LEU C 381 -39.42 17.07 4.06
C LEU C 381 -38.12 17.47 4.75
N LYS C 382 -36.97 17.27 4.10
CA LYS C 382 -35.67 17.66 4.71
C LYS C 382 -34.97 18.72 3.85
N LYS C 383 -35.04 18.61 2.51
CA LYS C 383 -34.09 19.27 1.57
C LYS C 383 -34.24 20.80 1.61
N HIS C 384 -35.44 21.34 1.80
CA HIS C 384 -35.76 22.80 1.76
C HIS C 384 -34.96 23.59 2.82
N ILE C 385 -34.63 22.94 3.93
CA ILE C 385 -33.79 23.48 5.05
C ILE C 385 -32.43 23.92 4.50
N TYR C 386 -31.85 23.13 3.59
CA TYR C 386 -30.40 23.14 3.27
C TYR C 386 -30.13 23.76 1.88
N GLU C 387 -31.11 24.41 1.27
CA GLU C 387 -31.01 24.84 -0.16
C GLU C 387 -29.83 25.79 -0.33
N GLU C 388 -29.57 26.67 0.65
CA GLU C 388 -28.46 27.67 0.59
C GLU C 388 -27.11 26.97 0.84
N ILE C 389 -27.06 26.00 1.76
CA ILE C 389 -25.85 25.17 1.99
C ILE C 389 -25.52 24.38 0.72
N CYS C 390 -26.54 23.78 0.09
CA CYS C 390 -26.41 22.91 -1.11
C CYS C 390 -25.88 23.70 -2.30
N SER C 391 -26.30 24.96 -2.45
CA SER C 391 -25.90 25.87 -3.55
C SER C 391 -24.41 26.17 -3.44
N GLN C 392 -23.94 26.46 -2.22
CA GLN C 392 -22.51 26.74 -1.92
C GLN C 392 -21.68 25.48 -2.22
N LEU C 393 -22.21 24.29 -1.89
CA LEU C 393 -21.51 22.98 -2.01
C LEU C 393 -21.32 22.63 -3.50
N ARG C 394 -22.31 22.93 -4.34
CA ARG C 394 -22.21 22.77 -5.82
C ARG C 394 -20.93 23.46 -6.29
N LEU C 395 -20.68 24.71 -5.89
CA LEU C 395 -19.45 25.47 -6.27
C LEU C 395 -18.22 24.75 -5.72
N VAL C 396 -18.24 24.33 -4.46
CA VAL C 396 -17.07 23.70 -3.79
C VAL C 396 -16.65 22.46 -4.58
N ILE C 397 -17.58 21.55 -4.88
CA ILE C 397 -17.31 20.26 -5.58
C ILE C 397 -16.83 20.56 -7.01
N ILE C 398 -17.54 21.42 -7.73
CA ILE C 398 -17.25 21.76 -9.16
C ILE C 398 -15.83 22.36 -9.26
N GLU C 399 -15.42 23.19 -8.28
CA GLU C 399 -14.10 23.89 -8.29
C GLU C 399 -12.98 22.94 -7.87
N ASN C 400 -13.30 21.81 -7.24
CA ASN C 400 -12.31 20.84 -6.71
C ASN C 400 -12.46 19.49 -7.41
N MET C 401 -13.13 19.44 -8.57
CA MET C 401 -13.29 18.17 -9.32
C MET C 401 -11.91 17.64 -9.69
N VAL C 402 -11.66 16.35 -9.48
CA VAL C 402 -10.38 15.68 -9.84
C VAL C 402 -10.62 14.82 -11.10
N ARG C 403 -9.52 14.39 -11.73
CA ARG C 403 -9.62 13.57 -12.97
C ARG C 403 -10.17 12.20 -12.60
N PRO C 404 -10.74 11.44 -13.57
CA PRO C 404 -11.32 10.11 -13.32
C PRO C 404 -10.30 9.03 -12.88
N GLU C 405 -9.01 9.24 -13.16
CA GLU C 405 -7.91 8.31 -12.78
C GLU C 405 -7.90 8.16 -11.26
N GLU C 406 -8.11 9.25 -10.51
CA GLU C 406 -8.22 9.18 -9.04
C GLU C 406 -9.66 8.76 -8.75
N ILE C 407 -9.90 7.45 -8.80
CA ILE C 407 -11.22 6.75 -8.69
C ILE C 407 -11.93 7.03 -7.35
N GLN C 408 -11.26 6.77 -6.22
CA GLN C 408 -11.93 6.91 -4.91
C GLN C 408 -12.43 8.35 -4.70
N LEU C 409 -11.61 9.34 -5.04
CA LEU C 409 -11.98 10.77 -4.81
C LEU C 409 -13.02 11.20 -5.85
N TYR C 410 -12.75 10.90 -7.12
CA TYR C 410 -13.63 11.24 -8.27
C TYR C 410 -15.03 10.64 -8.07
N LYS C 411 -15.10 9.34 -7.79
CA LYS C 411 -16.39 8.62 -7.56
C LYS C 411 -17.11 9.23 -6.35
N SER C 412 -16.38 9.63 -5.30
CA SER C 412 -16.93 10.35 -4.11
C SER C 412 -17.54 11.68 -4.58
N GLU C 413 -16.79 12.45 -5.37
CA GLU C 413 -17.21 13.77 -5.89
C GLU C 413 -18.38 13.60 -6.87
N ARG C 414 -18.28 12.65 -7.81
CA ARG C 414 -19.37 12.38 -8.80
C ARG C 414 -20.67 12.13 -8.02
N GLU C 415 -20.61 11.26 -7.02
CA GLU C 415 -21.82 10.77 -6.31
C GLU C 415 -22.48 11.94 -5.57
N VAL C 416 -21.71 12.82 -4.91
CA VAL C 416 -22.23 14.01 -4.17
C VAL C 416 -22.85 14.97 -5.19
N LEU C 417 -22.16 15.26 -6.29
CA LEU C 417 -22.58 16.26 -7.30
C LEU C 417 -23.79 15.73 -8.08
N VAL C 418 -23.88 14.41 -8.27
CA VAL C 418 -25.07 13.75 -8.92
C VAL C 418 -26.28 13.97 -8.02
N TYR C 419 -26.16 13.66 -6.72
CA TYR C 419 -27.23 13.89 -5.71
C TYR C 419 -27.63 15.38 -5.75
N LEU C 420 -26.65 16.29 -5.72
CA LEU C 420 -26.87 17.77 -5.68
C LEU C 420 -27.59 18.25 -6.93
N THR C 421 -27.31 17.64 -8.09
CA THR C 421 -27.94 17.96 -9.40
C THR C 421 -29.41 17.54 -9.39
N HIS C 422 -29.73 16.36 -8.83
CA HIS C 422 -31.13 15.87 -8.67
C HIS C 422 -31.92 16.84 -7.78
N LEU C 423 -31.30 17.32 -6.69
CA LEU C 423 -31.97 18.14 -5.65
C LEU C 423 -32.33 19.51 -6.25
N ASN C 424 -31.55 20.01 -7.21
CA ASN C 424 -31.85 21.29 -7.91
C ASN C 424 -31.09 21.36 -9.24
N VAL C 425 -31.69 20.82 -10.29
CA VAL C 425 -31.08 20.70 -11.65
C VAL C 425 -30.82 22.10 -12.22
N ILE C 426 -31.70 23.07 -11.93
CA ILE C 426 -31.61 24.46 -12.48
C ILE C 426 -30.37 25.15 -11.91
N ASP C 427 -30.13 25.05 -10.59
CA ASP C 427 -29.01 25.74 -9.90
C ASP C 427 -27.67 25.21 -10.45
N THR C 428 -27.51 23.90 -10.54
CA THR C 428 -26.27 23.23 -11.05
C THR C 428 -25.97 23.73 -12.47
N GLU C 429 -26.99 23.80 -13.32
CA GLU C 429 -26.88 24.27 -14.74
C GLU C 429 -26.25 25.67 -14.75
N GLU C 430 -26.81 26.62 -13.98
CA GLU C 430 -26.38 28.04 -13.93
C GLU C 430 -24.91 28.14 -13.50
N ILE C 431 -24.52 27.43 -12.44
CA ILE C 431 -23.16 27.49 -11.84
C ILE C 431 -22.13 27.06 -12.88
N MET C 432 -22.37 25.93 -13.56
CA MET C 432 -21.46 25.37 -14.59
C MET C 432 -21.42 26.28 -15.81
N ILE C 433 -22.58 26.76 -16.28
CA ILE C 433 -22.67 27.68 -17.45
C ILE C 433 -21.92 28.97 -17.11
N SER C 434 -22.18 29.55 -15.94
CA SER C 434 -21.53 30.82 -15.49
C SER C 434 -20.03 30.59 -15.36
N LYS C 435 -19.59 29.45 -14.82
CA LYS C 435 -18.15 29.09 -14.71
C LYS C 435 -17.51 29.00 -16.10
N LEU C 436 -18.26 28.48 -17.07
CA LEU C 436 -17.83 28.36 -18.48
C LEU C 436 -17.65 29.77 -19.06
N ALA C 437 -18.62 30.66 -18.80
CA ALA C 437 -18.61 32.09 -19.19
C ALA C 437 -17.35 32.78 -18.63
N ARG C 438 -16.97 32.47 -17.39
CA ARG C 438 -15.73 33.00 -16.72
C ARG C 438 -14.50 32.58 -17.51
N GLN C 439 -14.44 31.34 -17.99
CA GLN C 439 -13.34 30.82 -18.87
C GLN C 439 -13.32 31.64 -20.18
N ILE C 440 -14.50 31.86 -20.79
CA ILE C 440 -14.66 32.61 -22.08
C ILE C 440 -14.20 34.06 -21.88
N ASP C 441 -14.59 34.71 -20.79
CA ASP C 441 -14.22 36.13 -20.49
C ASP C 441 -12.73 36.20 -20.14
N GLY C 442 -12.16 35.13 -19.57
CA GLY C 442 -10.71 34.93 -19.40
C GLY C 442 -10.20 35.24 -17.99
N SER C 443 -11.05 35.75 -17.09
CA SER C 443 -10.67 36.15 -15.70
C SER C 443 -10.17 34.93 -14.92
N GLU C 444 -10.79 33.76 -15.13
CA GLU C 444 -10.42 32.48 -14.46
C GLU C 444 -9.79 31.50 -15.45
N TRP C 445 -9.51 31.93 -16.70
CA TRP C 445 -9.00 31.04 -17.78
C TRP C 445 -7.66 30.41 -17.36
N SER C 446 -7.57 29.08 -17.48
CA SER C 446 -6.36 28.28 -17.16
C SER C 446 -6.54 26.86 -17.70
N TRP C 447 -5.44 26.15 -17.96
CA TRP C 447 -5.45 24.74 -18.44
C TRP C 447 -6.10 23.86 -17.37
N HIS C 448 -5.69 24.01 -16.10
CA HIS C 448 -6.23 23.25 -14.94
C HIS C 448 -7.71 23.56 -14.76
N ASN C 449 -8.09 24.85 -14.79
CA ASN C 449 -9.47 25.31 -14.53
C ASN C 449 -10.43 24.72 -15.58
N ILE C 450 -10.11 24.82 -16.88
CA ILE C 450 -10.99 24.34 -17.98
C ILE C 450 -11.11 22.81 -17.89
N ASN C 451 -10.00 22.10 -17.63
CA ASN C 451 -9.94 20.62 -17.47
C ASN C 451 -10.82 20.20 -16.30
N THR C 452 -10.67 20.88 -15.15
CA THR C 452 -11.34 20.55 -13.86
C THR C 452 -12.85 20.78 -14.03
N LEU C 453 -13.24 21.86 -14.73
CA LEU C 453 -14.65 22.14 -15.09
C LEU C 453 -15.18 21.02 -16.02
N SER C 454 -14.39 20.57 -16.98
CA SER C 454 -14.80 19.53 -17.96
C SER C 454 -15.15 18.23 -17.23
N TRP C 455 -14.32 17.80 -16.27
CA TRP C 455 -14.54 16.57 -15.46
C TRP C 455 -15.87 16.68 -14.70
N ALA C 456 -16.14 17.84 -14.09
CA ALA C 456 -17.38 18.16 -13.33
C ALA C 456 -18.61 18.02 -14.24
N ILE C 457 -18.57 18.64 -15.42
CA ILE C 457 -19.68 18.59 -16.42
C ILE C 457 -19.91 17.13 -16.84
N GLY C 458 -18.84 16.36 -17.05
CA GLY C 458 -18.91 14.94 -17.42
C GLY C 458 -19.59 14.12 -16.33
N SER C 459 -19.27 14.42 -15.07
CA SER C 459 -19.64 13.62 -13.87
C SER C 459 -21.16 13.48 -13.77
N ILE C 460 -21.91 14.52 -14.13
CA ILE C 460 -23.37 14.65 -13.80
C ILE C 460 -24.24 14.04 -14.92
N SER C 461 -23.60 13.58 -16.00
CA SER C 461 -24.25 12.88 -17.14
C SER C 461 -25.21 11.79 -16.63
N GLY C 462 -26.45 11.78 -17.11
CA GLY C 462 -27.47 10.78 -16.74
C GLY C 462 -28.46 11.29 -15.70
N THR C 463 -28.16 12.37 -14.98
CA THR C 463 -29.00 12.86 -13.85
C THR C 463 -30.17 13.71 -14.36
N MET C 464 -29.95 14.58 -15.36
CA MET C 464 -31.02 15.47 -15.89
C MET C 464 -32.00 14.65 -16.76
N SER C 465 -33.16 15.21 -17.08
CA SER C 465 -34.09 14.66 -18.10
C SER C 465 -33.41 14.72 -19.48
N GLU C 466 -33.76 13.80 -20.39
CA GLU C 466 -33.17 13.72 -21.75
C GLU C 466 -33.30 15.10 -22.42
N LYS C 467 -34.46 15.76 -22.28
CA LYS C 467 -34.77 17.06 -22.93
C LYS C 467 -33.93 18.18 -22.30
N THR C 468 -33.79 18.20 -20.97
CA THR C 468 -32.93 19.18 -20.25
C THR C 468 -31.46 18.91 -20.58
N GLU C 469 -31.06 17.64 -20.56
CA GLU C 469 -29.67 17.23 -20.88
C GLU C 469 -29.33 17.72 -22.30
N LYS C 470 -30.19 17.41 -23.27
CA LYS C 470 -30.03 17.79 -24.70
C LYS C 470 -29.64 19.27 -24.80
N ARG C 471 -30.48 20.17 -24.27
CA ARG C 471 -30.28 21.64 -24.32
C ARG C 471 -28.97 22.01 -23.63
N PHE C 472 -28.72 21.46 -22.43
CA PHE C 472 -27.52 21.76 -21.60
C PHE C 472 -26.25 21.38 -22.37
N VAL C 473 -26.17 20.15 -22.89
CA VAL C 473 -25.02 19.63 -23.68
C VAL C 473 -24.76 20.55 -24.87
N VAL C 474 -25.80 20.87 -25.65
CA VAL C 474 -25.70 21.77 -26.84
C VAL C 474 -25.05 23.09 -26.41
N THR C 475 -25.54 23.71 -25.34
CA THR C 475 -25.04 25.00 -24.79
C THR C 475 -23.56 24.86 -24.44
N VAL C 476 -23.17 23.80 -23.73
CA VAL C 476 -21.76 23.58 -23.26
C VAL C 476 -20.85 23.42 -24.48
N ILE C 477 -21.22 22.57 -25.44
CA ILE C 477 -20.41 22.29 -26.68
C ILE C 477 -20.22 23.62 -27.43
N LYS C 478 -21.30 24.38 -27.61
CA LYS C 478 -21.31 25.69 -28.33
C LYS C 478 -20.32 26.65 -27.64
N ASP C 479 -20.39 26.77 -26.31
CA ASP C 479 -19.50 27.63 -25.49
C ASP C 479 -18.06 27.16 -25.65
N LEU C 480 -17.81 25.86 -25.57
CA LEU C 480 -16.44 25.28 -25.66
C LEU C 480 -15.86 25.57 -27.05
N LEU C 481 -16.65 25.46 -28.12
CA LEU C 481 -16.20 25.76 -29.50
C LEU C 481 -15.77 27.22 -29.61
N GLY C 482 -16.51 28.14 -28.97
CA GLY C 482 -16.12 29.56 -28.82
C GLY C 482 -14.67 29.72 -28.35
N LEU C 483 -14.26 28.95 -27.33
CA LEU C 483 -12.89 29.01 -26.73
C LEU C 483 -11.83 28.77 -27.81
N CYS C 484 -12.02 27.75 -28.66
CA CYS C 484 -11.11 27.43 -29.80
C CYS C 484 -10.92 28.66 -30.69
N GLU C 485 -12.04 29.30 -31.07
CA GLU C 485 -12.04 30.53 -31.91
C GLU C 485 -11.24 31.62 -31.17
N GLN C 486 -11.45 31.73 -29.85
CA GLN C 486 -10.82 32.78 -28.99
C GLN C 486 -9.30 32.60 -28.94
N LYS C 487 -8.81 31.39 -28.63
CA LYS C 487 -7.39 31.15 -28.28
C LYS C 487 -6.64 30.52 -29.47
N ARG C 488 -5.70 31.27 -30.05
CA ARG C 488 -4.74 30.79 -31.09
C ARG C 488 -3.55 30.14 -30.38
N GLY C 489 -2.75 29.36 -31.13
CA GLY C 489 -1.67 28.49 -30.61
C GLY C 489 -2.18 27.07 -30.42
N LYS C 490 -1.51 26.09 -31.03
CA LYS C 490 -2.01 24.69 -31.15
C LYS C 490 -2.09 24.07 -29.75
N ASP C 491 -1.13 24.38 -28.86
CA ASP C 491 -1.07 23.91 -27.46
C ASP C 491 -2.37 24.25 -26.72
N ASN C 492 -2.79 25.52 -26.75
CA ASN C 492 -4.03 26.02 -26.08
C ASN C 492 -5.25 25.32 -26.71
N LYS C 493 -5.33 25.28 -28.04
CA LYS C 493 -6.46 24.64 -28.79
C LYS C 493 -6.54 23.14 -28.46
N ALA C 494 -5.39 22.45 -28.34
CA ALA C 494 -5.31 21.00 -28.01
C ALA C 494 -5.92 20.73 -26.64
N VAL C 495 -5.63 21.60 -25.66
CA VAL C 495 -6.14 21.51 -24.25
C VAL C 495 -7.69 21.48 -24.28
N VAL C 496 -8.32 22.44 -24.96
CA VAL C 496 -9.81 22.56 -25.03
C VAL C 496 -10.39 21.49 -25.95
N ALA C 497 -9.70 21.17 -27.06
CA ALA C 497 -10.11 20.10 -28.00
C ALA C 497 -10.31 18.79 -27.25
N ARG C 498 -9.32 18.40 -26.44
CA ARG C 498 -9.36 17.18 -25.59
C ARG C 498 -10.57 17.26 -24.65
N ASP C 499 -10.73 18.42 -23.98
CA ASP C 499 -11.83 18.69 -23.03
C ASP C 499 -13.16 18.47 -23.77
N ILE C 500 -13.33 19.08 -24.95
CA ILE C 500 -14.57 18.96 -25.77
C ILE C 500 -14.84 17.48 -26.04
N MET C 501 -13.83 16.71 -26.44
CA MET C 501 -13.96 15.26 -26.75
C MET C 501 -14.35 14.51 -25.47
N TYR C 502 -13.69 14.83 -24.34
CA TYR C 502 -13.98 14.22 -23.02
C TYR C 502 -15.46 14.36 -22.69
N VAL C 503 -16.03 15.56 -22.84
CA VAL C 503 -17.46 15.87 -22.50
C VAL C 503 -18.36 14.97 -23.35
N VAL C 504 -18.16 14.94 -24.67
CA VAL C 504 -19.04 14.17 -25.61
C VAL C 504 -18.95 12.67 -25.25
N GLY C 505 -17.77 12.20 -24.81
CA GLY C 505 -17.56 10.83 -24.31
C GLY C 505 -18.49 10.50 -23.15
N GLU C 506 -18.68 11.46 -22.23
CA GLU C 506 -19.42 11.27 -20.95
C GLU C 506 -20.93 11.35 -21.17
N TYR C 507 -21.40 11.85 -22.32
CA TYR C 507 -22.85 12.07 -22.61
C TYR C 507 -23.30 11.17 -23.75
N PRO C 508 -23.38 9.84 -23.53
CA PRO C 508 -23.75 8.90 -24.59
C PRO C 508 -25.20 9.01 -25.04
N ARG C 509 -26.12 9.29 -24.10
CA ARG C 509 -27.57 9.38 -24.37
C ARG C 509 -27.84 10.43 -25.45
N PHE C 510 -27.11 11.54 -25.40
CA PHE C 510 -27.16 12.64 -26.41
C PHE C 510 -26.67 12.12 -27.76
N LEU C 511 -25.58 11.36 -27.78
CA LEU C 511 -25.01 10.73 -29.01
C LEU C 511 -26.01 9.72 -29.58
N LYS C 512 -26.62 8.89 -28.73
CA LYS C 512 -27.67 7.90 -29.14
C LYS C 512 -28.80 8.64 -29.87
N ALA C 513 -29.23 9.79 -29.37
CA ALA C 513 -30.38 10.57 -29.89
C ALA C 513 -30.05 11.19 -31.26
N HIS C 514 -28.86 11.77 -31.44
CA HIS C 514 -28.46 12.52 -32.66
C HIS C 514 -27.35 11.77 -33.43
N TRP C 515 -27.74 10.92 -34.38
CA TRP C 515 -26.82 10.04 -35.14
C TRP C 515 -25.78 10.87 -35.90
N ASN C 516 -26.21 11.94 -36.57
CA ASN C 516 -25.34 12.86 -37.37
C ASN C 516 -24.15 13.32 -36.52
N PHE C 517 -24.41 13.85 -35.32
CA PHE C 517 -23.37 14.39 -34.41
C PHE C 517 -22.40 13.25 -34.05
N LEU C 518 -22.94 12.10 -33.65
CA LEU C 518 -22.12 10.90 -33.28
C LEU C 518 -21.18 10.57 -34.45
N ARG C 519 -21.70 10.54 -35.67
CA ARG C 519 -20.93 10.19 -36.90
C ARG C 519 -19.80 11.20 -37.13
N THR C 520 -20.07 12.50 -36.98
CA THR C 520 -19.09 13.60 -37.17
C THR C 520 -17.92 13.40 -36.19
N VAL C 521 -18.21 13.06 -34.94
CA VAL C 521 -17.23 12.97 -33.82
C VAL C 521 -16.24 11.83 -34.09
N ILE C 522 -16.75 10.68 -34.54
CA ILE C 522 -15.94 9.45 -34.82
C ILE C 522 -14.95 9.77 -35.94
N LEU C 523 -15.39 10.45 -37.00
CA LEU C 523 -14.55 10.80 -38.17
C LEU C 523 -13.42 11.75 -37.72
N LYS C 524 -13.72 12.70 -36.82
CA LYS C 524 -12.71 13.65 -36.28
C LYS C 524 -11.65 12.86 -35.49
N LEU C 525 -12.09 11.93 -34.64
CA LEU C 525 -11.20 11.00 -33.88
C LEU C 525 -10.21 10.31 -34.83
N PHE C 526 -10.73 9.79 -35.94
CA PHE C 526 -9.92 9.14 -37.01
C PHE C 526 -8.90 10.16 -37.54
N GLU C 527 -9.33 11.41 -37.81
CA GLU C 527 -8.44 12.52 -38.22
C GLU C 527 -7.38 12.74 -37.12
N PHE C 528 -7.82 12.76 -35.85
CA PHE C 528 -6.97 13.01 -34.66
C PHE C 528 -5.93 11.87 -34.52
N MET C 529 -6.29 10.64 -34.93
CA MET C 529 -5.38 9.46 -34.86
C MET C 529 -4.18 9.67 -35.80
N HIS C 530 -4.33 10.43 -36.87
CA HIS C 530 -3.24 10.74 -37.83
C HIS C 530 -2.27 11.78 -37.24
N GLU C 531 -2.71 12.61 -36.28
CA GLU C 531 -1.92 13.72 -35.68
C GLU C 531 -0.58 13.19 -35.17
N THR C 532 0.51 13.93 -35.45
CA THR C 532 1.92 13.54 -35.17
C THR C 532 2.12 13.44 -33.65
N HIS C 533 1.64 14.42 -32.88
CA HIS C 533 1.70 14.44 -31.38
C HIS C 533 1.09 13.15 -30.83
N GLU C 534 1.86 12.42 -30.02
CA GLU C 534 1.51 11.08 -29.48
C GLU C 534 0.32 11.22 -28.51
N GLY C 535 0.33 12.26 -27.66
CA GLY C 535 -0.76 12.60 -26.72
C GLY C 535 -2.13 12.64 -27.40
N VAL C 536 -2.24 13.33 -28.54
CA VAL C 536 -3.51 13.44 -29.33
C VAL C 536 -3.97 12.03 -29.75
N GLN C 537 -3.05 11.24 -30.30
CA GLN C 537 -3.34 9.88 -30.86
C GLN C 537 -3.95 9.01 -29.74
N ASP C 538 -3.31 9.01 -28.56
CA ASP C 538 -3.72 8.16 -27.41
C ASP C 538 -5.04 8.70 -26.85
N MET C 539 -5.20 10.02 -26.74
CA MET C 539 -6.49 10.67 -26.37
C MET C 539 -7.58 10.16 -27.31
N ALA C 540 -7.38 10.30 -28.63
CA ALA C 540 -8.35 9.92 -29.68
C ALA C 540 -8.73 8.43 -29.53
N CYS C 541 -7.75 7.55 -29.34
CA CYS C 541 -7.97 6.09 -29.20
C CYS C 541 -8.83 5.79 -27.97
N ASP C 542 -8.50 6.36 -26.80
CA ASP C 542 -9.20 6.15 -25.51
C ASP C 542 -10.68 6.59 -25.63
N THR C 543 -10.93 7.73 -26.29
CA THR C 543 -12.29 8.30 -26.48
C THR C 543 -13.15 7.34 -27.29
N PHE C 544 -12.58 6.74 -28.34
CA PHE C 544 -13.28 5.86 -29.31
C PHE C 544 -13.83 4.64 -28.57
N ILE C 545 -12.99 3.97 -27.76
CA ILE C 545 -13.38 2.76 -26.97
C ILE C 545 -14.56 3.11 -26.05
N LYS C 546 -14.47 4.22 -25.29
CA LYS C 546 -15.49 4.60 -24.27
C LYS C 546 -16.84 4.89 -24.94
N ILE C 547 -16.84 5.70 -26.01
CA ILE C 547 -18.07 6.00 -26.81
C ILE C 547 -18.63 4.69 -27.33
N VAL C 548 -17.75 3.83 -27.87
CA VAL C 548 -18.12 2.51 -28.46
C VAL C 548 -18.82 1.67 -27.39
N GLN C 549 -18.22 1.55 -26.20
CA GLN C 549 -18.78 0.78 -25.04
C GLN C 549 -20.20 1.25 -24.74
N LYS C 550 -20.43 2.57 -24.75
CA LYS C 550 -21.73 3.18 -24.38
C LYS C 550 -22.75 3.05 -25.52
N CYS C 551 -22.35 3.24 -26.79
CA CYS C 551 -23.26 3.35 -27.97
C CYS C 551 -23.01 2.25 -29.00
N LYS C 552 -22.51 1.07 -28.58
CA LYS C 552 -22.13 -0.03 -29.50
C LYS C 552 -23.31 -0.40 -30.41
N TYR C 553 -24.54 -0.45 -29.88
CA TYR C 553 -25.75 -0.90 -30.63
C TYR C 553 -26.00 0.02 -31.84
N HIS C 554 -25.67 1.31 -31.74
CA HIS C 554 -25.95 2.32 -32.80
C HIS C 554 -25.07 2.04 -34.03
N PHE C 555 -23.86 1.52 -33.84
CA PHE C 555 -22.89 1.20 -34.92
C PHE C 555 -23.35 0.01 -35.76
N VAL C 556 -23.86 -1.04 -35.12
CA VAL C 556 -24.12 -2.35 -35.77
C VAL C 556 -25.38 -2.30 -36.66
N ILE C 557 -26.40 -1.54 -36.27
CA ILE C 557 -27.67 -1.41 -37.06
C ILE C 557 -27.44 -0.38 -38.17
N GLN C 558 -28.26 -0.46 -39.23
CA GLN C 558 -28.29 0.53 -40.34
C GLN C 558 -29.15 1.71 -39.91
N GLN C 559 -28.54 2.90 -39.84
CA GLN C 559 -29.20 4.15 -39.39
C GLN C 559 -30.11 4.68 -40.49
N PRO C 560 -31.09 5.57 -40.17
CA PRO C 560 -31.90 6.22 -41.19
C PRO C 560 -31.02 7.08 -42.12
N ARG C 561 -31.28 7.01 -43.43
CA ARG C 561 -30.56 7.73 -44.51
C ARG C 561 -29.06 7.35 -44.47
N GLU C 562 -28.76 6.05 -44.31
CA GLU C 562 -27.38 5.48 -44.28
C GLU C 562 -27.37 4.20 -45.13
N SER C 563 -26.37 4.06 -46.01
CA SER C 563 -26.25 2.95 -46.99
C SER C 563 -26.06 1.61 -46.27
N GLU C 564 -25.27 1.59 -45.19
CA GLU C 564 -24.90 0.36 -44.44
C GLU C 564 -24.68 0.67 -42.95
N PRO C 565 -24.62 -0.37 -42.08
CA PRO C 565 -24.14 -0.21 -40.71
C PRO C 565 -22.73 0.41 -40.64
N PHE C 566 -22.52 1.37 -39.75
CA PHE C 566 -21.28 2.18 -39.68
C PHE C 566 -20.08 1.29 -39.37
N ILE C 567 -20.26 0.19 -38.62
CA ILE C 567 -19.18 -0.81 -38.33
C ILE C 567 -18.57 -1.24 -39.67
N GLN C 568 -19.42 -1.51 -40.66
CA GLN C 568 -19.03 -1.91 -42.03
C GLN C 568 -18.11 -0.83 -42.62
N THR C 569 -18.48 0.45 -42.48
CA THR C 569 -17.73 1.64 -42.99
C THR C 569 -16.36 1.75 -42.30
N ILE C 570 -16.32 1.55 -40.98
CA ILE C 570 -15.07 1.62 -40.16
C ILE C 570 -14.07 0.57 -40.66
N ILE C 571 -14.54 -0.65 -40.95
CA ILE C 571 -13.68 -1.81 -41.32
C ILE C 571 -13.11 -1.60 -42.73
N ARG C 572 -13.84 -0.91 -43.62
CA ARG C 572 -13.38 -0.61 -45.00
C ARG C 572 -12.06 0.18 -44.91
N ASP C 573 -12.01 1.22 -44.07
CA ASP C 573 -10.90 2.20 -44.04
C ASP C 573 -9.99 1.96 -42.83
N ILE C 574 -10.08 0.78 -42.17
CA ILE C 574 -9.33 0.47 -40.92
C ILE C 574 -7.82 0.63 -41.19
N GLN C 575 -7.33 0.12 -42.33
CA GLN C 575 -5.92 0.20 -42.76
C GLN C 575 -5.47 1.67 -42.77
N LYS C 576 -6.25 2.51 -43.46
CA LYS C 576 -5.99 3.97 -43.67
C LYS C 576 -6.07 4.70 -42.32
N THR C 577 -7.10 4.39 -41.53
CA THR C 577 -7.43 5.03 -40.22
C THR C 577 -6.30 4.77 -39.20
N THR C 578 -5.74 3.56 -39.18
CA THR C 578 -4.80 3.08 -38.14
C THR C 578 -3.33 3.20 -38.60
N ALA C 579 -3.08 3.82 -39.76
CA ALA C 579 -1.74 3.87 -40.42
C ALA C 579 -0.69 4.49 -39.50
N ASP C 580 -1.05 5.53 -38.74
CA ASP C 580 -0.10 6.39 -37.98
C ASP C 580 -0.08 5.99 -36.49
N LEU C 581 -0.92 5.05 -36.06
CA LEU C 581 -1.02 4.66 -34.63
C LEU C 581 0.11 3.67 -34.28
N GLN C 582 0.48 3.62 -33.01
CA GLN C 582 1.48 2.66 -32.46
C GLN C 582 0.80 1.31 -32.29
N PRO C 583 1.56 0.19 -32.16
CA PRO C 583 0.97 -1.14 -32.01
C PRO C 583 -0.21 -1.24 -31.01
N GLN C 584 0.00 -0.78 -29.77
CA GLN C 584 -0.96 -0.98 -28.66
C GLN C 584 -2.20 -0.10 -28.87
N GLN C 585 -2.07 0.99 -29.64
CA GLN C 585 -3.19 1.89 -29.99
C GLN C 585 -4.03 1.23 -31.08
N VAL C 586 -3.38 0.56 -32.04
CA VAL C 586 -4.04 -0.29 -33.08
C VAL C 586 -4.82 -1.40 -32.37
N HIS C 587 -4.24 -2.02 -31.34
CA HIS C 587 -4.85 -3.16 -30.60
C HIS C 587 -6.15 -2.69 -29.91
N THR C 588 -6.13 -1.49 -29.32
CA THR C 588 -7.33 -0.83 -28.70
C THR C 588 -8.42 -0.64 -29.77
N PHE C 589 -8.06 -0.13 -30.95
CA PHE C 589 -8.98 0.08 -32.11
C PHE C 589 -9.68 -1.24 -32.44
N TYR C 590 -8.92 -2.33 -32.60
CA TYR C 590 -9.47 -3.66 -32.96
C TYR C 590 -10.36 -4.14 -31.80
N LYS C 591 -9.97 -3.89 -30.54
CA LYS C 591 -10.76 -4.29 -29.36
C LYS C 591 -12.13 -3.60 -29.42
N ALA C 592 -12.14 -2.29 -29.73
CA ALA C 592 -13.36 -1.46 -29.89
C ALA C 592 -14.28 -2.06 -30.95
N CYS C 593 -13.74 -2.38 -32.14
CA CYS C 593 -14.49 -3.02 -33.26
C CYS C 593 -15.08 -4.34 -32.78
N GLY C 594 -14.32 -5.09 -31.98
CA GLY C 594 -14.77 -6.35 -31.36
C GLY C 594 -16.04 -6.17 -30.54
N ILE C 595 -16.10 -5.10 -29.74
CA ILE C 595 -17.25 -4.76 -28.86
C ILE C 595 -18.50 -4.57 -29.74
N ILE C 596 -18.38 -3.79 -30.82
CA ILE C 596 -19.48 -3.53 -31.80
C ILE C 596 -19.95 -4.85 -32.39
N ILE C 597 -19.03 -5.66 -32.92
CA ILE C 597 -19.34 -6.90 -33.70
C ILE C 597 -20.13 -7.87 -32.81
N SER C 598 -19.87 -7.87 -31.50
CA SER C 598 -20.54 -8.76 -30.52
C SER C 598 -22.01 -8.38 -30.29
N GLU C 599 -22.45 -7.21 -30.76
CA GLU C 599 -23.88 -6.78 -30.69
C GLU C 599 -24.72 -7.48 -31.77
N GLU C 600 -24.14 -7.73 -32.95
CA GLU C 600 -24.81 -8.47 -34.06
C GLU C 600 -25.02 -9.91 -33.60
N ARG C 601 -26.28 -10.36 -33.50
CA ARG C 601 -26.63 -11.67 -32.92
C ARG C 601 -26.94 -12.71 -34.01
N SER C 602 -27.10 -12.29 -35.27
CA SER C 602 -27.12 -13.22 -36.44
C SER C 602 -25.73 -13.85 -36.59
N VAL C 603 -25.63 -15.18 -36.49
CA VAL C 603 -24.34 -15.94 -36.52
C VAL C 603 -23.60 -15.61 -37.82
N ALA C 604 -24.30 -15.63 -38.96
CA ALA C 604 -23.75 -15.39 -40.31
C ALA C 604 -23.13 -13.99 -40.39
N GLU C 605 -23.85 -12.95 -39.96
CA GLU C 605 -23.44 -11.53 -40.12
C GLU C 605 -22.28 -11.21 -39.17
N ARG C 606 -22.26 -11.78 -37.97
CA ARG C 606 -21.16 -11.56 -36.98
C ARG C 606 -19.89 -12.22 -37.49
N ASN C 607 -19.96 -13.49 -37.91
CA ASN C 607 -18.81 -14.29 -38.41
C ASN C 607 -18.21 -13.60 -39.64
N ARG C 608 -19.04 -12.94 -40.47
CA ARG C 608 -18.58 -12.16 -41.66
C ARG C 608 -17.86 -10.88 -41.19
N LEU C 609 -18.46 -10.11 -40.27
CA LEU C 609 -17.86 -8.89 -39.69
C LEU C 609 -16.53 -9.23 -39.02
N LEU C 610 -16.47 -10.32 -38.24
CA LEU C 610 -15.23 -10.82 -37.59
C LEU C 610 -14.17 -11.09 -38.68
N SER C 611 -14.52 -11.83 -39.73
CA SER C 611 -13.61 -12.18 -40.86
C SER C 611 -13.09 -10.90 -41.54
N ASP C 612 -13.98 -9.94 -41.82
CA ASP C 612 -13.63 -8.62 -42.44
C ASP C 612 -12.69 -7.85 -41.52
N LEU C 613 -12.94 -7.87 -40.19
CA LEU C 613 -12.14 -7.12 -39.19
C LEU C 613 -10.70 -7.66 -39.18
N MET C 614 -10.55 -8.99 -39.23
CA MET C 614 -9.24 -9.66 -39.02
C MET C 614 -8.50 -9.81 -40.36
N GLN C 615 -9.01 -9.19 -41.43
CA GLN C 615 -8.44 -9.26 -42.81
C GLN C 615 -6.92 -9.00 -42.78
N LEU C 616 -6.50 -7.81 -42.34
CA LEU C 616 -5.09 -7.34 -42.40
C LEU C 616 -4.17 -8.27 -41.62
N PRO C 617 -4.42 -8.54 -40.31
CA PRO C 617 -3.58 -9.47 -39.55
C PRO C 617 -3.60 -10.91 -40.09
N ASN C 618 -4.72 -11.37 -40.65
CA ASN C 618 -4.84 -12.74 -41.22
C ASN C 618 -3.98 -12.86 -42.49
N MET C 619 -3.98 -11.84 -43.36
CA MET C 619 -3.18 -11.77 -44.61
C MET C 619 -1.69 -11.68 -44.24
N ALA C 620 -1.35 -10.87 -43.23
CA ALA C 620 0.02 -10.73 -42.68
C ALA C 620 0.46 -12.07 -42.06
N TRP C 621 -0.44 -12.74 -41.35
CA TRP C 621 -0.25 -14.07 -40.69
C TRP C 621 0.05 -15.13 -41.74
N ASP C 622 -0.80 -15.21 -42.78
CA ASP C 622 -0.73 -16.20 -43.88
C ASP C 622 0.61 -16.10 -44.60
N THR C 623 1.08 -14.88 -44.94
CA THR C 623 2.38 -14.65 -45.62
C THR C 623 3.52 -15.20 -44.74
N ILE C 624 3.51 -14.86 -43.44
CA ILE C 624 4.58 -15.27 -42.48
C ILE C 624 4.48 -16.77 -42.19
N VAL C 625 3.28 -17.37 -42.29
CA VAL C 625 3.10 -18.85 -42.13
C VAL C 625 3.82 -19.56 -43.29
N GLU C 626 3.72 -19.01 -44.51
CA GLU C 626 4.27 -19.63 -45.76
C GLU C 626 5.78 -19.42 -45.81
N GLN C 627 6.26 -18.24 -45.41
CA GLN C 627 7.71 -17.88 -45.41
C GLN C 627 8.41 -18.56 -44.24
N SER C 628 7.72 -18.74 -43.11
CA SER C 628 8.25 -19.35 -41.87
C SER C 628 8.51 -20.83 -42.09
N THR C 629 7.55 -21.55 -42.68
CA THR C 629 7.63 -23.02 -42.94
C THR C 629 8.42 -23.27 -44.23
N ALA C 630 8.65 -22.24 -45.06
CA ALA C 630 9.57 -22.28 -46.22
C ALA C 630 11.00 -22.49 -45.72
N ASN C 631 11.39 -21.79 -44.65
CA ASN C 631 12.67 -22.01 -43.93
C ASN C 631 12.60 -21.39 -42.53
N PRO C 632 12.62 -22.19 -41.44
CA PRO C 632 12.60 -21.65 -40.07
C PRO C 632 13.72 -20.65 -39.72
N THR C 633 14.75 -20.54 -40.56
CA THR C 633 15.86 -19.54 -40.45
C THR C 633 15.31 -18.12 -40.69
N LEU C 634 14.17 -18.00 -41.38
CA LEU C 634 13.57 -16.70 -41.78
C LEU C 634 12.76 -16.12 -40.61
N LEU C 635 12.78 -16.81 -39.45
CA LEU C 635 12.16 -16.40 -38.16
C LEU C 635 13.23 -15.77 -37.26
N LEU C 636 14.50 -15.81 -37.66
CA LEU C 636 15.63 -15.20 -36.92
C LEU C 636 15.54 -13.67 -37.00
N ASP C 637 14.97 -13.16 -38.09
CA ASP C 637 14.71 -11.71 -38.31
C ASP C 637 13.85 -11.21 -37.13
N SER C 638 14.39 -10.26 -36.33
CA SER C 638 13.71 -9.70 -35.13
C SER C 638 12.51 -8.84 -35.54
N GLU C 639 12.50 -8.32 -36.77
CA GLU C 639 11.39 -7.52 -37.35
C GLU C 639 10.18 -8.43 -37.59
N THR C 640 10.43 -9.65 -38.06
CA THR C 640 9.41 -10.70 -38.28
C THR C 640 8.83 -11.12 -36.91
N VAL C 641 9.67 -11.20 -35.89
CA VAL C 641 9.28 -11.54 -34.48
C VAL C 641 8.31 -10.47 -33.96
N LYS C 642 8.56 -9.19 -34.26
CA LYS C 642 7.73 -8.04 -33.81
C LYS C 642 6.35 -8.06 -34.46
N ILE C 643 6.30 -8.34 -35.77
CA ILE C 643 5.04 -8.34 -36.58
C ILE C 643 4.17 -9.52 -36.12
N ILE C 644 4.79 -10.68 -35.82
CA ILE C 644 4.08 -11.89 -35.32
C ILE C 644 3.42 -11.56 -33.97
N ALA C 645 4.20 -11.06 -33.02
CA ALA C 645 3.73 -10.64 -31.67
C ALA C 645 2.50 -9.74 -31.81
N ASN C 646 2.56 -8.74 -32.69
CA ASN C 646 1.49 -7.71 -32.88
C ASN C 646 0.25 -8.33 -33.53
N ILE C 647 0.43 -9.32 -34.43
CA ILE C 647 -0.68 -10.12 -35.03
C ILE C 647 -1.37 -10.90 -33.91
N ILE C 648 -0.61 -11.62 -33.09
CA ILE C 648 -1.14 -12.40 -31.94
C ILE C 648 -1.87 -11.42 -30.99
N LYS C 649 -1.26 -10.28 -30.68
CA LYS C 649 -1.80 -9.28 -29.71
C LYS C 649 -3.11 -8.69 -30.23
N THR C 650 -3.23 -8.49 -31.55
CA THR C 650 -4.49 -8.04 -32.22
C THR C 650 -5.57 -9.10 -31.97
N ASN C 651 -5.21 -10.39 -32.05
CA ASN C 651 -6.13 -11.54 -31.82
C ASN C 651 -6.54 -11.55 -30.34
N VAL C 652 -5.61 -11.31 -29.43
CA VAL C 652 -5.88 -11.22 -27.96
C VAL C 652 -6.87 -10.06 -27.73
N ALA C 653 -6.61 -8.88 -28.31
CA ALA C 653 -7.42 -7.65 -28.12
C ALA C 653 -8.87 -7.90 -28.54
N VAL C 654 -9.08 -8.47 -29.73
CA VAL C 654 -10.44 -8.77 -30.30
C VAL C 654 -11.10 -9.85 -29.44
N CYS C 655 -10.35 -10.90 -29.08
CA CYS C 655 -10.88 -12.04 -28.27
C CYS C 655 -11.30 -11.55 -26.88
N THR C 656 -10.62 -10.54 -26.33
CA THR C 656 -10.91 -9.98 -24.98
C THR C 656 -12.37 -9.48 -24.95
N SER C 657 -12.80 -8.78 -26.00
CA SER C 657 -14.12 -8.11 -26.09
C SER C 657 -15.19 -9.03 -26.70
N MET C 658 -14.82 -10.08 -27.43
CA MET C 658 -15.77 -10.94 -28.19
C MET C 658 -16.00 -12.29 -27.49
N GLY C 659 -15.08 -12.74 -26.64
CA GLY C 659 -15.20 -13.98 -25.87
C GLY C 659 -15.55 -15.16 -26.76
N ALA C 660 -16.70 -15.81 -26.49
CA ALA C 660 -17.17 -17.04 -27.17
C ALA C 660 -17.32 -16.81 -28.67
N ASP C 661 -17.66 -15.57 -29.07
CA ASP C 661 -17.95 -15.17 -30.46
C ASP C 661 -16.65 -15.17 -31.29
N PHE C 662 -15.47 -15.32 -30.66
CA PHE C 662 -14.15 -15.30 -31.34
C PHE C 662 -13.80 -16.65 -31.96
N TYR C 663 -14.51 -17.73 -31.61
CA TYR C 663 -14.11 -19.14 -31.93
C TYR C 663 -13.78 -19.29 -33.41
N PRO C 664 -14.60 -18.78 -34.37
CA PRO C 664 -14.26 -18.91 -35.79
C PRO C 664 -12.88 -18.36 -36.18
N GLN C 665 -12.48 -17.19 -35.65
CA GLN C 665 -11.16 -16.59 -35.93
C GLN C 665 -10.06 -17.44 -35.29
N LEU C 666 -10.30 -17.97 -34.08
CA LEU C 666 -9.33 -18.86 -33.39
C LEU C 666 -9.12 -20.11 -34.25
N GLY C 667 -10.21 -20.64 -34.83
CA GLY C 667 -10.18 -21.75 -35.80
C GLY C 667 -9.21 -21.50 -36.94
N HIS C 668 -9.26 -20.31 -37.55
CA HIS C 668 -8.44 -19.91 -38.73
C HIS C 668 -6.93 -20.04 -38.44
N ILE C 669 -6.50 -19.73 -37.21
CA ILE C 669 -5.05 -19.59 -36.88
C ILE C 669 -4.56 -20.73 -35.97
N TYR C 670 -5.44 -21.50 -35.33
CA TYR C 670 -5.11 -22.39 -34.18
C TYR C 670 -3.98 -23.37 -34.51
N TYR C 671 -4.08 -24.17 -35.57
CA TYR C 671 -3.12 -25.26 -35.84
C TYR C 671 -1.74 -24.67 -36.19
N ASN C 672 -1.70 -23.67 -37.07
CA ASN C 672 -0.46 -22.96 -37.48
C ASN C 672 0.15 -22.22 -36.28
N MET C 673 -0.67 -21.70 -35.38
CA MET C 673 -0.23 -20.94 -34.17
C MET C 673 0.50 -21.88 -33.20
N LEU C 674 -0.01 -23.08 -32.98
CA LEU C 674 0.66 -24.08 -32.12
C LEU C 674 1.93 -24.58 -32.82
N GLN C 675 1.92 -24.64 -34.16
CA GLN C 675 3.12 -24.97 -34.96
C GLN C 675 4.18 -23.89 -34.72
N LEU C 676 3.77 -22.63 -34.79
CA LEU C 676 4.63 -21.45 -34.51
C LEU C 676 5.18 -21.53 -33.07
N TYR C 677 4.34 -21.94 -32.12
CA TYR C 677 4.74 -22.09 -30.70
C TYR C 677 5.92 -23.06 -30.59
N ARG C 678 5.84 -24.19 -31.29
CA ARG C 678 6.89 -25.25 -31.32
C ARG C 678 8.17 -24.70 -31.97
N ALA C 679 8.04 -24.00 -33.11
CA ALA C 679 9.17 -23.42 -33.88
C ALA C 679 9.91 -22.41 -32.99
N VAL C 680 9.17 -21.51 -32.35
CA VAL C 680 9.71 -20.48 -31.43
C VAL C 680 10.41 -21.18 -30.25
N SER C 681 9.79 -22.23 -29.73
CA SER C 681 10.28 -23.04 -28.59
C SER C 681 11.66 -23.61 -28.90
N SER C 682 11.83 -24.20 -30.09
CA SER C 682 13.10 -24.81 -30.57
C SER C 682 14.19 -23.74 -30.63
N MET C 683 13.89 -22.58 -31.21
CA MET C 683 14.85 -21.46 -31.35
C MET C 683 15.33 -21.04 -29.97
N ILE C 684 14.42 -20.90 -29.00
CA ILE C 684 14.77 -20.47 -27.62
C ILE C 684 15.71 -21.51 -27.01
N SER C 685 15.39 -22.80 -27.10
CA SER C 685 16.24 -23.91 -26.56
C SER C 685 17.61 -23.89 -27.25
N THR C 686 17.62 -23.75 -28.58
CA THR C 686 18.85 -23.68 -29.41
C THR C 686 19.69 -22.48 -28.96
N GLN C 687 19.05 -21.31 -28.83
CA GLN C 687 19.72 -20.04 -28.48
C GLN C 687 20.35 -20.17 -27.09
N VAL C 688 19.63 -20.76 -26.13
CA VAL C 688 20.11 -20.99 -24.74
C VAL C 688 21.42 -21.78 -24.78
N ALA C 689 21.45 -22.94 -25.45
CA ALA C 689 22.67 -23.78 -25.56
C ALA C 689 23.80 -22.93 -26.15
N ALA C 690 23.52 -22.19 -27.22
CA ALA C 690 24.51 -21.45 -28.05
C ALA C 690 25.11 -20.25 -27.30
N GLU C 691 24.30 -19.47 -26.55
CA GLU C 691 24.77 -18.21 -25.90
C GLU C 691 24.78 -18.31 -24.38
N GLY C 692 24.14 -19.33 -23.79
CA GLY C 692 24.09 -19.57 -22.32
C GLY C 692 22.83 -19.03 -21.69
N LEU C 693 22.75 -19.00 -20.35
CA LEU C 693 21.58 -18.47 -19.61
C LEU C 693 21.35 -16.98 -19.97
N ILE C 694 22.42 -16.23 -20.21
CA ILE C 694 22.35 -14.78 -20.54
C ILE C 694 21.41 -14.57 -21.73
N ALA C 695 21.33 -15.55 -22.65
CA ALA C 695 20.49 -15.55 -23.87
C ALA C 695 19.04 -15.15 -23.56
N THR C 696 18.49 -15.63 -22.43
CA THR C 696 17.08 -15.40 -22.03
C THR C 696 16.84 -13.90 -21.73
N LYS C 697 17.92 -13.11 -21.62
CA LYS C 697 17.88 -11.65 -21.33
C LYS C 697 17.99 -10.83 -22.62
N THR C 698 18.43 -11.44 -23.72
CA THR C 698 18.69 -10.75 -25.02
C THR C 698 17.37 -10.30 -25.64
N PRO C 699 17.35 -9.18 -26.41
CA PRO C 699 16.14 -8.72 -27.08
C PRO C 699 15.53 -9.80 -28.01
N LYS C 700 16.39 -10.62 -28.62
CA LYS C 700 16.02 -11.67 -29.59
C LYS C 700 15.15 -12.74 -28.90
N VAL C 701 15.63 -13.33 -27.81
CA VAL C 701 14.94 -14.43 -27.07
C VAL C 701 13.71 -13.87 -26.36
N ARG C 702 13.82 -12.73 -25.68
CA ARG C 702 12.67 -12.04 -25.05
C ARG C 702 11.60 -11.83 -26.13
N GLY C 703 12.01 -11.44 -27.34
CA GLY C 703 11.14 -11.30 -28.51
C GLY C 703 10.37 -12.58 -28.78
N LEU C 704 11.07 -13.71 -28.82
CA LEU C 704 10.50 -15.06 -29.08
C LEU C 704 9.58 -15.45 -27.91
N ARG C 705 10.03 -15.26 -26.67
CA ARG C 705 9.24 -15.61 -25.46
C ARG C 705 7.95 -14.78 -25.42
N THR C 706 7.94 -13.56 -25.99
CA THR C 706 6.73 -12.70 -26.08
C THR C 706 5.68 -13.42 -26.94
N ILE C 707 6.10 -13.97 -28.09
CA ILE C 707 5.23 -14.76 -29.01
C ILE C 707 4.58 -15.91 -28.23
N LYS C 708 5.37 -16.68 -27.48
CA LYS C 708 4.90 -17.86 -26.70
C LYS C 708 3.87 -17.41 -25.67
N LYS C 709 4.15 -16.35 -24.91
CA LYS C 709 3.30 -15.87 -23.79
C LYS C 709 1.96 -15.36 -24.34
N GLU C 710 1.99 -14.64 -25.46
CA GLU C 710 0.79 -14.04 -26.11
C GLU C 710 -0.08 -15.15 -26.70
N ILE C 711 0.51 -16.22 -27.24
CA ILE C 711 -0.22 -17.43 -27.75
C ILE C 711 -0.97 -18.07 -26.58
N LEU C 712 -0.27 -18.34 -25.47
CA LEU C 712 -0.86 -18.88 -24.21
C LEU C 712 -1.96 -17.92 -23.71
N LYS C 713 -1.72 -16.61 -23.77
CA LYS C 713 -2.69 -15.57 -23.30
C LYS C 713 -3.95 -15.61 -24.17
N LEU C 714 -3.82 -15.71 -25.49
CA LEU C 714 -4.98 -15.83 -26.43
C LEU C 714 -5.83 -17.05 -26.06
N VAL C 715 -5.19 -18.22 -25.93
CA VAL C 715 -5.88 -19.51 -25.62
C VAL C 715 -6.55 -19.38 -24.24
N GLU C 716 -5.83 -18.84 -23.26
CA GLU C 716 -6.33 -18.61 -21.87
C GLU C 716 -7.56 -17.70 -21.90
N THR C 717 -7.49 -16.59 -22.65
CA THR C 717 -8.58 -15.60 -22.81
C THR C 717 -9.83 -16.26 -23.42
N TYR C 718 -9.68 -17.04 -24.51
CA TYR C 718 -10.84 -17.66 -25.18
C TYR C 718 -11.50 -18.66 -24.22
N ILE C 719 -10.73 -19.58 -23.65
CA ILE C 719 -11.25 -20.74 -22.87
C ILE C 719 -11.92 -20.21 -21.60
N SER C 720 -11.45 -19.09 -21.04
CA SER C 720 -12.02 -18.48 -19.82
C SER C 720 -13.45 -17.95 -20.09
N LYS C 721 -13.80 -17.70 -21.36
CA LYS C 721 -15.11 -17.10 -21.76
C LYS C 721 -15.92 -18.04 -22.69
N ALA C 722 -15.45 -19.26 -22.96
CA ALA C 722 -16.07 -20.15 -23.97
C ALA C 722 -17.47 -20.59 -23.52
N ARG C 723 -18.41 -20.72 -24.47
CA ARG C 723 -19.75 -21.34 -24.32
C ARG C 723 -19.66 -22.85 -24.62
N ASN C 724 -19.25 -23.17 -25.84
CA ASN C 724 -19.18 -24.56 -26.37
C ASN C 724 -17.94 -25.24 -25.77
N LEU C 725 -18.12 -25.94 -24.65
CA LEU C 725 -17.03 -26.61 -23.91
C LEU C 725 -16.68 -27.94 -24.59
N ASP C 726 -17.61 -28.52 -25.36
CA ASP C 726 -17.35 -29.77 -26.14
C ASP C 726 -16.28 -29.48 -27.19
N ASP C 727 -16.37 -28.31 -27.84
CA ASP C 727 -15.42 -27.86 -28.89
C ASP C 727 -14.04 -27.62 -28.26
N VAL C 728 -14.01 -27.06 -27.04
CA VAL C 728 -12.75 -26.85 -26.27
C VAL C 728 -12.06 -28.20 -26.09
N VAL C 729 -12.78 -29.23 -25.61
CA VAL C 729 -12.20 -30.58 -25.32
C VAL C 729 -11.84 -31.28 -26.65
N LYS C 730 -12.81 -31.43 -27.56
CA LYS C 730 -12.65 -32.24 -28.81
C LYS C 730 -11.62 -31.60 -29.75
N VAL C 731 -11.48 -30.26 -29.75
CA VAL C 731 -10.70 -29.51 -30.77
C VAL C 731 -9.43 -28.89 -30.14
N LEU C 732 -9.54 -28.12 -29.06
CA LEU C 732 -8.48 -27.19 -28.56
C LEU C 732 -7.51 -27.87 -27.58
N VAL C 733 -8.00 -28.65 -26.62
CA VAL C 733 -7.20 -29.11 -25.45
C VAL C 733 -6.05 -30.01 -25.93
N GLU C 734 -6.33 -31.08 -26.69
CA GLU C 734 -5.32 -32.12 -27.01
C GLU C 734 -4.13 -31.47 -27.73
N PRO C 735 -4.32 -30.67 -28.81
CA PRO C 735 -3.20 -30.03 -29.49
C PRO C 735 -2.38 -29.11 -28.57
N LEU C 736 -3.06 -28.39 -27.68
CA LEU C 736 -2.46 -27.44 -26.70
C LEU C 736 -1.50 -28.19 -25.78
N LEU C 737 -1.97 -29.27 -25.15
CA LEU C 737 -1.19 -30.02 -24.12
C LEU C 737 0.03 -30.65 -24.81
N ASN C 738 -0.12 -31.19 -26.02
CA ASN C 738 1.01 -31.75 -26.81
C ASN C 738 2.08 -30.66 -26.99
N ALA C 739 1.65 -29.42 -27.26
CA ALA C 739 2.52 -28.29 -27.67
C ALA C 739 3.24 -27.64 -26.47
N VAL C 740 2.62 -27.57 -25.29
CA VAL C 740 3.11 -26.73 -24.16
C VAL C 740 3.74 -27.58 -23.04
N LEU C 741 3.22 -28.78 -22.75
CA LEU C 741 3.61 -29.58 -21.57
C LEU C 741 5.03 -30.12 -21.72
N GLU C 742 5.36 -30.81 -22.83
CA GLU C 742 6.70 -31.41 -23.04
C GLU C 742 7.75 -30.30 -23.13
N ASP C 743 7.46 -29.25 -23.91
CA ASP C 743 8.32 -28.05 -24.06
C ASP C 743 8.63 -27.45 -22.68
N TYR C 744 7.64 -27.35 -21.79
CA TYR C 744 7.78 -26.77 -20.44
C TYR C 744 8.75 -27.65 -19.63
N MET C 745 8.48 -28.95 -19.61
CA MET C 745 9.20 -29.97 -18.81
C MET C 745 10.67 -30.05 -19.23
N ASN C 746 10.95 -29.95 -20.53
CA ASN C 746 12.26 -30.27 -21.16
C ASN C 746 13.12 -29.02 -21.37
N ASN C 747 12.62 -27.83 -21.01
CA ASN C 747 13.41 -26.58 -20.95
C ASN C 747 14.10 -26.51 -19.58
N VAL C 748 15.25 -25.82 -19.50
CA VAL C 748 15.91 -25.48 -18.21
C VAL C 748 14.97 -24.56 -17.43
N PRO C 749 15.05 -24.53 -16.09
CA PRO C 749 14.22 -23.63 -15.27
C PRO C 749 14.05 -22.17 -15.77
N ASP C 750 15.13 -21.49 -16.16
CA ASP C 750 15.14 -20.06 -16.57
C ASP C 750 14.48 -19.85 -17.94
N ALA C 751 14.10 -20.92 -18.65
CA ALA C 751 13.44 -20.83 -19.98
C ALA C 751 11.98 -21.27 -19.89
N ARG C 752 11.53 -21.67 -18.70
CA ARG C 752 10.13 -22.11 -18.44
C ARG C 752 9.25 -20.87 -18.22
N ASP C 753 8.22 -20.71 -19.04
CA ASP C 753 7.23 -19.60 -18.94
C ASP C 753 6.19 -19.97 -17.88
N ALA C 754 6.07 -19.16 -16.83
CA ALA C 754 5.07 -19.29 -15.74
C ALA C 754 3.65 -19.18 -16.31
N GLU C 755 3.50 -18.56 -17.48
CA GLU C 755 2.20 -18.42 -18.21
C GLU C 755 1.67 -19.81 -18.60
N VAL C 756 2.53 -20.81 -18.77
CA VAL C 756 2.07 -22.20 -19.04
C VAL C 756 1.19 -22.66 -17.88
N LEU C 757 1.70 -22.55 -16.64
CA LEU C 757 0.96 -22.93 -15.40
C LEU C 757 -0.36 -22.16 -15.30
N ASN C 758 -0.33 -20.87 -15.65
CA ASN C 758 -1.51 -19.95 -15.61
C ASN C 758 -2.56 -20.45 -16.60
N CYS C 759 -2.15 -20.73 -17.85
CA CYS C 759 -3.02 -21.24 -18.93
C CYS C 759 -3.65 -22.58 -18.53
N MET C 760 -2.87 -23.49 -17.94
CA MET C 760 -3.35 -24.82 -17.49
C MET C 760 -4.42 -24.65 -16.40
N THR C 761 -4.24 -23.69 -15.49
CA THR C 761 -5.21 -23.39 -14.40
C THR C 761 -6.58 -23.09 -15.01
N THR C 762 -6.63 -22.22 -16.03
CA THR C 762 -7.87 -21.79 -16.73
C THR C 762 -8.50 -22.99 -17.43
N VAL C 763 -7.69 -23.84 -18.06
CA VAL C 763 -8.16 -25.07 -18.77
C VAL C 763 -8.87 -25.96 -17.73
N VAL C 764 -8.21 -26.25 -16.61
CA VAL C 764 -8.73 -27.16 -15.55
C VAL C 764 -9.97 -26.53 -14.90
N GLU C 765 -9.98 -25.21 -14.72
CA GLU C 765 -11.14 -24.46 -14.17
C GLU C 765 -12.40 -24.77 -14.99
N LYS C 766 -12.34 -24.58 -16.32
CA LYS C 766 -13.53 -24.57 -17.21
C LYS C 766 -13.87 -25.96 -17.73
N VAL C 767 -12.90 -26.87 -17.90
CA VAL C 767 -13.16 -28.21 -18.53
C VAL C 767 -12.41 -29.33 -17.81
N GLY C 768 -11.93 -29.11 -16.58
CA GLY C 768 -11.18 -30.10 -15.79
C GLY C 768 -11.96 -31.39 -15.62
N HIS C 769 -13.24 -31.26 -15.26
CA HIS C 769 -14.19 -32.39 -15.02
C HIS C 769 -14.41 -33.22 -16.30
N MET C 770 -14.10 -32.68 -17.48
CA MET C 770 -14.38 -33.36 -18.79
C MET C 770 -13.10 -33.99 -19.37
N ILE C 771 -11.95 -33.84 -18.71
CA ILE C 771 -10.63 -34.35 -19.20
C ILE C 771 -9.82 -34.91 -18.03
N PRO C 772 -10.28 -36.00 -17.38
CA PRO C 772 -9.55 -36.59 -16.24
C PRO C 772 -8.14 -37.01 -16.64
N GLN C 773 -7.98 -37.61 -17.82
CA GLN C 773 -6.67 -38.01 -18.40
C GLN C 773 -5.83 -36.76 -18.70
N GLY C 774 -6.47 -35.68 -19.16
CA GLY C 774 -5.83 -34.38 -19.44
C GLY C 774 -5.16 -33.80 -18.20
N VAL C 775 -5.85 -33.87 -17.06
CA VAL C 775 -5.37 -33.32 -15.75
C VAL C 775 -4.20 -34.17 -15.25
N ILE C 776 -4.28 -35.50 -15.39
CA ILE C 776 -3.18 -36.46 -15.07
C ILE C 776 -1.93 -36.02 -15.85
N LEU C 777 -2.08 -35.79 -17.15
CA LEU C 777 -0.96 -35.44 -18.05
C LEU C 777 -0.33 -34.13 -17.59
N ILE C 778 -1.16 -33.13 -17.25
CA ILE C 778 -0.73 -31.79 -16.74
C ILE C 778 0.12 -31.95 -15.46
N LEU C 779 -0.37 -32.69 -14.47
CA LEU C 779 0.38 -32.94 -13.20
C LEU C 779 1.77 -33.50 -13.54
N GLN C 780 1.83 -34.64 -14.22
CA GLN C 780 3.08 -35.38 -14.56
C GLN C 780 4.10 -34.45 -15.20
N SER C 781 3.66 -33.56 -16.10
CA SER C 781 4.54 -32.67 -16.90
C SER C 781 5.12 -31.52 -16.04
N VAL C 782 4.33 -30.90 -15.15
CA VAL C 782 4.69 -29.62 -14.46
C VAL C 782 4.91 -29.80 -12.95
N PHE C 783 4.38 -30.85 -12.32
CA PHE C 783 4.35 -30.98 -10.84
C PHE C 783 5.76 -31.08 -10.26
N GLU C 784 6.47 -32.19 -10.51
CA GLU C 784 7.77 -32.50 -9.83
C GLU C 784 8.83 -31.46 -10.21
N CYS C 785 8.93 -31.08 -11.48
CA CYS C 785 10.02 -30.18 -11.98
C CYS C 785 9.78 -28.73 -11.53
N THR C 786 8.52 -28.28 -11.44
CA THR C 786 8.18 -26.91 -10.94
C THR C 786 8.44 -26.83 -9.42
N LEU C 787 8.06 -27.87 -8.67
CA LEU C 787 8.30 -27.93 -7.19
C LEU C 787 9.80 -27.79 -6.93
N ASP C 788 10.63 -28.39 -7.79
CA ASP C 788 12.11 -28.39 -7.63
C ASP C 788 12.67 -26.97 -7.81
N MET C 789 12.01 -26.14 -8.62
CA MET C 789 12.41 -24.72 -8.87
C MET C 789 12.15 -23.86 -7.64
N ILE C 790 11.14 -24.20 -6.83
CA ILE C 790 10.57 -23.31 -5.76
C ILE C 790 10.82 -23.86 -4.36
N ASN C 791 11.47 -25.02 -4.18
CA ASN C 791 11.54 -25.69 -2.84
C ASN C 791 12.93 -25.57 -2.22
N LYS C 792 13.77 -24.62 -2.67
CA LYS C 792 15.13 -24.36 -2.09
C LYS C 792 15.13 -23.07 -1.28
N ASP C 793 14.29 -22.10 -1.63
CA ASP C 793 14.14 -20.80 -0.93
C ASP C 793 12.72 -20.27 -1.19
N PHE C 794 12.36 -19.12 -0.62
CA PHE C 794 10.99 -18.54 -0.73
C PHE C 794 10.93 -17.45 -1.81
N THR C 795 12.08 -17.08 -2.41
CA THR C 795 12.25 -15.85 -3.26
C THR C 795 12.29 -16.17 -4.77
N GLU C 796 13.02 -17.22 -5.19
CA GLU C 796 13.37 -17.43 -6.62
C GLU C 796 12.13 -17.92 -7.39
N TYR C 797 11.95 -17.41 -8.61
CA TYR C 797 10.81 -17.73 -9.53
C TYR C 797 9.49 -17.44 -8.82
N PRO C 798 9.24 -16.17 -8.44
CA PRO C 798 8.02 -15.80 -7.73
C PRO C 798 6.72 -16.09 -8.52
N GLU C 799 6.74 -15.90 -9.84
CA GLU C 799 5.54 -16.12 -10.70
C GLU C 799 5.19 -17.61 -10.71
N HIS C 800 6.20 -18.47 -10.89
CA HIS C 800 6.04 -19.95 -10.95
C HIS C 800 5.43 -20.44 -9.63
N ARG C 801 6.01 -19.98 -8.52
CA ARG C 801 5.56 -20.24 -7.12
C ARG C 801 4.05 -20.00 -6.98
N VAL C 802 3.57 -18.85 -7.44
CA VAL C 802 2.16 -18.40 -7.26
C VAL C 802 1.27 -19.22 -8.20
N GLU C 803 1.65 -19.36 -9.47
CA GLU C 803 0.85 -20.06 -10.51
C GLU C 803 0.82 -21.56 -10.20
N PHE C 804 1.90 -22.11 -9.62
CA PHE C 804 2.01 -23.53 -9.18
C PHE C 804 0.87 -23.88 -8.20
N TYR C 805 0.69 -23.09 -7.13
CA TYR C 805 -0.30 -23.37 -6.05
C TYR C 805 -1.72 -23.00 -6.49
N LYS C 806 -1.86 -22.06 -7.43
CA LYS C 806 -3.15 -21.80 -8.15
C LYS C 806 -3.55 -23.08 -8.90
N LEU C 807 -2.61 -23.71 -9.60
CA LEU C 807 -2.87 -24.92 -10.43
C LEU C 807 -3.19 -26.12 -9.52
N LEU C 808 -2.41 -26.35 -8.46
CA LEU C 808 -2.68 -27.47 -7.51
C LEU C 808 -4.03 -27.26 -6.84
N LYS C 809 -4.39 -26.01 -6.55
CA LYS C 809 -5.68 -25.64 -5.88
C LYS C 809 -6.85 -26.06 -6.77
N VAL C 810 -6.85 -25.65 -8.05
CA VAL C 810 -7.98 -25.89 -8.99
C VAL C 810 -8.06 -27.39 -9.32
N ILE C 811 -6.92 -28.07 -9.45
CA ILE C 811 -6.90 -29.54 -9.72
C ILE C 811 -7.53 -30.26 -8.53
N ASN C 812 -7.23 -29.81 -7.31
CA ASN C 812 -7.72 -30.41 -6.04
C ASN C 812 -9.23 -30.15 -5.90
N GLU C 813 -9.72 -29.02 -6.43
CA GLU C 813 -11.16 -28.65 -6.46
C GLU C 813 -11.90 -29.49 -7.51
N LYS C 814 -11.42 -29.50 -8.76
CA LYS C 814 -12.21 -29.92 -9.96
C LYS C 814 -11.93 -31.38 -10.34
N SER C 815 -10.75 -31.91 -10.04
CA SER C 815 -10.29 -33.22 -10.57
C SER C 815 -9.36 -33.90 -9.55
N PHE C 816 -9.86 -34.07 -8.32
CA PHE C 816 -9.12 -34.67 -7.17
C PHE C 816 -8.64 -36.09 -7.52
N ALA C 817 -9.37 -36.81 -8.38
CA ALA C 817 -9.04 -38.19 -8.82
C ALA C 817 -7.58 -38.24 -9.31
N ALA C 818 -7.10 -37.16 -9.94
CA ALA C 818 -5.76 -37.06 -10.54
C ALA C 818 -4.67 -37.22 -9.47
N PHE C 819 -4.98 -36.89 -8.20
CA PHE C 819 -4.05 -37.01 -7.06
C PHE C 819 -4.07 -38.44 -6.52
N LEU C 820 -5.20 -39.15 -6.64
CA LEU C 820 -5.34 -40.57 -6.22
C LEU C 820 -4.52 -41.48 -7.16
N GLU C 821 -4.28 -41.05 -8.40
CA GLU C 821 -3.57 -41.83 -9.45
C GLU C 821 -2.05 -41.63 -9.35
N LEU C 822 -1.57 -40.81 -8.41
CA LEU C 822 -0.11 -40.55 -8.23
C LEU C 822 0.54 -41.76 -7.57
N PRO C 823 1.81 -42.07 -7.93
CA PRO C 823 2.64 -42.98 -7.11
C PRO C 823 2.81 -42.45 -5.69
N PRO C 824 2.86 -43.33 -4.66
CA PRO C 824 3.04 -42.92 -3.26
C PRO C 824 4.12 -41.85 -3.00
N ALA C 825 5.27 -41.95 -3.68
CA ALA C 825 6.43 -41.03 -3.55
C ALA C 825 6.01 -39.64 -4.02
N ALA C 826 5.24 -39.57 -5.11
CA ALA C 826 4.76 -38.31 -5.74
C ALA C 826 3.66 -37.67 -4.88
N PHE C 827 2.81 -38.49 -4.25
CA PHE C 827 1.74 -38.02 -3.33
C PHE C 827 2.40 -37.43 -2.09
N LYS C 828 3.49 -38.03 -1.60
CA LYS C 828 4.27 -37.52 -0.43
C LYS C 828 4.80 -36.13 -0.75
N LEU C 829 5.30 -35.92 -1.98
CA LEU C 829 5.80 -34.60 -2.48
C LEU C 829 4.64 -33.59 -2.52
N PHE C 830 3.42 -34.02 -2.86
CA PHE C 830 2.20 -33.17 -2.89
C PHE C 830 1.93 -32.62 -1.48
N VAL C 831 2.00 -33.49 -0.47
CA VAL C 831 1.79 -33.11 0.97
C VAL C 831 2.94 -32.21 1.41
N ASP C 832 4.18 -32.53 1.06
CA ASP C 832 5.38 -31.69 1.36
C ASP C 832 5.17 -30.29 0.76
N ALA C 833 4.68 -30.22 -0.48
CA ALA C 833 4.45 -28.98 -1.25
C ALA C 833 3.41 -28.11 -0.55
N ILE C 834 2.37 -28.72 0.03
CA ILE C 834 1.25 -27.99 0.70
C ILE C 834 1.78 -27.35 1.99
N CYS C 835 2.48 -28.12 2.82
CA CYS C 835 3.12 -27.66 4.07
C CYS C 835 4.20 -26.61 3.74
N TRP C 836 4.86 -26.74 2.58
CA TRP C 836 5.89 -25.78 2.10
C TRP C 836 5.22 -24.43 1.85
N ALA C 837 4.02 -24.44 1.27
CA ALA C 837 3.20 -23.22 1.01
C ALA C 837 2.86 -22.53 2.34
N PHE C 838 2.53 -23.29 3.39
CA PHE C 838 2.22 -22.78 4.76
C PHE C 838 3.27 -21.77 5.21
N LYS C 839 4.56 -22.06 4.97
CA LYS C 839 5.72 -21.36 5.57
C LYS C 839 6.06 -20.08 4.80
N HIS C 840 5.39 -19.79 3.68
CA HIS C 840 5.61 -18.56 2.87
C HIS C 840 5.04 -17.33 3.58
N ASN C 841 5.71 -16.19 3.43
CA ASN C 841 5.22 -14.86 3.83
C ASN C 841 4.49 -14.22 2.64
N ASN C 842 4.84 -14.62 1.41
CA ASN C 842 4.07 -14.35 0.17
C ASN C 842 2.59 -14.69 0.44
N ARG C 843 1.74 -13.67 0.52
CA ARG C 843 0.29 -13.80 0.86
C ARG C 843 -0.45 -14.64 -0.20
N ASP C 844 -0.07 -14.52 -1.47
CA ASP C 844 -0.71 -15.27 -2.58
C ASP C 844 -0.49 -16.78 -2.37
N VAL C 845 0.73 -17.20 -2.01
CA VAL C 845 1.13 -18.63 -1.83
C VAL C 845 0.53 -19.18 -0.52
N GLU C 846 0.71 -18.47 0.60
CA GLU C 846 0.33 -18.90 1.97
C GLU C 846 -1.17 -19.27 1.98
N VAL C 847 -2.02 -18.36 1.52
CA VAL C 847 -3.51 -18.49 1.51
C VAL C 847 -3.90 -19.74 0.70
N ASN C 848 -3.39 -19.88 -0.52
CA ASN C 848 -3.63 -21.05 -1.41
C ASN C 848 -3.21 -22.33 -0.66
N GLY C 849 -2.03 -22.32 -0.03
CA GLY C 849 -1.46 -23.46 0.70
C GLY C 849 -2.44 -24.02 1.72
N LEU C 850 -2.99 -23.15 2.57
CA LEU C 850 -3.93 -23.52 3.66
C LEU C 850 -5.26 -23.97 3.04
N GLN C 851 -5.72 -23.31 1.96
CA GLN C 851 -6.99 -23.68 1.28
C GLN C 851 -6.86 -25.10 0.71
N ILE C 852 -5.76 -25.41 0.03
CA ILE C 852 -5.51 -26.76 -0.57
C ILE C 852 -5.58 -27.80 0.55
N ALA C 853 -4.89 -27.57 1.67
CA ALA C 853 -4.87 -28.47 2.84
C ALA C 853 -6.31 -28.75 3.29
N LEU C 854 -7.11 -27.69 3.44
CA LEU C 854 -8.52 -27.79 3.92
C LEU C 854 -9.35 -28.59 2.91
N ASP C 855 -9.21 -28.26 1.62
CA ASP C 855 -9.94 -28.89 0.49
C ASP C 855 -9.49 -30.37 0.37
N LEU C 856 -8.21 -30.66 0.63
CA LEU C 856 -7.65 -32.04 0.58
C LEU C 856 -8.29 -32.90 1.67
N VAL C 857 -8.27 -32.40 2.90
CA VAL C 857 -8.90 -33.08 4.09
C VAL C 857 -10.38 -33.32 3.78
N LYS C 858 -11.06 -32.36 3.17
CA LYS C 858 -12.50 -32.43 2.80
C LYS C 858 -12.69 -33.52 1.74
N ASN C 859 -11.79 -33.56 0.73
CA ASN C 859 -11.81 -34.56 -0.37
C ASN C 859 -11.61 -35.97 0.20
N ILE C 860 -10.66 -36.14 1.13
CA ILE C 860 -10.37 -37.45 1.79
C ILE C 860 -11.60 -37.90 2.58
N GLU C 861 -12.25 -36.97 3.29
CA GLU C 861 -13.46 -37.23 4.11
C GLU C 861 -14.59 -37.78 3.23
N ARG C 862 -14.78 -37.22 2.04
CA ARG C 862 -15.82 -37.64 1.05
C ARG C 862 -15.70 -39.13 0.71
N MET C 863 -14.47 -39.66 0.62
CA MET C 863 -14.16 -41.05 0.17
C MET C 863 -14.72 -42.08 1.17
N GLY C 864 -14.98 -41.68 2.43
CA GLY C 864 -15.50 -42.56 3.48
C GLY C 864 -14.47 -43.59 3.93
N ASN C 865 -14.92 -44.68 4.58
CA ASN C 865 -14.05 -45.69 5.21
C ASN C 865 -13.48 -46.62 4.13
N VAL C 866 -12.36 -46.24 3.51
CA VAL C 866 -11.66 -47.03 2.45
C VAL C 866 -10.15 -47.00 2.70
N PRO C 867 -9.38 -47.95 2.12
CA PRO C 867 -7.94 -48.07 2.38
C PRO C 867 -7.12 -46.77 2.23
N PHE C 868 -7.42 -45.96 1.20
CA PHE C 868 -6.63 -44.75 0.84
C PHE C 868 -6.81 -43.66 1.89
N ALA C 869 -8.03 -43.48 2.41
CA ALA C 869 -8.39 -42.48 3.46
C ALA C 869 -7.77 -42.90 4.81
N ASN C 870 -7.82 -44.19 5.15
CA ASN C 870 -7.20 -44.75 6.38
C ASN C 870 -5.68 -44.55 6.29
N GLU C 871 -5.08 -44.89 5.14
CA GLU C 871 -3.62 -44.74 4.89
C GLU C 871 -3.23 -43.26 4.92
N PHE C 872 -4.06 -42.39 4.36
CA PHE C 872 -3.83 -40.92 4.33
C PHE C 872 -3.65 -40.41 5.76
N HIS C 873 -4.62 -40.72 6.65
CA HIS C 873 -4.66 -40.23 8.04
C HIS C 873 -3.46 -40.77 8.82
N LYS C 874 -3.17 -42.07 8.72
CA LYS C 874 -2.04 -42.71 9.42
C LYS C 874 -0.71 -42.06 8.98
N ASN C 875 -0.58 -41.71 7.69
CA ASN C 875 0.69 -41.20 7.10
C ASN C 875 0.83 -39.69 7.35
N TYR C 876 -0.27 -38.93 7.26
CA TYR C 876 -0.20 -37.47 6.97
C TYR C 876 -1.02 -36.61 7.94
N PHE C 877 -1.90 -37.19 8.77
CA PHE C 877 -2.79 -36.43 9.70
C PHE C 877 -1.94 -35.57 10.65
N PHE C 878 -0.96 -36.17 11.32
CA PHE C 878 -0.15 -35.51 12.37
C PHE C 878 0.85 -34.53 11.74
N ILE C 879 1.33 -34.82 10.53
CA ILE C 879 2.18 -33.86 9.77
C ILE C 879 1.39 -32.55 9.62
N PHE C 880 0.14 -32.60 9.19
CA PHE C 880 -0.73 -31.40 8.99
C PHE C 880 -1.01 -30.71 10.33
N VAL C 881 -1.24 -31.47 11.39
CA VAL C 881 -1.57 -30.91 12.75
C VAL C 881 -0.38 -30.12 13.25
N SER C 882 0.82 -30.72 13.21
CA SER C 882 2.07 -30.14 13.78
C SER C 882 2.58 -29.01 12.88
N GLU C 883 2.53 -29.16 11.56
CA GLU C 883 2.99 -28.13 10.59
C GLU C 883 2.10 -26.89 10.71
N THR C 884 0.79 -27.08 10.93
CA THR C 884 -0.20 -26.00 11.16
C THR C 884 0.11 -25.30 12.48
N PHE C 885 0.42 -26.07 13.53
CA PHE C 885 0.78 -25.54 14.87
C PHE C 885 2.09 -24.75 14.78
N PHE C 886 3.05 -25.18 13.95
CA PHE C 886 4.36 -24.50 13.81
C PHE C 886 4.14 -23.06 13.35
N VAL C 887 3.32 -22.85 12.32
CA VAL C 887 3.08 -21.52 11.68
C VAL C 887 2.13 -20.68 12.55
N LEU C 888 1.25 -21.31 13.33
CA LEU C 888 0.37 -20.61 14.30
C LEU C 888 1.22 -19.90 15.36
N THR C 889 2.34 -20.51 15.79
CA THR C 889 3.04 -20.19 17.06
C THR C 889 4.45 -19.60 16.85
N ASP C 890 4.89 -19.37 15.62
CA ASP C 890 6.28 -18.92 15.33
C ASP C 890 6.32 -17.40 15.09
N SER C 891 5.17 -16.71 15.12
CA SER C 891 5.05 -15.23 15.11
C SER C 891 5.40 -14.64 13.74
N ASP C 892 5.60 -15.46 12.69
CA ASP C 892 6.11 -14.99 11.37
C ASP C 892 5.07 -15.19 10.26
N HIS C 893 3.86 -15.66 10.61
CA HIS C 893 2.78 -16.02 9.65
C HIS C 893 1.42 -15.57 10.20
N LYS C 894 1.35 -14.38 10.82
CA LYS C 894 0.17 -13.88 11.55
C LYS C 894 -0.97 -13.55 10.57
N SER C 895 -0.63 -13.19 9.33
CA SER C 895 -1.61 -12.86 8.26
C SER C 895 -2.44 -14.08 7.87
N GLY C 896 -1.94 -15.31 8.11
CA GLY C 896 -2.63 -16.57 7.78
C GLY C 896 -3.43 -17.17 8.93
N PHE C 897 -3.61 -16.41 10.03
CA PHE C 897 -4.09 -16.90 11.35
C PHE C 897 -5.47 -17.55 11.24
N SER C 898 -6.43 -16.90 10.56
CA SER C 898 -7.85 -17.36 10.47
C SER C 898 -7.92 -18.71 9.74
N LYS C 899 -7.18 -18.87 8.64
CA LYS C 899 -7.21 -20.10 7.81
C LYS C 899 -6.44 -21.22 8.52
N GLN C 900 -5.36 -20.89 9.24
CA GLN C 900 -4.63 -21.84 10.13
C GLN C 900 -5.63 -22.39 11.17
N ALA C 901 -6.27 -21.51 11.94
CA ALA C 901 -7.30 -21.83 12.96
C ALA C 901 -8.36 -22.75 12.36
N LEU C 902 -8.87 -22.39 11.18
CA LEU C 902 -9.96 -23.11 10.44
C LEU C 902 -9.51 -24.54 10.13
N LEU C 903 -8.29 -24.70 9.57
CA LEU C 903 -7.70 -26.01 9.21
C LEU C 903 -7.50 -26.85 10.47
N LEU C 904 -6.92 -26.24 11.51
CA LEU C 904 -6.60 -26.95 12.77
C LEU C 904 -7.91 -27.43 13.41
N MET C 905 -8.93 -26.57 13.36
CA MET C 905 -10.30 -26.82 13.89
C MET C 905 -10.92 -28.03 13.17
N LYS C 906 -10.82 -28.07 11.84
CA LYS C 906 -11.33 -29.17 10.99
C LYS C 906 -10.67 -30.50 11.37
N LEU C 907 -9.34 -30.50 11.53
CA LEU C 907 -8.54 -31.72 11.86
C LEU C 907 -8.94 -32.27 13.22
N ILE C 908 -9.02 -31.41 14.25
CA ILE C 908 -9.43 -31.81 15.63
C ILE C 908 -10.85 -32.38 15.57
N SER C 909 -11.74 -31.75 14.81
CA SER C 909 -13.16 -32.16 14.65
C SER C 909 -13.28 -33.57 14.07
N LEU C 910 -12.42 -33.95 13.12
CA LEU C 910 -12.45 -35.32 12.51
C LEU C 910 -12.33 -36.38 13.60
N VAL C 911 -11.42 -36.18 14.56
CA VAL C 911 -11.13 -37.14 15.67
C VAL C 911 -12.30 -37.15 16.65
N TYR C 912 -12.83 -35.98 17.02
CA TYR C 912 -13.88 -35.86 18.05
C TYR C 912 -15.27 -36.20 17.46
N ASP C 913 -15.41 -36.25 16.13
CA ASP C 913 -16.64 -36.71 15.44
C ASP C 913 -16.49 -38.20 15.05
N ASN C 914 -15.32 -38.80 15.28
CA ASN C 914 -14.99 -40.23 15.00
C ASN C 914 -15.16 -40.54 13.51
N LYS C 915 -14.75 -39.62 12.64
CA LYS C 915 -14.77 -39.78 11.16
C LYS C 915 -13.54 -40.57 10.71
N ILE C 916 -12.47 -40.61 11.52
CA ILE C 916 -11.26 -41.45 11.28
C ILE C 916 -11.53 -42.82 11.91
N SER C 917 -11.62 -43.86 11.07
CA SER C 917 -12.09 -45.22 11.43
C SER C 917 -11.02 -45.99 12.20
N VAL C 918 -9.73 -45.76 11.88
CA VAL C 918 -8.58 -46.59 12.35
C VAL C 918 -7.81 -45.84 13.44
N PRO C 919 -7.00 -46.55 14.27
CA PRO C 919 -6.04 -45.91 15.17
C PRO C 919 -4.94 -45.13 14.42
N LEU C 920 -4.73 -43.88 14.80
CA LEU C 920 -3.68 -42.98 14.24
C LEU C 920 -2.30 -43.41 14.75
N TYR C 921 -2.25 -43.98 15.95
CA TYR C 921 -1.02 -44.51 16.61
C TYR C 921 -0.69 -45.90 16.08
N GLN C 922 0.60 -46.25 16.06
CA GLN C 922 1.10 -47.62 15.76
C GLN C 922 0.97 -48.46 17.04
N GLU C 923 0.65 -49.76 16.90
CA GLU C 923 0.43 -50.68 18.04
C GLU C 923 1.70 -50.77 18.91
N ALA C 924 1.52 -50.94 20.22
CA ALA C 924 2.59 -50.99 21.25
C ALA C 924 3.22 -49.59 21.43
N GLU C 925 2.44 -48.54 21.17
CA GLU C 925 2.77 -47.12 21.50
C GLU C 925 1.82 -46.63 22.61
N VAL C 926 0.64 -47.25 22.76
CA VAL C 926 -0.42 -46.86 23.74
C VAL C 926 -1.35 -48.06 23.95
N PRO C 927 -2.01 -48.21 25.12
CA PRO C 927 -2.91 -49.34 25.37
C PRO C 927 -3.93 -49.56 24.24
N GLN C 928 -4.17 -50.82 23.90
CA GLN C 928 -4.87 -51.28 22.65
C GLN C 928 -6.26 -50.64 22.51
N GLY C 929 -6.99 -50.41 23.61
CA GLY C 929 -8.39 -49.94 23.59
C GLY C 929 -8.53 -48.43 23.45
N THR C 930 -7.44 -47.69 23.29
CA THR C 930 -7.39 -46.21 23.46
C THR C 930 -8.03 -45.50 22.25
N SER C 931 -8.87 -44.49 22.51
CA SER C 931 -9.52 -43.64 21.49
C SER C 931 -8.48 -42.70 20.85
N ASN C 932 -8.71 -42.30 19.59
CA ASN C 932 -7.88 -41.29 18.88
C ASN C 932 -7.96 -39.96 19.65
N GLN C 933 -9.11 -39.68 20.28
CA GLN C 933 -9.32 -38.51 21.16
C GLN C 933 -8.20 -38.43 22.20
N VAL C 934 -7.91 -39.54 22.88
CA VAL C 934 -6.95 -39.61 24.02
C VAL C 934 -5.52 -39.48 23.47
N TYR C 935 -5.20 -40.19 22.37
CA TYR C 935 -3.85 -40.18 21.76
C TYR C 935 -3.53 -38.81 21.17
N LEU C 936 -4.52 -38.13 20.57
CA LEU C 936 -4.36 -36.77 19.99
C LEU C 936 -3.88 -35.79 21.08
N SER C 937 -4.51 -35.80 22.26
CA SER C 937 -4.19 -34.89 23.38
C SER C 937 -2.82 -35.23 23.98
N GLN C 938 -2.43 -36.50 23.96
CA GLN C 938 -1.11 -36.96 24.47
C GLN C 938 0.00 -36.53 23.50
N TYR C 939 -0.23 -36.68 22.19
CA TYR C 939 0.71 -36.28 21.10
C TYR C 939 0.91 -34.77 21.15
N LEU C 940 -0.18 -34.01 21.24
CA LEU C 940 -0.17 -32.52 21.26
C LEU C 940 0.52 -32.03 22.53
N ALA C 941 0.24 -32.65 23.69
CA ALA C 941 0.87 -32.31 24.99
C ALA C 941 2.39 -32.45 24.87
N ASN C 942 2.84 -33.59 24.33
CA ASN C 942 4.28 -33.91 24.13
C ASN C 942 4.88 -32.89 23.16
N MET C 943 4.25 -32.65 22.01
CA MET C 943 4.73 -31.73 20.95
C MET C 943 4.94 -30.32 21.53
N LEU C 944 3.93 -29.78 22.24
CA LEU C 944 3.93 -28.40 22.78
C LEU C 944 4.94 -28.28 23.93
N SER C 945 5.07 -29.33 24.73
CA SER C 945 6.06 -29.43 25.83
C SER C 945 7.48 -29.26 25.27
N ASN C 946 7.81 -29.94 24.17
CA ASN C 946 9.17 -29.95 23.57
C ASN C 946 9.45 -28.60 22.88
N ALA C 947 8.41 -27.99 22.29
CA ALA C 947 8.50 -26.73 21.49
C ALA C 947 8.55 -25.51 22.43
N PHE C 948 7.88 -25.59 23.58
CA PHE C 948 7.73 -24.50 24.58
C PHE C 948 7.99 -25.06 25.97
N PRO C 949 9.25 -25.39 26.30
CA PRO C 949 9.59 -26.04 27.57
C PRO C 949 9.32 -25.18 28.83
N HIS C 950 9.15 -23.86 28.67
CA HIS C 950 8.88 -22.92 29.79
C HIS C 950 7.41 -22.99 30.22
N LEU C 951 6.53 -23.60 29.41
CA LEU C 951 5.11 -23.87 29.79
C LEU C 951 5.09 -25.05 30.77
N THR C 952 4.16 -25.02 31.74
CA THR C 952 3.89 -26.13 32.69
C THR C 952 3.04 -27.19 31.98
N SER C 953 2.99 -28.40 32.53
CA SER C 953 2.07 -29.48 32.09
C SER C 953 0.63 -29.01 32.23
N GLU C 954 0.34 -28.26 33.30
CA GLU C 954 -1.01 -27.74 33.69
C GLU C 954 -1.49 -26.74 32.65
N GLN C 955 -0.63 -25.78 32.26
CA GLN C 955 -0.90 -24.78 31.18
C GLN C 955 -1.30 -25.52 29.89
N ILE C 956 -0.49 -26.50 29.47
CA ILE C 956 -0.67 -27.24 28.18
C ILE C 956 -1.94 -28.08 28.26
N ALA C 957 -2.22 -28.71 29.42
CA ALA C 957 -3.41 -29.55 29.67
C ALA C 957 -4.69 -28.71 29.55
N SER C 958 -4.77 -27.58 30.26
CA SER C 958 -5.94 -26.67 30.26
C SER C 958 -6.21 -26.15 28.84
N PHE C 959 -5.16 -25.71 28.13
CA PHE C 959 -5.21 -25.19 26.73
C PHE C 959 -5.88 -26.23 25.83
N LEU C 960 -5.37 -27.47 25.82
CA LEU C 960 -5.82 -28.54 24.91
C LEU C 960 -7.25 -28.97 25.26
N SER C 961 -7.60 -29.03 26.54
CA SER C 961 -8.95 -29.35 27.04
C SER C 961 -9.99 -28.38 26.45
N ALA C 962 -9.75 -27.07 26.60
CA ALA C 962 -10.59 -25.99 26.05
C ALA C 962 -10.62 -26.06 24.52
N LEU C 963 -9.43 -26.06 23.88
CA LEU C 963 -9.28 -25.98 22.40
C LEU C 963 -10.05 -27.12 21.71
N THR C 964 -9.91 -28.36 22.19
CA THR C 964 -10.53 -29.57 21.58
C THR C 964 -12.06 -29.48 21.67
N LYS C 965 -12.57 -29.01 22.81
CA LYS C 965 -14.04 -28.85 23.06
C LYS C 965 -14.63 -27.79 22.11
N GLN C 966 -13.84 -26.81 21.68
CA GLN C 966 -14.31 -25.60 20.95
C GLN C 966 -14.11 -25.77 19.43
N CYS C 967 -14.10 -27.01 18.93
CA CYS C 967 -13.69 -27.33 17.52
C CYS C 967 -14.80 -26.98 16.52
N LYS C 968 -16.02 -26.65 16.98
CA LYS C 968 -17.14 -26.22 16.10
C LYS C 968 -17.41 -24.72 16.25
N ASP C 969 -16.69 -24.02 17.14
CA ASP C 969 -16.96 -22.59 17.48
C ASP C 969 -15.72 -21.74 17.18
N LEU C 970 -15.62 -21.23 15.94
CA LEU C 970 -14.42 -20.56 15.38
C LEU C 970 -14.02 -19.34 16.23
N VAL C 971 -14.98 -18.47 16.57
CA VAL C 971 -14.67 -17.17 17.23
C VAL C 971 -14.01 -17.45 18.59
N VAL C 972 -14.47 -18.48 19.29
CA VAL C 972 -14.02 -18.90 20.66
C VAL C 972 -12.68 -19.66 20.51
N PHE C 973 -12.63 -20.60 19.55
CA PHE C 973 -11.41 -21.37 19.17
C PHE C 973 -10.26 -20.40 18.89
N LYS C 974 -10.53 -19.34 18.12
CA LYS C 974 -9.53 -18.30 17.78
C LYS C 974 -9.12 -17.58 19.06
N GLY C 975 -10.09 -17.26 19.92
CA GLY C 975 -9.84 -16.68 21.26
C GLY C 975 -8.85 -17.50 22.07
N THR C 976 -9.04 -18.83 22.10
CA THR C 976 -8.20 -19.78 22.88
C THR C 976 -6.80 -19.87 22.26
N LEU C 977 -6.69 -19.88 20.92
CA LEU C 977 -5.38 -19.84 20.21
C LEU C 977 -4.64 -18.55 20.57
N ARG C 978 -5.30 -17.40 20.52
CA ARG C 978 -4.68 -16.07 20.84
C ARG C 978 -4.24 -16.06 22.30
N ASP C 979 -5.02 -16.68 23.19
CA ASP C 979 -4.65 -16.79 24.64
C ASP C 979 -3.34 -17.58 24.74
N PHE C 980 -3.20 -18.66 23.97
CA PHE C 980 -1.98 -19.50 23.94
C PHE C 980 -0.78 -18.67 23.47
N LEU C 981 -0.94 -17.90 22.39
CA LEU C 981 0.15 -17.07 21.79
C LEU C 981 0.66 -16.05 22.82
N VAL C 982 -0.22 -15.49 23.64
CA VAL C 982 0.15 -14.53 24.73
C VAL C 982 0.97 -15.28 25.78
N GLN C 983 0.50 -16.44 26.22
CA GLN C 983 1.10 -17.20 27.35
C GLN C 983 2.50 -17.73 26.97
N ILE C 984 2.75 -18.09 25.71
CA ILE C 984 4.08 -18.63 25.25
C ILE C 984 5.13 -17.51 25.25
N LYS C 985 4.70 -16.24 25.23
CA LYS C 985 5.60 -15.06 25.25
C LYS C 985 6.02 -14.71 26.69
N GLU C 986 5.42 -15.34 27.71
CA GLU C 986 5.75 -15.07 29.14
C GLU C 986 6.00 -16.40 29.88
N VAL C 987 6.45 -16.32 31.13
CA VAL C 987 6.60 -17.47 32.06
C VAL C 987 5.53 -17.32 33.14
N GLY C 988 4.93 -18.43 33.58
CA GLY C 988 4.00 -18.48 34.73
C GLY C 988 2.59 -18.04 34.35
N GLY C 989 2.19 -18.25 33.09
CA GLY C 989 0.81 -18.03 32.62
C GLY C 989 -0.17 -18.80 33.49
N ASP C 990 -1.29 -18.17 33.85
CA ASP C 990 -2.35 -18.80 34.68
C ASP C 990 -3.09 -19.84 33.83
N PRO C 991 -3.08 -21.13 34.21
CA PRO C 991 -3.79 -22.16 33.46
C PRO C 991 -5.33 -21.99 33.44
N THR C 992 -5.89 -21.28 34.43
CA THR C 992 -7.35 -21.07 34.57
C THR C 992 -7.86 -20.11 33.48
N ASP C 993 -6.97 -19.34 32.85
CA ASP C 993 -7.29 -18.36 31.77
C ASP C 993 -8.05 -19.07 30.63
N TYR C 994 -7.80 -20.37 30.41
CA TYR C 994 -8.40 -21.17 29.31
C TYR C 994 -9.84 -21.61 29.61
N LEU C 995 -10.43 -21.21 30.75
CA LEU C 995 -11.84 -21.54 31.12
C LEU C 995 -12.79 -20.35 30.81
N PHE C 996 -12.27 -19.29 30.19
CA PHE C 996 -12.94 -17.98 30.01
C PHE C 996 -14.38 -18.15 29.50
#